data_9BGV
#
_entry.id   9BGV
#
_cell.length_a   1.00
_cell.length_b   1.00
_cell.length_c   1.00
_cell.angle_alpha   90.00
_cell.angle_beta   90.00
_cell.angle_gamma   90.00
#
_symmetry.space_group_name_H-M   'P 1'
#
loop_
_entity.id
_entity.type
_entity.pdbx_description
1 polymer 'Oxygen sensor protein DosP'
2 non-polymer 'PROTOPORPHYRIN IX CONTAINING FE'
#
_entity_poly.entity_id   1
_entity_poly.type   'polypeptide(L)'
_entity_poly.pdbx_seq_one_letter_code
;MRQDAEVIMKLTDADSAADGIFFPALEQNMMGAVLINENDEVMFFNPAAEKLWGYKREEVIGNNIDMLIPRDLRPAHPEY
IRHNREGGKARVEGMSAELQLEKKDGSKIWTRFALSKVSAEGKVYYLALVRDASVEMAQKEQTRQLIIAVDHLDRPVIVL
DPERHIVQCNRAFTEMFGYCISEASGMQPDTLLNTPEFPADNRIRLQQLLWKTARDQDEFLLLTRTGEKIWIKASISPVY
DVLAHLQNLVMTFSDITEERQIRQLEGNILAAMCSSPPFHEMGEIICRNIESVLNESHVSLFALRNGMPIHWASSSHGAE
IQNAQSWSATIRQRDGAPAGILQIKTSSGAETSAFIERVADISQHMAALALEQEKSRQHIEQLIQFDPMTGLPNRNNLHN
YLDDLVDKAVSPVVYLIGVDHIQDVIDSLGYAWADQALLEVVNRFREKLKPDQYLCRIEGTQFVLVSLENDVSNITQIAD
ELRNVVSKPIMIDDKPFPLTLSIGISYDLGKNRDYLLSTAHNAMDYIRKNGGNGWQFFSPAMNEMVKERLVLGAALKEAI
SNNQLKLVYQPQIFAETGELYGIEALARWHDPLHGHVPPSRFIPLAEEIGEIENIGRWVIAEACRQLAEWRSQNIHIPAL
SVNLSALHFRSNQLPNQVSDAMHAWGIDGHQLTVEITESMMMEHDTEIFKRIQILRDMGVGLSVDDFGTGFSGLSRLVSL
PVTEIKIDKSFVDRCLTEKRILALLEAITSIGQSLNLTVVAEGVETKEQFEMLRKIHCRVIQGYFFSRPLPAEEIPGWMS
SVLPLKI
;
_entity_poly.pdbx_strand_id   A,B
#
loop_
_chem_comp.id
_chem_comp.type
_chem_comp.name
_chem_comp.formula
HEM non-polymer 'PROTOPORPHYRIN IX CONTAINING FE' 'C34 H32 Fe N4 O4'
#
# COMPACT_ATOMS: atom_id res chain seq x y z
N GLY A 20 -37.48 -53.86 80.89
CA GLY A 20 -36.66 -53.17 79.91
C GLY A 20 -37.43 -52.12 79.13
N ILE A 21 -36.81 -50.94 79.00
CA ILE A 21 -37.45 -49.82 78.30
C ILE A 21 -36.69 -49.39 77.06
N PHE A 22 -35.47 -49.87 76.86
CA PHE A 22 -34.70 -49.46 75.69
C PHE A 22 -35.18 -50.16 74.43
N PHE A 23 -35.53 -51.45 74.54
CA PHE A 23 -36.28 -52.10 73.47
C PHE A 23 -37.57 -51.36 73.12
N PRO A 24 -38.47 -51.06 74.06
CA PRO A 24 -39.66 -50.28 73.68
C PRO A 24 -39.34 -48.89 73.18
N ALA A 25 -38.22 -48.32 73.62
CA ALA A 25 -37.82 -47.01 73.12
C ALA A 25 -37.44 -47.09 71.64
N LEU A 26 -36.56 -48.02 71.30
CA LEU A 26 -36.15 -48.18 69.92
C LEU A 26 -37.22 -48.81 69.05
N GLU A 27 -38.30 -49.31 69.66
CA GLU A 27 -39.46 -49.74 68.88
C GLU A 27 -40.00 -48.61 68.02
N GLN A 28 -39.96 -47.38 68.55
CA GLN A 28 -40.45 -46.20 67.85
C GLN A 28 -39.36 -45.48 67.06
N ASN A 29 -38.15 -46.04 66.99
CA ASN A 29 -37.03 -45.41 66.33
C ASN A 29 -36.94 -45.82 64.87
N MET A 30 -36.29 -44.97 64.07
CA MET A 30 -36.01 -45.27 62.67
C MET A 30 -34.77 -46.15 62.51
N MET A 31 -34.04 -46.42 63.58
CA MET A 31 -32.89 -47.30 63.51
C MET A 31 -33.35 -48.76 63.50
N GLY A 32 -32.89 -49.52 62.51
CA GLY A 32 -33.10 -50.96 62.54
C GLY A 32 -32.21 -51.59 63.60
N ALA A 33 -32.73 -52.61 64.27
CA ALA A 33 -31.99 -53.18 65.39
C ALA A 33 -32.29 -54.66 65.52
N VAL A 34 -31.23 -55.44 65.75
CA VAL A 34 -31.34 -56.87 66.02
C VAL A 34 -30.37 -57.23 67.13
N LEU A 35 -30.81 -58.09 68.05
CA LEU A 35 -29.96 -58.63 69.10
C LEU A 35 -30.10 -60.14 69.11
N ILE A 36 -28.97 -60.85 69.14
CA ILE A 36 -28.96 -62.31 69.12
C ILE A 36 -28.28 -62.82 70.38
N ASN A 37 -28.92 -63.81 71.01
CA ASN A 37 -28.46 -64.42 72.24
C ASN A 37 -27.59 -65.63 71.93
N GLU A 38 -27.32 -66.45 72.95
CA GLU A 38 -26.50 -67.64 72.76
C GLU A 38 -27.09 -68.56 71.71
N ASN A 39 -28.40 -68.81 71.80
CA ASN A 39 -29.10 -69.67 70.85
C ASN A 39 -29.54 -68.94 69.60
N ASP A 40 -28.98 -67.75 69.36
CA ASP A 40 -29.27 -66.94 68.16
C ASP A 40 -30.74 -66.56 68.06
N GLU A 41 -31.50 -66.69 69.15
CA GLU A 41 -32.90 -66.32 69.17
C GLU A 41 -33.02 -64.82 69.42
N VAL A 42 -33.69 -64.13 68.50
CA VAL A 42 -33.78 -62.68 68.56
C VAL A 42 -34.85 -62.27 69.55
N MET A 43 -34.49 -61.37 70.46
CA MET A 43 -35.46 -60.82 71.41
C MET A 43 -35.48 -59.29 71.38
N PHE A 44 -34.98 -58.67 70.31
CA PHE A 44 -34.85 -57.21 70.24
C PHE A 44 -34.97 -56.83 68.77
N PHE A 45 -36.20 -56.51 68.35
CA PHE A 45 -36.55 -56.36 66.94
C PHE A 45 -37.71 -55.38 66.85
N ASN A 46 -37.63 -54.44 65.91
CA ASN A 46 -38.50 -53.27 65.90
C ASN A 46 -39.28 -53.20 64.60
N PRO A 47 -40.37 -52.41 64.54
CA PRO A 47 -41.09 -52.25 63.27
C PRO A 47 -40.23 -51.70 62.15
N ALA A 48 -39.23 -50.89 62.47
CA ALA A 48 -38.26 -50.49 61.44
C ALA A 48 -37.56 -51.70 60.86
N ALA A 49 -37.13 -52.62 61.73
CA ALA A 49 -36.50 -53.85 61.26
C ALA A 49 -37.49 -54.70 60.47
N GLU A 50 -38.76 -54.69 60.88
CA GLU A 50 -39.79 -55.39 60.12
C GLU A 50 -39.89 -54.86 58.71
N LYS A 51 -39.90 -53.54 58.56
CA LYS A 51 -39.90 -52.96 57.23
C LYS A 51 -38.64 -53.32 56.47
N LEU A 52 -37.50 -53.32 57.16
CA LEU A 52 -36.23 -53.57 56.48
C LEU A 52 -36.16 -54.98 55.92
N TRP A 53 -36.58 -55.97 56.69
CA TRP A 53 -36.50 -57.36 56.26
C TRP A 53 -37.80 -57.88 55.63
N GLY A 54 -38.89 -57.90 56.39
CA GLY A 54 -40.14 -58.46 55.92
C GLY A 54 -40.75 -59.50 56.84
N TYR A 55 -39.99 -60.01 57.81
CA TYR A 55 -40.51 -60.95 58.78
C TYR A 55 -41.18 -60.22 59.94
N LYS A 56 -42.20 -60.84 60.50
CA LYS A 56 -43.00 -60.22 61.54
C LYS A 56 -42.40 -60.46 62.92
N ARG A 57 -42.81 -59.62 63.88
CA ARG A 57 -42.29 -59.72 65.23
C ARG A 57 -42.64 -61.08 65.85
N GLU A 58 -43.87 -61.54 65.62
CA GLU A 58 -44.26 -62.87 66.11
C GLU A 58 -43.45 -63.97 65.44
N GLU A 59 -42.98 -63.76 64.21
CA GLU A 59 -42.18 -64.74 63.50
C GLU A 59 -40.70 -64.65 63.83
N VAL A 60 -40.27 -63.58 64.48
CA VAL A 60 -38.85 -63.34 64.76
C VAL A 60 -38.52 -63.59 66.23
N ILE A 61 -39.32 -63.03 67.14
CA ILE A 61 -39.03 -63.09 68.57
C ILE A 61 -38.99 -64.55 69.01
N GLY A 62 -37.86 -64.95 69.59
CA GLY A 62 -37.65 -66.31 69.99
C GLY A 62 -37.20 -67.25 68.88
N ASN A 63 -36.97 -66.73 67.68
CA ASN A 63 -36.55 -67.54 66.55
C ASN A 63 -35.09 -67.24 66.22
N ASN A 64 -34.40 -68.26 65.71
CA ASN A 64 -33.00 -68.09 65.32
C ASN A 64 -32.90 -67.07 64.19
N ILE A 65 -31.85 -66.25 64.24
CA ILE A 65 -31.67 -65.20 63.25
C ILE A 65 -31.28 -65.80 61.91
N ASP A 66 -30.79 -67.05 61.91
CA ASP A 66 -30.26 -67.65 60.69
C ASP A 66 -31.30 -67.67 59.57
N MET A 67 -32.58 -67.66 59.93
CA MET A 67 -33.62 -67.55 58.91
C MET A 67 -33.54 -66.24 58.14
N LEU A 68 -33.00 -65.19 58.76
CA LEU A 68 -32.88 -63.88 58.14
C LEU A 68 -31.58 -63.71 57.36
N ILE A 69 -30.64 -64.63 57.49
CA ILE A 69 -29.34 -64.52 56.83
C ILE A 69 -29.47 -65.02 55.39
N PRO A 70 -28.76 -64.42 54.43
CA PRO A 70 -28.72 -65.01 53.09
C PRO A 70 -28.15 -66.42 53.12
N ARG A 71 -28.63 -67.26 52.21
CA ARG A 71 -28.34 -68.68 52.25
C ARG A 71 -26.85 -68.99 52.12
N ASP A 72 -26.07 -68.05 51.59
CA ASP A 72 -24.64 -68.31 51.40
C ASP A 72 -23.88 -68.40 52.71
N LEU A 73 -24.45 -67.89 53.80
CA LEU A 73 -23.79 -67.97 55.11
C LEU A 73 -24.39 -69.04 56.01
N ARG A 74 -25.23 -69.92 55.47
CA ARG A 74 -25.84 -70.97 56.29
C ARG A 74 -24.84 -71.88 56.99
N PRO A 75 -23.82 -72.44 56.31
CA PRO A 75 -22.88 -73.32 57.03
C PRO A 75 -21.77 -72.57 57.75
N ALA A 76 -21.81 -71.24 57.76
CA ALA A 76 -20.70 -70.46 58.31
C ALA A 76 -21.10 -69.44 59.36
N HIS A 77 -22.34 -68.97 59.29
CA HIS A 77 -22.81 -67.91 60.21
C HIS A 77 -22.61 -68.40 61.65
N PRO A 78 -23.29 -69.47 62.11
CA PRO A 78 -23.03 -69.98 63.47
C PRO A 78 -21.58 -70.33 63.70
N GLU A 79 -20.89 -70.84 62.68
CA GLU A 79 -19.46 -71.09 62.80
C GLU A 79 -18.70 -69.80 63.02
N TYR A 80 -19.11 -68.72 62.34
CA TYR A 80 -18.49 -67.42 62.58
C TYR A 80 -18.73 -66.95 64.01
N ILE A 81 -19.95 -67.17 64.53
CA ILE A 81 -20.25 -66.79 65.91
C ILE A 81 -19.35 -67.54 66.87
N ARG A 82 -19.20 -68.85 66.64
CA ARG A 82 -18.34 -69.67 67.50
C ARG A 82 -16.89 -69.21 67.41
N HIS A 83 -16.41 -68.92 66.20
CA HIS A 83 -15.03 -68.48 66.03
C HIS A 83 -14.78 -67.15 66.75
N ASN A 84 -15.72 -66.22 66.63
CA ASN A 84 -15.57 -64.94 67.32
C ASN A 84 -15.59 -65.14 68.83
N ARG A 85 -16.50 -65.99 69.32
CA ARG A 85 -16.57 -66.24 70.76
C ARG A 85 -15.28 -66.87 71.29
N GLU A 86 -14.73 -67.83 70.55
CA GLU A 86 -13.47 -68.45 70.94
C GLU A 86 -12.29 -67.50 70.87
N GLY A 87 -12.25 -66.62 69.86
CA GLY A 87 -11.19 -65.64 69.79
C GLY A 87 -11.29 -64.54 70.83
N GLY A 88 -12.49 -64.28 71.33
CA GLY A 88 -12.66 -63.30 72.39
C GLY A 88 -12.30 -61.89 72.03
N LYS A 89 -12.76 -61.40 70.87
CA LYS A 89 -12.48 -60.03 70.46
C LYS A 89 -13.17 -59.04 71.40
N ALA A 90 -12.37 -58.37 72.23
CA ALA A 90 -12.93 -57.41 73.18
C ALA A 90 -13.58 -56.21 72.50
N ARG A 91 -12.98 -55.71 71.44
CA ARG A 91 -13.49 -54.54 70.72
C ARG A 91 -14.10 -54.99 69.40
N VAL A 92 -15.31 -54.53 69.12
CA VAL A 92 -16.02 -54.88 67.90
C VAL A 92 -15.60 -53.94 66.78
N GLU A 93 -15.14 -54.51 65.68
CA GLU A 93 -14.73 -53.72 64.53
C GLU A 93 -15.19 -54.28 63.19
N GLY A 94 -16.06 -55.29 63.18
CA GLY A 94 -16.48 -55.92 61.94
C GLY A 94 -17.77 -55.30 61.38
N MET A 95 -18.19 -55.86 60.25
CA MET A 95 -19.42 -55.45 59.56
C MET A 95 -19.41 -53.97 59.18
N SER A 96 -18.23 -53.43 58.88
CA SER A 96 -18.16 -52.05 58.43
C SER A 96 -18.62 -51.89 56.99
N ALA A 97 -18.27 -52.84 56.13
CA ALA A 97 -18.58 -52.72 54.71
C ALA A 97 -20.08 -52.83 54.47
N GLU A 98 -20.58 -52.00 53.56
CA GLU A 98 -21.98 -52.08 53.16
C GLU A 98 -22.23 -53.41 52.48
N LEU A 99 -23.42 -53.98 52.72
CA LEU A 99 -23.74 -55.32 52.23
C LEU A 99 -25.08 -55.34 51.53
N GLN A 100 -25.16 -56.10 50.45
CA GLN A 100 -26.44 -56.33 49.80
C GLN A 100 -27.31 -57.22 50.67
N LEU A 101 -28.62 -57.11 50.49
CA LEU A 101 -29.57 -57.90 51.28
C LEU A 101 -30.72 -58.31 50.38
N GLU A 102 -31.31 -59.47 50.70
CA GLU A 102 -32.49 -59.98 50.02
C GLU A 102 -33.62 -60.08 51.03
N LYS A 103 -34.76 -59.48 50.70
CA LYS A 103 -35.90 -59.46 51.61
C LYS A 103 -36.64 -60.80 51.56
N LYS A 104 -37.70 -60.90 52.37
CA LYS A 104 -38.48 -62.13 52.40
C LYS A 104 -39.19 -62.39 51.08
N ASP A 105 -39.62 -61.34 50.40
CA ASP A 105 -40.32 -61.47 49.12
C ASP A 105 -39.36 -61.58 47.94
N GLY A 106 -38.05 -61.53 48.18
CA GLY A 106 -37.07 -61.66 47.13
C GLY A 106 -36.43 -60.36 46.68
N SER A 107 -36.96 -59.21 47.09
CA SER A 107 -36.37 -57.94 46.71
C SER A 107 -35.01 -57.76 47.38
N LYS A 108 -34.11 -57.05 46.69
CA LYS A 108 -32.75 -56.84 47.15
C LYS A 108 -32.48 -55.36 47.33
N ILE A 109 -31.83 -55.01 48.43
CA ILE A 109 -31.46 -53.64 48.76
C ILE A 109 -30.01 -53.62 49.23
N TRP A 110 -29.54 -52.45 49.64
CA TRP A 110 -28.21 -52.30 50.21
C TRP A 110 -28.32 -51.71 51.61
N THR A 111 -27.63 -52.34 52.57
CA THR A 111 -27.76 -51.97 53.97
C THR A 111 -26.39 -51.73 54.58
N ARG A 112 -26.38 -50.91 55.61
CA ARG A 112 -25.18 -50.61 56.40
C ARG A 112 -25.43 -51.07 57.82
N PHE A 113 -24.47 -51.80 58.37
CA PHE A 113 -24.58 -52.40 59.69
C PHE A 113 -23.75 -51.63 60.70
N ALA A 114 -23.95 -51.96 61.97
CA ALA A 114 -23.16 -51.40 63.07
C ALA A 114 -23.20 -52.42 64.21
N LEU A 115 -22.10 -53.12 64.43
CA LEU A 115 -22.07 -54.24 65.35
C LEU A 115 -21.55 -53.82 66.72
N SER A 116 -21.94 -54.60 67.73
CA SER A 116 -21.52 -54.38 69.10
C SER A 116 -21.68 -55.68 69.87
N LYS A 117 -20.99 -55.78 71.00
CA LYS A 117 -21.06 -56.95 71.86
C LYS A 117 -21.81 -56.62 73.13
N VAL A 118 -22.74 -57.49 73.52
CA VAL A 118 -23.61 -57.29 74.66
C VAL A 118 -23.36 -58.40 75.67
N SER A 119 -23.12 -58.03 76.92
CA SER A 119 -22.94 -58.98 78.02
C SER A 119 -24.05 -58.77 79.03
N ALA A 120 -24.93 -59.76 79.16
CA ALA A 120 -26.07 -59.66 80.07
C ALA A 120 -26.50 -61.06 80.49
N GLU A 121 -27.03 -61.16 81.70
CA GLU A 121 -27.54 -62.42 82.27
C GLU A 121 -26.46 -63.50 82.26
N GLY A 122 -25.21 -63.11 82.49
CA GLY A 122 -24.11 -64.07 82.49
C GLY A 122 -23.81 -64.68 81.15
N LYS A 123 -24.26 -64.05 80.06
CA LYS A 123 -24.05 -64.54 78.71
C LYS A 123 -23.60 -63.40 77.81
N VAL A 124 -23.06 -63.75 76.65
CA VAL A 124 -22.57 -62.80 75.67
C VAL A 124 -23.51 -62.77 74.49
N TYR A 125 -24.08 -61.60 74.20
CA TYR A 125 -25.01 -61.40 73.11
C TYR A 125 -24.36 -60.49 72.07
N TYR A 126 -24.95 -60.46 70.88
CA TYR A 126 -24.43 -59.66 69.77
C TYR A 126 -25.51 -58.72 69.25
N LEU A 127 -25.17 -57.43 69.17
CA LEU A 127 -26.09 -56.38 68.74
C LEU A 127 -25.68 -55.91 67.35
N ALA A 128 -26.65 -55.74 66.46
CA ALA A 128 -26.42 -55.24 65.11
C ALA A 128 -27.50 -54.22 64.78
N LEU A 129 -27.11 -52.96 64.66
CA LEU A 129 -28.01 -51.96 64.12
C LEU A 129 -27.88 -51.92 62.60
N VAL A 130 -29.00 -51.68 61.94
CA VAL A 130 -29.07 -51.77 60.49
C VAL A 130 -29.77 -50.52 59.97
N ARG A 131 -29.24 -49.97 58.88
CA ARG A 131 -29.84 -48.85 58.18
C ARG A 131 -29.88 -49.19 56.69
N ASP A 132 -30.92 -48.70 56.02
CA ASP A 132 -31.04 -48.87 54.58
C ASP A 132 -30.07 -47.92 53.90
N ALA A 133 -28.94 -48.46 53.42
CA ALA A 133 -27.92 -47.62 52.80
C ALA A 133 -28.25 -47.25 51.37
N SER A 134 -29.50 -47.40 50.95
CA SER A 134 -29.86 -47.04 49.58
C SER A 134 -29.72 -45.55 49.32
N VAL A 135 -30.09 -44.73 50.31
CA VAL A 135 -30.03 -43.28 50.14
C VAL A 135 -28.60 -42.76 50.03
N GLU A 136 -27.60 -43.60 50.28
CA GLU A 136 -26.20 -43.25 50.11
C GLU A 136 -25.55 -43.99 48.94
N MET A 137 -25.88 -45.26 48.75
CA MET A 137 -25.40 -45.97 47.57
C MET A 137 -25.99 -45.39 46.29
N ALA A 138 -27.11 -44.70 46.38
CA ALA A 138 -27.60 -43.93 45.25
C ALA A 138 -26.59 -42.86 44.87
N GLN A 139 -26.04 -42.15 45.84
CA GLN A 139 -25.02 -41.14 45.56
C GLN A 139 -23.74 -41.80 45.04
N LYS A 140 -23.38 -42.94 45.60
CA LYS A 140 -22.18 -43.63 45.15
C LYS A 140 -22.29 -44.03 43.68
N GLU A 141 -23.39 -44.70 43.32
CA GLU A 141 -23.61 -45.07 41.92
C GLU A 141 -23.87 -43.86 41.04
N GLN A 142 -24.30 -42.74 41.62
CA GLN A 142 -24.41 -41.50 40.87
C GLN A 142 -23.04 -40.96 40.46
N THR A 143 -22.13 -40.85 41.43
CA THR A 143 -20.84 -40.27 41.13
C THR A 143 -20.00 -41.20 40.28
N ARG A 144 -20.14 -42.52 40.50
CA ARG A 144 -19.41 -43.48 39.68
C ARG A 144 -19.80 -43.33 38.21
N GLN A 145 -21.08 -43.08 37.95
CA GLN A 145 -21.53 -42.92 36.58
C GLN A 145 -21.15 -41.56 36.03
N LEU A 146 -21.15 -40.53 36.87
CA LEU A 146 -20.82 -39.19 36.39
C LEU A 146 -19.34 -39.07 36.04
N ILE A 147 -18.48 -39.81 36.74
CA ILE A 147 -17.05 -39.74 36.46
C ILE A 147 -16.77 -40.19 35.03
N ILE A 148 -17.47 -41.22 34.57
CA ILE A 148 -17.27 -41.70 33.19
C ILE A 148 -17.61 -40.60 32.20
N ALA A 149 -18.75 -39.94 32.42
CA ALA A 149 -19.16 -38.86 31.53
C ALA A 149 -18.16 -37.71 31.55
N VAL A 150 -17.68 -37.34 32.73
CA VAL A 150 -16.78 -36.19 32.82
C VAL A 150 -15.40 -36.54 32.29
N ASP A 151 -15.08 -37.83 32.20
CA ASP A 151 -13.73 -38.22 31.82
C ASP A 151 -13.60 -38.66 30.38
N HIS A 152 -14.70 -39.06 29.74
CA HIS A 152 -14.58 -39.69 28.42
C HIS A 152 -14.12 -38.72 27.34
N LEU A 153 -14.61 -37.48 27.36
CA LEU A 153 -14.62 -36.65 26.15
C LEU A 153 -13.30 -35.97 25.84
N ASP A 154 -12.30 -36.06 26.72
CA ASP A 154 -10.99 -35.46 26.46
C ASP A 154 -11.07 -33.94 26.28
N ARG A 155 -11.68 -33.26 27.25
CA ARG A 155 -11.76 -31.80 27.27
C ARG A 155 -11.44 -31.32 28.68
N PRO A 156 -10.35 -30.56 28.86
CA PRO A 156 -9.96 -30.15 30.22
C PRO A 156 -10.93 -29.16 30.83
N VAL A 157 -11.59 -29.58 31.91
CA VAL A 157 -12.49 -28.74 32.68
C VAL A 157 -12.08 -28.81 34.14
N ILE A 158 -12.15 -27.66 34.82
CA ILE A 158 -11.87 -27.58 36.24
C ILE A 158 -12.96 -26.74 36.90
N VAL A 159 -13.16 -26.96 38.19
CA VAL A 159 -14.12 -26.22 38.98
C VAL A 159 -13.40 -25.53 40.12
N LEU A 160 -13.73 -24.26 40.35
CA LEU A 160 -13.05 -23.42 41.32
C LEU A 160 -14.04 -22.86 42.32
N ASP A 161 -13.60 -22.79 43.58
CA ASP A 161 -14.41 -22.24 44.66
C ASP A 161 -14.46 -20.72 44.54
N PRO A 162 -15.23 -20.04 45.40
CA PRO A 162 -15.24 -18.56 45.34
C PRO A 162 -13.86 -17.95 45.49
N GLU A 163 -13.01 -18.51 46.35
CA GLU A 163 -11.64 -18.02 46.50
C GLU A 163 -10.74 -18.50 45.37
N ARG A 164 -11.31 -19.11 44.33
CA ARG A 164 -10.61 -19.53 43.12
C ARG A 164 -9.60 -20.64 43.37
N HIS A 165 -9.72 -21.35 44.50
CA HIS A 165 -8.96 -22.59 44.68
C HIS A 165 -9.57 -23.69 43.80
N ILE A 166 -8.72 -24.50 43.20
CA ILE A 166 -9.17 -25.55 42.31
C ILE A 166 -9.69 -26.72 43.13
N VAL A 167 -10.82 -27.30 42.71
CA VAL A 167 -11.47 -28.36 43.46
C VAL A 167 -11.74 -29.60 42.63
N GLN A 168 -11.86 -29.49 41.32
CA GLN A 168 -12.08 -30.67 40.50
C GLN A 168 -11.22 -30.56 39.25
N CYS A 169 -10.89 -31.71 38.67
CA CYS A 169 -10.18 -31.78 37.40
C CYS A 169 -10.45 -33.15 36.80
N ASN A 170 -10.23 -33.27 35.48
CA ASN A 170 -10.55 -34.53 34.83
C ASN A 170 -9.36 -35.09 34.06
N ARG A 171 -9.64 -36.18 33.35
CA ARG A 171 -8.60 -36.95 32.67
C ARG A 171 -7.85 -36.11 31.65
N ALA A 172 -8.58 -35.33 30.86
CA ALA A 172 -7.92 -34.48 29.88
C ALA A 172 -6.99 -33.49 30.55
N PHE A 173 -7.44 -32.88 31.64
CA PHE A 173 -6.62 -31.89 32.32
C PHE A 173 -5.35 -32.51 32.86
N THR A 174 -5.46 -33.66 33.53
CA THR A 174 -4.25 -34.26 34.07
C THR A 174 -3.32 -34.74 32.97
N GLU A 175 -3.84 -35.31 31.89
CA GLU A 175 -3.00 -35.77 30.80
C GLU A 175 -2.39 -34.64 29.99
N MET A 176 -2.97 -33.44 30.04
CA MET A 176 -2.40 -32.32 29.31
C MET A 176 -1.40 -31.55 30.16
N PHE A 177 -1.82 -31.13 31.36
CA PHE A 177 -1.00 -30.29 32.21
C PHE A 177 -0.28 -31.07 33.30
N GLY A 178 -0.16 -32.38 33.15
CA GLY A 178 0.71 -33.14 34.04
C GLY A 178 0.18 -33.40 35.43
N TYR A 179 -0.25 -32.35 36.12
CA TYR A 179 -0.69 -32.49 37.49
C TYR A 179 -1.92 -33.38 37.59
N CYS A 180 -1.97 -34.18 38.66
CA CYS A 180 -3.11 -35.04 38.93
C CYS A 180 -4.00 -34.34 39.96
N ILE A 181 -5.10 -34.99 40.32
CA ILE A 181 -6.07 -34.37 41.22
C ILE A 181 -5.49 -34.17 42.62
N SER A 182 -4.81 -35.19 43.14
CA SER A 182 -4.30 -35.12 44.51
C SER A 182 -3.31 -33.97 44.66
N GLU A 183 -2.42 -33.80 43.70
CA GLU A 183 -1.48 -32.69 43.75
C GLU A 183 -2.19 -31.38 43.47
N ALA A 184 -3.03 -31.33 42.44
CA ALA A 184 -3.77 -30.14 42.05
C ALA A 184 -5.16 -30.11 42.67
N SER A 185 -5.25 -30.32 43.98
CA SER A 185 -6.50 -30.22 44.71
C SER A 185 -6.30 -29.29 45.91
N GLY A 186 -6.87 -28.09 45.82
CA GLY A 186 -6.85 -27.18 46.95
C GLY A 186 -5.82 -26.07 46.88
N MET A 187 -5.60 -25.47 45.71
CA MET A 187 -4.65 -24.38 45.58
C MET A 187 -5.01 -23.53 44.37
N GLN A 188 -4.19 -22.53 44.10
CA GLN A 188 -4.46 -21.55 43.07
C GLN A 188 -4.39 -22.19 41.69
N PRO A 189 -5.14 -21.65 40.73
CA PRO A 189 -5.15 -22.21 39.37
C PRO A 189 -4.20 -21.54 38.40
N ASP A 190 -3.32 -20.67 38.89
CA ASP A 190 -2.32 -19.98 38.08
C ASP A 190 -0.89 -20.32 38.46
N THR A 191 -0.64 -20.60 39.75
CA THR A 191 0.70 -21.06 40.14
C THR A 191 1.03 -22.36 39.42
N LEU A 192 0.05 -23.26 39.30
CA LEU A 192 0.22 -24.47 38.52
C LEU A 192 0.22 -24.18 37.03
N LEU A 193 -0.24 -23.00 36.62
CA LEU A 193 -0.23 -22.59 35.22
C LEU A 193 0.72 -21.41 35.02
N ASN A 194 1.86 -21.44 35.71
CA ASN A 194 2.84 -20.38 35.56
C ASN A 194 3.33 -20.27 34.13
N THR A 195 3.50 -19.03 33.68
CA THR A 195 3.84 -18.75 32.30
C THR A 195 5.27 -19.16 32.01
N PRO A 196 5.60 -19.41 30.74
CA PRO A 196 7.00 -19.70 30.36
C PRO A 196 7.87 -18.45 30.48
N GLU A 197 9.12 -18.56 30.03
CA GLU A 197 10.10 -17.50 30.23
C GLU A 197 9.71 -16.20 29.53
N PHE A 198 8.76 -16.23 28.61
CA PHE A 198 8.28 -15.02 27.94
C PHE A 198 7.38 -14.23 28.88
N PRO A 199 7.85 -13.11 29.44
CA PRO A 199 7.10 -12.41 30.49
C PRO A 199 6.18 -11.29 30.02
N ALA A 200 5.90 -11.19 28.72
CA ALA A 200 5.30 -9.98 28.18
C ALA A 200 3.96 -9.62 28.80
N ASP A 201 2.92 -10.42 28.57
CA ASP A 201 1.59 -9.99 28.98
C ASP A 201 0.79 -11.10 29.65
N ASN A 202 1.20 -12.36 29.44
CA ASN A 202 0.42 -13.47 29.99
C ASN A 202 0.40 -13.44 31.52
N ARG A 203 1.47 -12.93 32.13
CA ARG A 203 1.54 -12.88 33.58
C ARG A 203 0.43 -12.05 34.19
N ILE A 204 -0.06 -11.03 33.48
CA ILE A 204 -1.13 -10.21 34.00
C ILE A 204 -2.45 -10.67 33.40
N ARG A 205 -2.39 -11.23 32.19
CA ARG A 205 -3.61 -11.70 31.53
C ARG A 205 -4.25 -12.84 32.30
N LEU A 206 -3.45 -13.81 32.75
CA LEU A 206 -3.96 -14.86 33.62
C LEU A 206 -4.60 -14.23 34.86
N GLN A 207 -3.79 -13.55 35.67
CA GLN A 207 -4.27 -12.96 36.92
C GLN A 207 -5.55 -12.16 36.74
N GLN A 208 -5.77 -11.58 35.56
CA GLN A 208 -7.02 -10.87 35.32
C GLN A 208 -8.16 -11.84 35.00
N LEU A 209 -7.94 -12.75 34.06
CA LEU A 209 -9.01 -13.65 33.63
C LEU A 209 -9.48 -14.54 34.76
N LEU A 210 -8.54 -15.12 35.50
CA LEU A 210 -8.81 -16.03 36.60
C LEU A 210 -9.43 -15.35 37.79
N TRP A 211 -9.46 -14.01 37.80
CA TRP A 211 -10.06 -13.26 38.88
C TRP A 211 -11.24 -12.41 38.43
N LYS A 212 -11.64 -12.51 37.17
CA LYS A 212 -12.81 -11.80 36.69
C LYS A 212 -14.06 -12.31 37.40
N THR A 213 -15.19 -11.67 37.10
CA THR A 213 -16.48 -12.07 37.68
C THR A 213 -17.55 -12.09 36.59
N ALA A 214 -17.19 -12.46 35.37
CA ALA A 214 -18.14 -12.58 34.28
C ALA A 214 -17.55 -13.53 33.25
N ARG A 215 -18.41 -14.00 32.35
CA ARG A 215 -17.96 -14.93 31.32
C ARG A 215 -16.86 -14.29 30.49
N ASP A 216 -15.76 -15.02 30.30
CA ASP A 216 -14.67 -14.45 29.51
C ASP A 216 -13.79 -15.57 28.98
N GLN A 217 -12.90 -15.20 28.06
CA GLN A 217 -12.00 -16.16 27.43
C GLN A 217 -10.81 -15.44 26.83
N ASP A 218 -9.65 -16.07 26.90
CA ASP A 218 -8.43 -15.50 26.36
C ASP A 218 -7.56 -16.63 25.81
N GLU A 219 -6.41 -16.26 25.24
CA GLU A 219 -5.39 -17.21 24.80
C GLU A 219 -4.11 -16.97 25.58
N PHE A 220 -3.55 -18.03 26.14
CA PHE A 220 -2.37 -17.92 26.98
C PHE A 220 -1.27 -18.85 26.49
N LEU A 221 -0.03 -18.39 26.63
CA LEU A 221 1.13 -19.26 26.53
C LEU A 221 1.35 -19.93 27.88
N LEU A 222 1.33 -21.25 27.90
CA LEU A 222 1.54 -21.93 29.17
C LEU A 222 2.56 -23.03 29.01
N LEU A 223 3.29 -23.28 30.09
CA LEU A 223 4.36 -24.26 30.14
C LEU A 223 3.87 -25.47 30.91
N THR A 224 3.89 -26.64 30.27
CA THR A 224 3.49 -27.86 30.93
C THR A 224 4.45 -28.19 32.07
N ARG A 225 4.03 -29.14 32.92
CA ARG A 225 4.87 -29.54 34.03
C ARG A 225 6.17 -30.18 33.56
N THR A 226 6.11 -31.02 32.51
CA THR A 226 7.30 -31.64 31.98
C THR A 226 8.22 -30.66 31.27
N GLY A 227 7.72 -29.48 30.90
CA GLY A 227 8.56 -28.43 30.34
C GLY A 227 8.24 -28.03 28.92
N GLU A 228 7.26 -28.66 28.27
CA GLU A 228 6.91 -28.27 26.92
C GLU A 228 6.09 -26.98 26.94
N LYS A 229 5.96 -26.37 25.77
CA LYS A 229 5.21 -25.13 25.62
C LYS A 229 3.92 -25.41 24.86
N ILE A 230 2.79 -24.95 25.42
CA ILE A 230 1.48 -25.10 24.80
C ILE A 230 0.80 -23.74 24.75
N TRP A 231 0.25 -23.40 23.59
CA TRP A 231 -0.66 -22.28 23.44
C TRP A 231 -2.08 -22.80 23.63
N ILE A 232 -2.78 -22.29 24.64
CA ILE A 232 -4.12 -22.81 24.94
C ILE A 232 -5.10 -21.66 25.05
N LYS A 233 -6.38 -21.99 24.90
CA LYS A 233 -7.49 -21.03 24.96
C LYS A 233 -8.32 -21.36 26.19
N ALA A 234 -8.44 -20.40 27.10
CA ALA A 234 -9.07 -20.63 28.38
C ALA A 234 -10.34 -19.82 28.51
N SER A 235 -11.41 -20.47 28.97
CA SER A 235 -12.69 -19.81 29.19
C SER A 235 -13.11 -19.99 30.63
N ILE A 236 -13.66 -18.93 31.21
CA ILE A 236 -14.10 -18.92 32.60
C ILE A 236 -15.55 -18.47 32.63
N SER A 237 -16.37 -19.15 33.43
CA SER A 237 -17.77 -18.80 33.54
C SER A 237 -18.29 -19.14 34.93
N PRO A 238 -19.07 -18.27 35.55
CA PRO A 238 -19.57 -18.52 36.89
C PRO A 238 -20.96 -19.16 36.89
N VAL A 239 -21.22 -19.92 37.95
CA VAL A 239 -22.51 -20.53 38.21
C VAL A 239 -22.99 -20.10 39.59
N TYR A 240 -24.25 -19.68 39.65
CA TYR A 240 -24.85 -19.05 40.82
C TYR A 240 -25.90 -19.96 41.43
N ASP A 241 -26.00 -19.91 42.76
CA ASP A 241 -26.99 -20.69 43.48
C ASP A 241 -28.36 -20.00 43.41
N VAL A 242 -29.29 -20.48 44.24
CA VAL A 242 -30.64 -19.90 44.27
C VAL A 242 -30.60 -18.50 44.86
N LEU A 243 -29.76 -18.29 45.87
CA LEU A 243 -29.68 -17.02 46.57
C LEU A 243 -28.88 -15.97 45.80
N ALA A 244 -28.66 -16.19 44.51
CA ALA A 244 -27.97 -15.26 43.60
C ALA A 244 -26.53 -14.99 44.00
N HIS A 245 -25.98 -15.75 44.95
CA HIS A 245 -24.59 -15.59 45.31
C HIS A 245 -23.69 -16.34 44.33
N LEU A 246 -22.44 -15.89 44.24
CA LEU A 246 -21.47 -16.55 43.37
C LEU A 246 -21.04 -17.86 44.02
N GLN A 247 -21.45 -18.98 43.42
CA GLN A 247 -21.20 -20.29 44.01
C GLN A 247 -19.98 -20.99 43.46
N ASN A 248 -19.80 -21.06 42.12
CA ASN A 248 -18.63 -21.75 41.61
C ASN A 248 -18.19 -21.11 40.30
N LEU A 249 -16.95 -21.39 39.90
CA LEU A 249 -16.39 -20.89 38.66
C LEU A 249 -15.85 -22.06 37.86
N VAL A 250 -16.47 -22.37 36.75
CA VAL A 250 -15.96 -23.45 35.91
C VAL A 250 -15.09 -22.87 34.82
N MET A 251 -13.95 -23.52 34.61
CA MET A 251 -12.96 -23.10 33.62
C MET A 251 -12.67 -24.24 32.67
N THR A 252 -12.71 -23.96 31.38
CA THR A 252 -12.43 -24.95 30.36
C THR A 252 -11.27 -24.49 29.51
N PHE A 253 -10.30 -25.38 29.32
CA PHE A 253 -9.15 -25.09 28.46
C PHE A 253 -9.29 -25.88 27.17
N SER A 254 -8.45 -25.54 26.19
CA SER A 254 -8.48 -26.24 24.93
C SER A 254 -7.18 -25.96 24.18
N ASP A 255 -6.64 -26.97 23.52
CA ASP A 255 -5.37 -26.85 22.80
C ASP A 255 -5.63 -26.20 21.45
N ILE A 256 -4.91 -25.13 21.15
CA ILE A 256 -5.15 -24.38 19.92
C ILE A 256 -3.87 -24.20 19.11
N THR A 257 -2.96 -25.18 19.19
CA THR A 257 -1.74 -25.08 18.38
C THR A 257 -2.06 -25.12 16.90
N GLU A 258 -2.83 -26.13 16.47
CA GLU A 258 -3.22 -26.22 15.07
C GLU A 258 -4.07 -25.03 14.66
N GLU A 259 -4.98 -24.60 15.53
CA GLU A 259 -5.82 -23.46 15.25
C GLU A 259 -4.98 -22.21 15.02
N ARG A 260 -3.95 -22.02 15.83
CA ARG A 260 -3.12 -20.83 15.70
C ARG A 260 -2.24 -20.91 14.46
N GLN A 261 -1.80 -22.10 14.07
CA GLN A 261 -1.12 -22.25 12.79
C GLN A 261 -2.05 -21.85 11.64
N ILE A 262 -3.30 -22.29 11.70
CA ILE A 262 -4.25 -21.94 10.65
C ILE A 262 -4.49 -20.44 10.63
N ARG A 263 -4.54 -19.82 11.81
CA ARG A 263 -4.75 -18.38 11.87
C ARG A 263 -3.56 -17.63 11.29
N GLN A 264 -2.35 -18.12 11.54
CA GLN A 264 -1.17 -17.51 10.93
C GLN A 264 -1.23 -17.63 9.41
N LEU A 265 -1.62 -18.80 8.91
CA LEU A 265 -1.81 -18.95 7.47
C LEU A 265 -2.80 -17.92 6.93
N GLU A 266 -3.94 -17.80 7.59
CA GLU A 266 -4.97 -16.88 7.12
C GLU A 266 -4.47 -15.45 7.13
N GLY A 267 -3.76 -15.06 8.19
CA GLY A 267 -3.24 -13.71 8.28
C GLY A 267 -2.25 -13.39 7.18
N ASN A 268 -1.33 -14.32 6.93
CA ASN A 268 -0.34 -14.08 5.88
C ASN A 268 -1.01 -14.00 4.50
N ILE A 269 -1.95 -14.91 4.23
CA ILE A 269 -2.55 -14.93 2.90
C ILE A 269 -3.41 -13.70 2.67
N LEU A 270 -4.11 -13.23 3.72
CA LEU A 270 -4.77 -11.93 3.60
C LEU A 270 -3.76 -10.81 3.37
N ALA A 271 -2.65 -10.81 4.11
CA ALA A 271 -1.67 -9.75 3.95
C ALA A 271 -1.12 -9.70 2.54
N ALA A 272 -1.05 -10.85 1.89
CA ALA A 272 -0.62 -10.87 0.49
C ALA A 272 -1.73 -10.47 -0.46
N MET A 273 -2.91 -11.06 -0.31
CA MET A 273 -3.97 -10.92 -1.30
C MET A 273 -4.72 -9.60 -1.18
N CYS A 274 -4.51 -8.85 -0.10
CA CYS A 274 -4.97 -7.48 -0.07
C CYS A 274 -4.16 -6.59 -0.99
N SER A 275 -2.87 -6.89 -1.17
CA SER A 275 -2.04 -6.21 -2.14
C SER A 275 -2.13 -6.82 -3.53
N SER A 276 -2.52 -8.10 -3.63
CA SER A 276 -2.70 -8.81 -4.89
C SER A 276 -1.43 -8.89 -5.70
N PRO A 277 -0.44 -9.69 -5.29
CA PRO A 277 0.75 -9.88 -6.10
C PRO A 277 0.40 -10.63 -7.37
N PRO A 278 1.36 -10.81 -8.28
CA PRO A 278 1.06 -11.56 -9.51
C PRO A 278 0.59 -12.97 -9.20
N PHE A 279 -0.11 -13.56 -10.17
CA PHE A 279 -0.79 -14.83 -9.96
C PHE A 279 0.19 -15.93 -9.55
N HIS A 280 1.29 -16.05 -10.29
CA HIS A 280 2.24 -17.12 -10.05
C HIS A 280 3.02 -16.94 -8.76
N GLU A 281 3.00 -15.74 -8.18
CA GLU A 281 3.57 -15.53 -6.86
C GLU A 281 2.57 -15.74 -5.74
N MET A 282 1.29 -15.41 -5.96
CA MET A 282 0.28 -15.76 -4.97
C MET A 282 0.19 -17.26 -4.82
N GLY A 283 0.29 -17.99 -5.92
CA GLY A 283 0.33 -19.44 -5.83
C GLY A 283 1.49 -19.94 -4.99
N GLU A 284 2.66 -19.35 -5.19
CA GLU A 284 3.84 -19.76 -4.44
C GLU A 284 3.67 -19.43 -2.96
N ILE A 285 3.05 -18.29 -2.66
CA ILE A 285 2.82 -17.93 -1.26
C ILE A 285 1.89 -18.96 -0.60
N ILE A 286 0.82 -19.33 -1.29
CA ILE A 286 -0.11 -20.31 -0.74
C ILE A 286 0.61 -21.63 -0.49
N CYS A 287 1.40 -22.09 -1.47
CA CYS A 287 2.10 -23.36 -1.33
C CYS A 287 3.12 -23.31 -0.19
N ARG A 288 3.84 -22.20 -0.08
CA ARG A 288 4.85 -22.07 0.97
C ARG A 288 4.22 -22.14 2.34
N ASN A 289 3.11 -21.40 2.54
CA ASN A 289 2.45 -21.49 3.83
C ASN A 289 1.85 -22.86 4.07
N ILE A 290 1.39 -23.54 3.02
CA ILE A 290 0.91 -24.91 3.17
C ILE A 290 2.01 -25.81 3.71
N GLU A 291 3.20 -25.70 3.12
CA GLU A 291 4.32 -26.52 3.59
C GLU A 291 4.73 -26.12 5.00
N SER A 292 4.58 -24.85 5.36
CA SER A 292 4.93 -24.43 6.70
C SER A 292 3.92 -24.87 7.74
N VAL A 293 2.67 -25.12 7.35
CA VAL A 293 1.63 -25.50 8.31
C VAL A 293 1.49 -27.03 8.36
N LEU A 294 1.91 -27.72 7.31
CA LEU A 294 1.78 -29.17 7.23
C LEU A 294 3.17 -29.81 7.27
N ASN A 295 3.24 -31.03 7.80
CA ASN A 295 4.51 -31.72 7.96
C ASN A 295 4.73 -32.72 6.83
N GLU A 296 5.90 -32.62 6.19
CA GLU A 296 6.38 -33.53 5.15
C GLU A 296 5.26 -33.95 4.19
N SER A 297 4.67 -32.95 3.54
CA SER A 297 3.55 -33.17 2.64
C SER A 297 3.87 -32.59 1.27
N HIS A 298 2.93 -32.78 0.34
CA HIS A 298 3.01 -32.24 -1.01
C HIS A 298 1.69 -31.59 -1.37
N VAL A 299 1.78 -30.42 -1.99
CA VAL A 299 0.60 -29.65 -2.38
C VAL A 299 0.71 -29.29 -3.85
N SER A 300 -0.40 -29.43 -4.58
CA SER A 300 -0.46 -29.05 -5.97
C SER A 300 -1.76 -28.32 -6.23
N LEU A 301 -1.70 -27.25 -7.02
CA LEU A 301 -2.87 -26.47 -7.37
C LEU A 301 -3.01 -26.41 -8.88
N PHE A 302 -4.21 -26.64 -9.37
CA PHE A 302 -4.46 -26.64 -10.80
C PHE A 302 -5.67 -25.78 -11.11
N ALA A 303 -5.57 -25.01 -12.19
CA ALA A 303 -6.70 -24.26 -12.70
C ALA A 303 -7.34 -25.02 -13.85
N LEU A 304 -8.55 -24.60 -14.22
CA LEU A 304 -9.29 -25.22 -15.30
C LEU A 304 -9.42 -24.21 -16.44
N ARG A 305 -8.69 -24.46 -17.53
CA ARG A 305 -8.79 -23.67 -18.75
C ARG A 305 -9.32 -24.55 -19.86
N ASN A 306 -10.44 -24.13 -20.46
CA ASN A 306 -11.08 -24.84 -21.56
C ASN A 306 -11.45 -26.28 -21.20
N GLY A 307 -11.63 -26.57 -19.92
CA GLY A 307 -12.03 -27.89 -19.49
C GLY A 307 -10.91 -28.87 -19.23
N MET A 308 -9.73 -28.39 -18.89
CA MET A 308 -8.59 -29.25 -18.59
C MET A 308 -7.95 -28.80 -17.29
N PRO A 309 -7.25 -29.71 -16.59
CA PRO A 309 -6.45 -29.31 -15.43
C PRO A 309 -5.07 -28.81 -15.86
N ILE A 310 -4.83 -27.51 -15.67
CA ILE A 310 -3.58 -26.86 -16.04
C ILE A 310 -2.85 -26.48 -14.77
N HIS A 311 -1.56 -26.80 -14.71
CA HIS A 311 -0.79 -26.60 -13.49
C HIS A 311 -0.62 -25.13 -13.17
N TRP A 312 -0.91 -24.76 -11.91
CA TRP A 312 -0.69 -23.41 -11.41
C TRP A 312 0.60 -23.31 -10.60
N ALA A 313 0.71 -24.11 -9.53
CA ALA A 313 1.94 -24.16 -8.75
C ALA A 313 1.86 -25.37 -7.82
N SER A 314 3.02 -25.94 -7.54
CA SER A 314 3.12 -27.07 -6.62
C SER A 314 4.36 -26.89 -5.77
N SER A 315 4.31 -27.43 -4.55
CA SER A 315 5.45 -27.32 -3.65
C SER A 315 6.64 -28.10 -4.20
N SER A 316 7.84 -27.53 -4.05
CA SER A 316 9.06 -28.17 -4.50
C SER A 316 9.64 -29.14 -3.48
N HIS A 317 9.02 -29.27 -2.30
CA HIS A 317 9.53 -30.16 -1.27
C HIS A 317 9.22 -31.61 -1.62
N GLY A 318 10.02 -32.17 -2.53
CA GLY A 318 9.80 -33.54 -2.96
C GLY A 318 10.46 -34.58 -2.09
N ALA A 319 10.26 -34.48 -0.78
CA ALA A 319 10.82 -35.44 0.15
C ALA A 319 10.09 -36.78 0.03
N GLU A 320 10.76 -37.84 0.46
CA GLU A 320 10.17 -39.17 0.40
C GLU A 320 8.94 -39.26 1.30
N ILE A 321 7.86 -39.82 0.76
CA ILE A 321 6.61 -39.97 1.49
C ILE A 321 6.28 -41.45 1.57
N GLN A 322 5.97 -41.92 2.78
CA GLN A 322 5.65 -43.31 3.02
C GLN A 322 4.14 -43.45 3.24
N ASN A 323 3.51 -44.32 2.47
CA ASN A 323 2.06 -44.56 2.55
C ASN A 323 1.29 -43.26 2.36
N ALA A 324 1.44 -42.68 1.17
CA ALA A 324 0.86 -41.38 0.88
C ALA A 324 -0.65 -41.45 0.80
N GLN A 325 -1.32 -40.53 1.49
CA GLN A 325 -2.76 -40.37 1.41
C GLN A 325 -3.09 -39.14 0.56
N SER A 326 -4.03 -39.30 -0.37
CA SER A 326 -4.33 -38.30 -1.38
C SER A 326 -5.69 -37.66 -1.14
N TRP A 327 -5.76 -36.35 -1.39
CA TRP A 327 -7.02 -35.62 -1.33
C TRP A 327 -7.10 -34.68 -2.52
N SER A 328 -8.29 -34.61 -3.12
CA SER A 328 -8.49 -33.83 -4.34
C SER A 328 -9.81 -33.08 -4.20
N ALA A 329 -9.74 -31.83 -3.77
CA ALA A 329 -10.91 -30.98 -3.66
C ALA A 329 -11.05 -30.10 -4.88
N THR A 330 -12.27 -30.01 -5.39
CA THR A 330 -12.60 -29.25 -6.59
C THR A 330 -12.99 -27.84 -6.19
N ILE A 331 -12.03 -26.92 -6.24
CA ILE A 331 -12.31 -25.51 -6.05
C ILE A 331 -13.24 -25.05 -7.16
N ARG A 332 -14.31 -24.35 -6.78
CA ARG A 332 -15.36 -24.01 -7.71
C ARG A 332 -15.54 -22.49 -7.79
N GLN A 333 -16.02 -22.02 -8.93
CA GLN A 333 -16.24 -20.59 -9.13
C GLN A 333 -17.46 -20.12 -8.34
N ARG A 334 -17.81 -18.84 -8.54
CA ARG A 334 -18.98 -18.28 -7.88
C ARG A 334 -20.26 -18.98 -8.35
N ASP A 335 -20.36 -19.27 -9.64
CA ASP A 335 -21.54 -19.94 -10.17
C ASP A 335 -21.62 -21.41 -9.75
N GLY A 336 -20.55 -21.96 -9.17
CA GLY A 336 -20.55 -23.33 -8.72
C GLY A 336 -19.88 -24.31 -9.67
N ALA A 337 -19.58 -23.90 -10.89
CA ALA A 337 -18.89 -24.79 -11.81
C ALA A 337 -17.47 -25.07 -11.29
N PRO A 338 -16.98 -26.30 -11.45
CA PRO A 338 -15.61 -26.59 -11.02
C PRO A 338 -14.60 -25.73 -11.77
N ALA A 339 -13.59 -25.28 -11.06
CA ALA A 339 -12.61 -24.37 -11.63
C ALA A 339 -11.17 -24.76 -11.32
N GLY A 340 -10.93 -25.64 -10.36
CA GLY A 340 -9.56 -26.00 -10.03
C GLY A 340 -9.53 -27.17 -9.09
N ILE A 341 -8.31 -27.66 -8.87
CA ILE A 341 -8.07 -28.83 -8.04
C ILE A 341 -6.97 -28.49 -7.04
N LEU A 342 -7.24 -28.74 -5.76
CA LEU A 342 -6.24 -28.56 -4.72
C LEU A 342 -5.92 -29.95 -4.17
N GLN A 343 -4.83 -30.52 -4.66
CA GLN A 343 -4.49 -31.91 -4.38
C GLN A 343 -3.38 -31.96 -3.34
N ILE A 344 -3.60 -32.75 -2.29
CA ILE A 344 -2.66 -32.85 -1.17
C ILE A 344 -2.26 -34.30 -1.00
N LYS A 345 -0.97 -34.53 -0.85
CA LYS A 345 -0.42 -35.83 -0.49
C LYS A 345 0.21 -35.71 0.89
N THR A 346 -0.21 -36.59 1.80
CA THR A 346 0.26 -36.52 3.18
C THR A 346 0.83 -37.86 3.60
N SER A 347 1.81 -37.81 4.51
CA SER A 347 2.39 -39.02 5.06
C SER A 347 1.41 -39.68 6.03
N SER A 348 1.52 -41.00 6.15
CA SER A 348 0.62 -41.74 7.04
C SER A 348 0.91 -41.42 8.49
N GLY A 349 -0.10 -40.90 9.19
CA GLY A 349 0.04 -40.56 10.59
C GLY A 349 0.68 -39.23 10.89
N ALA A 350 1.09 -38.47 9.86
CA ALA A 350 1.73 -37.18 10.10
C ALA A 350 0.72 -36.13 10.55
N GLU A 351 -0.45 -36.09 9.90
CA GLU A 351 -1.47 -35.11 10.22
C GLU A 351 -2.82 -35.81 10.31
N THR A 352 -3.73 -35.22 11.07
CA THR A 352 -5.04 -35.80 11.27
C THR A 352 -5.98 -35.47 10.11
N SER A 353 -7.02 -36.28 9.97
CA SER A 353 -7.98 -36.08 8.89
C SER A 353 -8.69 -34.75 9.01
N ALA A 354 -9.12 -34.39 10.23
CA ALA A 354 -9.78 -33.10 10.43
C ALA A 354 -8.84 -31.95 10.10
N PHE A 355 -7.58 -32.05 10.53
CA PHE A 355 -6.62 -30.99 10.25
C PHE A 355 -6.40 -30.82 8.76
N ILE A 356 -6.18 -31.92 8.04
CA ILE A 356 -5.88 -31.81 6.62
C ILE A 356 -7.11 -31.32 5.87
N GLU A 357 -8.31 -31.76 6.28
CA GLU A 357 -9.52 -31.30 5.62
C GLU A 357 -9.73 -29.81 5.84
N ARG A 358 -9.50 -29.33 7.07
CA ARG A 358 -9.67 -27.91 7.35
C ARG A 358 -8.67 -27.07 6.57
N VAL A 359 -7.41 -27.51 6.52
CA VAL A 359 -6.40 -26.76 5.76
C VAL A 359 -6.77 -26.74 4.29
N ALA A 360 -7.25 -27.86 3.77
CA ALA A 360 -7.67 -27.90 2.38
C ALA A 360 -8.80 -26.94 2.11
N ASP A 361 -9.77 -26.87 3.02
CA ASP A 361 -10.89 -25.97 2.82
C ASP A 361 -10.45 -24.51 2.86
N ILE A 362 -9.58 -24.14 3.81
CA ILE A 362 -9.10 -22.76 3.89
C ILE A 362 -8.36 -22.38 2.62
N SER A 363 -7.40 -23.21 2.23
CA SER A 363 -6.64 -22.91 1.03
C SER A 363 -7.51 -22.95 -0.22
N GLN A 364 -8.57 -23.74 -0.23
CA GLN A 364 -9.40 -23.81 -1.44
C GLN A 364 -10.25 -22.55 -1.56
N HIS A 365 -10.66 -21.97 -0.43
CA HIS A 365 -11.32 -20.68 -0.52
C HIS A 365 -10.37 -19.58 -0.99
N MET A 366 -9.16 -19.55 -0.44
CA MET A 366 -8.18 -18.56 -0.89
C MET A 366 -7.89 -18.71 -2.38
N ALA A 367 -7.65 -19.95 -2.81
CA ALA A 367 -7.40 -20.20 -4.22
C ALA A 367 -8.62 -19.87 -5.06
N ALA A 368 -9.82 -20.03 -4.51
CA ALA A 368 -11.02 -19.70 -5.25
C ALA A 368 -11.06 -18.22 -5.57
N LEU A 369 -10.78 -17.37 -4.59
CA LEU A 369 -10.81 -15.94 -4.88
C LEU A 369 -9.67 -15.55 -5.82
N ALA A 370 -8.50 -16.17 -5.63
CA ALA A 370 -7.39 -15.86 -6.54
C ALA A 370 -7.74 -16.22 -7.97
N LEU A 371 -8.39 -17.36 -8.17
CA LEU A 371 -8.78 -17.78 -9.52
C LEU A 371 -9.89 -16.89 -10.07
N GLU A 372 -10.81 -16.42 -9.23
CA GLU A 372 -11.80 -15.46 -9.71
C GLU A 372 -11.12 -14.21 -10.24
N GLN A 373 -10.15 -13.69 -9.50
CA GLN A 373 -9.38 -12.53 -9.98
C GLN A 373 -8.70 -12.85 -11.30
N GLU A 374 -8.06 -14.02 -11.37
CA GLU A 374 -7.30 -14.36 -12.57
C GLU A 374 -8.21 -14.49 -13.78
N LYS A 375 -9.38 -15.10 -13.60
CA LYS A 375 -10.30 -15.26 -14.72
C LYS A 375 -10.86 -13.92 -15.16
N SER A 376 -11.11 -13.00 -14.22
CA SER A 376 -11.51 -11.66 -14.61
C SER A 376 -10.41 -10.97 -15.41
N ARG A 377 -9.17 -11.11 -14.96
CA ARG A 377 -8.04 -10.43 -15.62
C ARG A 377 -7.80 -11.00 -17.01
N GLN A 378 -7.96 -12.31 -17.17
CA GLN A 378 -7.58 -12.94 -18.43
C GLN A 378 -8.50 -12.55 -19.57
N HIS A 379 -9.74 -12.16 -19.26
CA HIS A 379 -10.69 -11.83 -20.32
C HIS A 379 -10.24 -10.61 -21.11
N ILE A 380 -9.68 -9.62 -20.42
CA ILE A 380 -9.36 -8.33 -21.02
C ILE A 380 -7.87 -8.15 -21.27
N GLU A 381 -7.05 -9.18 -21.04
CA GLU A 381 -5.60 -9.01 -21.14
C GLU A 381 -5.15 -8.76 -22.56
N GLN A 382 -5.87 -9.24 -23.56
CA GLN A 382 -5.48 -9.07 -24.95
C GLN A 382 -6.16 -7.89 -25.61
N LEU A 383 -6.90 -7.09 -24.85
CA LEU A 383 -7.63 -5.96 -25.40
C LEU A 383 -7.18 -4.61 -24.86
N ILE A 384 -6.91 -4.51 -23.56
CA ILE A 384 -6.51 -3.24 -22.99
C ILE A 384 -5.11 -2.87 -23.46
N GLN A 385 -4.95 -1.62 -23.90
CA GLN A 385 -3.67 -1.12 -24.39
C GLN A 385 -2.75 -0.66 -23.25
N PHE A 386 -3.28 0.10 -22.30
CA PHE A 386 -2.46 0.60 -21.21
C PHE A 386 -2.15 -0.51 -20.20
N ASP A 387 -1.18 -0.26 -19.35
CA ASP A 387 -0.82 -1.16 -18.26
C ASP A 387 -1.20 -0.51 -16.94
N PRO A 388 -2.14 -1.08 -16.19
CA PRO A 388 -2.71 -0.36 -15.05
C PRO A 388 -1.81 -0.28 -13.83
N MET A 389 -0.70 -1.02 -13.78
CA MET A 389 0.08 -1.04 -12.55
C MET A 389 0.82 0.26 -12.32
N THR A 390 1.24 0.93 -13.40
CA THR A 390 2.01 2.16 -13.26
C THR A 390 1.60 3.23 -14.26
N GLY A 391 0.55 3.02 -15.03
CA GLY A 391 0.10 4.00 -16.00
C GLY A 391 0.86 3.99 -17.30
N LEU A 392 1.87 3.16 -17.44
CA LEU A 392 2.66 3.09 -18.64
C LEU A 392 2.00 2.20 -19.67
N PRO A 393 2.39 2.30 -20.94
CA PRO A 393 1.85 1.40 -21.94
C PRO A 393 2.24 -0.05 -21.68
N ASN A 394 1.48 -0.96 -22.29
CA ASN A 394 1.64 -2.39 -22.08
C ASN A 394 2.25 -3.04 -23.31
N ARG A 395 2.43 -4.36 -23.22
CA ARG A 395 3.11 -5.09 -24.27
C ARG A 395 2.36 -5.01 -25.58
N ASN A 396 1.03 -5.00 -25.52
CA ASN A 396 0.24 -4.79 -26.73
C ASN A 396 0.57 -3.43 -27.33
N ASN A 397 0.74 -2.42 -26.49
CA ASN A 397 1.09 -1.10 -26.99
C ASN A 397 2.46 -1.10 -27.63
N LEU A 398 3.42 -1.82 -27.06
CA LEU A 398 4.73 -1.92 -27.69
C LEU A 398 4.65 -2.66 -29.03
N HIS A 399 3.86 -3.72 -29.08
CA HIS A 399 3.64 -4.41 -30.35
C HIS A 399 3.11 -3.44 -31.40
N ASN A 400 2.14 -2.63 -31.01
CA ASN A 400 1.56 -1.64 -31.92
C ASN A 400 2.61 -0.61 -32.34
N TYR A 401 3.41 -0.14 -31.39
CA TYR A 401 4.43 0.87 -31.68
C TYR A 401 5.45 0.35 -32.66
N LEU A 402 5.93 -0.87 -32.43
CA LEU A 402 6.92 -1.45 -33.33
C LEU A 402 6.31 -1.71 -34.70
N ASP A 403 5.06 -2.14 -34.76
CA ASP A 403 4.40 -2.28 -36.05
C ASP A 403 4.33 -0.95 -36.77
N ASP A 404 4.00 0.11 -36.04
CA ASP A 404 3.91 1.43 -36.67
C ASP A 404 5.26 1.87 -37.21
N LEU A 405 6.35 1.61 -36.47
CA LEU A 405 7.66 2.02 -36.94
C LEU A 405 8.10 1.19 -38.15
N VAL A 406 7.89 -0.12 -38.11
CA VAL A 406 8.33 -0.95 -39.22
C VAL A 406 7.50 -0.66 -40.47
N ASP A 407 6.25 -0.22 -40.29
CA ASP A 407 5.46 0.20 -41.44
C ASP A 407 6.03 1.46 -42.08
N LYS A 408 6.62 2.35 -41.28
CA LYS A 408 7.31 3.51 -41.79
C LYS A 408 8.75 3.21 -42.18
N ALA A 409 9.20 1.97 -41.96
CA ALA A 409 10.53 1.52 -42.35
C ALA A 409 11.63 2.28 -41.58
N VAL A 410 11.44 2.43 -40.27
CA VAL A 410 12.43 3.03 -39.40
C VAL A 410 12.73 2.04 -38.29
N SER A 411 13.99 1.61 -38.19
CA SER A 411 14.38 0.60 -37.22
C SER A 411 14.77 1.27 -35.91
N PRO A 412 14.12 0.95 -34.82
CA PRO A 412 14.43 1.63 -33.56
C PRO A 412 15.43 0.88 -32.71
N VAL A 413 15.74 1.45 -31.55
CA VAL A 413 16.48 0.79 -30.48
C VAL A 413 15.49 0.40 -29.39
N VAL A 414 15.64 -0.82 -28.88
CA VAL A 414 14.74 -1.37 -27.87
C VAL A 414 15.59 -1.75 -26.66
N TYR A 415 15.79 -0.80 -25.76
CA TYR A 415 16.45 -1.10 -24.49
C TYR A 415 15.49 -1.89 -23.63
N LEU A 416 15.91 -3.07 -23.19
CA LEU A 416 15.06 -3.92 -22.35
C LEU A 416 15.51 -3.76 -20.90
N ILE A 417 14.91 -2.79 -20.22
CA ILE A 417 15.27 -2.47 -18.84
C ILE A 417 14.72 -3.55 -17.92
N GLY A 418 15.56 -4.05 -17.04
CA GLY A 418 15.12 -4.99 -16.03
C GLY A 418 15.51 -4.50 -14.65
N VAL A 419 14.50 -4.22 -13.82
CA VAL A 419 14.74 -3.70 -12.48
C VAL A 419 14.95 -4.88 -11.55
N ASP A 420 16.20 -5.07 -11.11
CA ASP A 420 16.53 -6.22 -10.28
C ASP A 420 16.99 -5.74 -8.90
N HIS A 421 16.96 -6.70 -7.96
CA HIS A 421 17.04 -6.55 -6.51
C HIS A 421 15.70 -6.07 -5.97
N ILE A 422 14.63 -6.21 -6.76
CA ILE A 422 13.27 -6.06 -6.24
C ILE A 422 12.98 -7.14 -5.21
N GLN A 423 13.62 -8.30 -5.34
CA GLN A 423 13.43 -9.35 -4.35
C GLN A 423 13.82 -8.89 -2.95
N ASP A 424 14.75 -7.94 -2.87
CA ASP A 424 15.13 -7.39 -1.57
C ASP A 424 13.95 -6.72 -0.89
N VAL A 425 13.26 -5.83 -1.61
CA VAL A 425 12.09 -5.19 -1.02
C VAL A 425 10.99 -6.23 -0.82
N ILE A 426 10.96 -7.25 -1.68
CA ILE A 426 9.92 -8.28 -1.58
C ILE A 426 10.02 -9.01 -0.24
N ASP A 427 11.21 -9.47 0.10
CA ASP A 427 11.35 -10.23 1.34
C ASP A 427 11.68 -9.36 2.53
N SER A 428 11.87 -8.05 2.34
CA SER A 428 12.09 -7.19 3.50
C SER A 428 10.81 -6.49 3.95
N LEU A 429 10.04 -5.94 3.02
CA LEU A 429 8.78 -5.30 3.36
C LEU A 429 7.56 -5.94 2.74
N GLY A 430 7.53 -6.11 1.43
CA GLY A 430 6.40 -6.79 0.84
C GLY A 430 6.07 -6.26 -0.54
N TYR A 431 4.94 -6.72 -1.07
CA TYR A 431 4.58 -6.45 -2.46
C TYR A 431 4.07 -5.02 -2.66
N ALA A 432 3.35 -4.48 -1.68
CA ALA A 432 2.90 -3.09 -1.79
C ALA A 432 4.10 -2.15 -1.82
N TRP A 433 5.09 -2.38 -0.97
CA TRP A 433 6.28 -1.55 -0.99
C TRP A 433 7.13 -1.82 -2.23
N ALA A 434 7.07 -3.04 -2.77
CA ALA A 434 7.71 -3.30 -4.05
C ALA A 434 7.08 -2.47 -5.15
N ASP A 435 5.74 -2.38 -5.15
CA ASP A 435 5.06 -1.52 -6.11
C ASP A 435 5.41 -0.05 -5.89
N GLN A 436 5.54 0.37 -4.63
CA GLN A 436 5.96 1.75 -4.35
C GLN A 436 7.36 2.02 -4.88
N ALA A 437 8.27 1.07 -4.72
CA ALA A 437 9.62 1.23 -5.25
C ALA A 437 9.59 1.30 -6.77
N LEU A 438 8.76 0.46 -7.41
CA LEU A 438 8.62 0.54 -8.86
C LEU A 438 8.08 1.90 -9.28
N LEU A 439 7.11 2.43 -8.53
CA LEU A 439 6.58 3.76 -8.82
C LEU A 439 7.66 4.82 -8.71
N GLU A 440 8.50 4.72 -7.68
CA GLU A 440 9.57 5.71 -7.52
C GLU A 440 10.55 5.63 -8.68
N VAL A 441 10.91 4.42 -9.09
CA VAL A 441 11.87 4.27 -10.18
C VAL A 441 11.26 4.78 -11.49
N VAL A 442 9.97 4.53 -11.71
CA VAL A 442 9.36 5.03 -12.96
C VAL A 442 9.19 6.54 -12.90
N ASN A 443 9.01 7.10 -11.71
CA ASN A 443 8.97 8.56 -11.60
C ASN A 443 10.31 9.16 -11.96
N ARG A 444 11.40 8.54 -11.51
CA ARG A 444 12.72 8.98 -11.94
C ARG A 444 12.87 8.85 -13.45
N PHE A 445 12.41 7.73 -14.01
CA PHE A 445 12.50 7.52 -15.45
C PHE A 445 11.76 8.60 -16.23
N ARG A 446 10.57 8.98 -15.76
CA ARG A 446 9.78 9.97 -16.47
C ARG A 446 10.33 11.37 -16.28
N GLU A 447 10.85 11.68 -15.09
CA GLU A 447 11.45 12.99 -14.88
C GLU A 447 12.72 13.17 -15.67
N LYS A 448 13.41 12.08 -16.03
CA LYS A 448 14.55 12.19 -16.92
C LYS A 448 14.22 11.84 -18.37
N LEU A 449 12.97 11.50 -18.68
CA LEU A 449 12.63 11.10 -20.04
C LEU A 449 12.70 12.27 -21.00
N LYS A 450 13.05 11.99 -22.24
CA LYS A 450 13.08 12.96 -23.32
C LYS A 450 11.78 12.92 -24.11
N PRO A 451 11.49 13.96 -24.89
CA PRO A 451 10.21 13.99 -25.63
C PRO A 451 10.02 12.86 -26.61
N ASP A 452 11.08 12.38 -27.26
CA ASP A 452 10.94 11.42 -28.35
C ASP A 452 11.23 9.99 -27.93
N GLN A 453 11.19 9.71 -26.63
CA GLN A 453 11.47 8.38 -26.10
C GLN A 453 10.17 7.70 -25.71
N TYR A 454 9.97 6.48 -26.17
CA TYR A 454 8.76 5.70 -25.84
C TYR A 454 9.07 4.76 -24.70
N LEU A 455 8.13 4.64 -23.77
CA LEU A 455 8.32 3.84 -22.57
C LEU A 455 7.13 2.93 -22.36
N CYS A 456 7.39 1.70 -21.92
CA CYS A 456 6.30 0.78 -21.61
C CYS A 456 6.78 -0.25 -20.60
N ARG A 457 5.82 -0.97 -20.03
CA ARG A 457 6.08 -2.00 -19.01
C ARG A 457 5.56 -3.33 -19.52
N ILE A 458 6.44 -4.27 -19.84
CA ILE A 458 5.96 -5.51 -20.43
C ILE A 458 5.39 -6.42 -19.35
N GLU A 459 6.14 -6.65 -18.28
CA GLU A 459 5.67 -7.56 -17.25
C GLU A 459 6.55 -7.43 -16.02
N GLY A 460 5.94 -7.60 -14.85
CA GLY A 460 6.65 -7.66 -13.59
C GLY A 460 7.47 -6.42 -13.29
N THR A 461 8.79 -6.56 -13.36
CA THR A 461 9.70 -5.44 -13.24
C THR A 461 10.53 -5.25 -14.50
N GLN A 462 9.98 -5.61 -15.65
CA GLN A 462 10.65 -5.43 -16.94
C GLN A 462 9.96 -4.31 -17.72
N PHE A 463 10.74 -3.28 -18.04
CA PHE A 463 10.30 -2.17 -18.87
C PHE A 463 11.01 -2.23 -20.21
N VAL A 464 10.46 -1.54 -21.19
CA VAL A 464 11.07 -1.39 -22.50
C VAL A 464 11.09 0.09 -22.83
N LEU A 465 12.25 0.57 -23.27
CA LEU A 465 12.44 1.95 -23.70
C LEU A 465 12.86 1.93 -25.16
N VAL A 466 12.03 2.48 -26.03
CA VAL A 466 12.30 2.47 -27.46
C VAL A 466 12.66 3.89 -27.89
N SER A 467 13.76 4.00 -28.63
CA SER A 467 14.24 5.29 -29.12
C SER A 467 14.68 5.13 -30.56
N LEU A 468 15.18 6.23 -31.15
CA LEU A 468 15.56 6.22 -32.55
C LEU A 468 16.99 6.69 -32.79
N GLU A 469 17.80 6.78 -31.74
CA GLU A 469 19.19 7.14 -31.92
C GLU A 469 19.96 5.97 -32.55
N ASN A 470 21.12 6.30 -33.11
CA ASN A 470 21.95 5.26 -33.74
C ASN A 470 23.44 5.38 -33.44
N ASP A 471 23.93 6.50 -32.93
CA ASP A 471 25.35 6.64 -32.63
C ASP A 471 25.66 6.00 -31.28
N VAL A 472 26.68 5.15 -31.26
CA VAL A 472 26.97 4.35 -30.08
C VAL A 472 27.28 5.23 -28.87
N SER A 473 27.85 6.40 -29.09
CA SER A 473 28.06 7.33 -27.99
C SER A 473 26.73 7.75 -27.37
N ASN A 474 25.76 8.11 -28.22
CA ASN A 474 24.44 8.50 -27.70
C ASN A 474 23.76 7.33 -27.01
N ILE A 475 23.88 6.13 -27.58
CA ILE A 475 23.25 4.95 -26.98
C ILE A 475 23.86 4.66 -25.61
N THR A 476 25.19 4.74 -25.52
CA THR A 476 25.85 4.54 -24.24
C THR A 476 25.43 5.60 -23.25
N GLN A 477 25.28 6.85 -23.71
CA GLN A 477 24.87 7.92 -22.81
C GLN A 477 23.48 7.66 -22.25
N ILE A 478 22.55 7.24 -23.11
CA ILE A 478 21.20 6.94 -22.65
C ILE A 478 21.24 5.79 -21.64
N ALA A 479 22.00 4.75 -21.95
CA ALA A 479 22.06 3.60 -21.05
C ALA A 479 22.64 4.00 -19.70
N ASP A 480 23.70 4.81 -19.71
CA ASP A 480 24.33 5.22 -18.46
C ASP A 480 23.41 6.11 -17.64
N GLU A 481 22.67 7.00 -18.30
CA GLU A 481 21.76 7.87 -17.56
C GLU A 481 20.61 7.06 -16.98
N LEU A 482 20.13 6.05 -17.71
CA LEU A 482 19.11 5.17 -17.14
C LEU A 482 19.67 4.41 -15.94
N ARG A 483 20.92 3.98 -16.03
CA ARG A 483 21.53 3.26 -14.91
C ARG A 483 21.66 4.14 -13.68
N ASN A 484 22.06 5.39 -13.87
CA ASN A 484 22.36 6.23 -12.72
C ASN A 484 21.17 7.08 -12.25
N VAL A 485 20.02 7.01 -12.94
CA VAL A 485 18.85 7.72 -12.44
C VAL A 485 18.35 7.07 -11.15
N VAL A 486 18.79 5.83 -10.89
CA VAL A 486 18.44 5.13 -9.66
C VAL A 486 19.58 5.12 -8.66
N SER A 487 20.69 5.81 -8.97
CA SER A 487 21.90 5.70 -8.16
C SER A 487 21.64 5.98 -6.69
N LYS A 488 20.85 7.00 -6.41
CA LYS A 488 20.42 7.25 -5.04
C LYS A 488 19.42 6.16 -4.66
N PRO A 489 19.65 5.42 -3.58
CA PRO A 489 18.69 4.38 -3.18
C PRO A 489 17.32 4.97 -2.89
N ILE A 490 16.28 4.22 -3.24
CA ILE A 490 14.91 4.68 -3.09
C ILE A 490 14.56 4.77 -1.62
N MET A 491 14.52 5.99 -1.10
CA MET A 491 14.28 6.20 0.32
C MET A 491 12.79 6.07 0.62
N ILE A 492 12.41 4.97 1.25
CA ILE A 492 11.04 4.77 1.71
C ILE A 492 11.10 4.44 3.19
N ASP A 493 10.37 5.23 4.00
CA ASP A 493 10.40 5.12 5.45
C ASP A 493 11.85 5.18 5.96
N ASP A 494 12.67 5.99 5.30
CA ASP A 494 14.09 6.22 5.58
C ASP A 494 14.96 4.98 5.33
N LYS A 495 14.40 3.88 4.86
CA LYS A 495 15.19 2.67 4.64
C LYS A 495 15.74 2.67 3.24
N PRO A 496 17.07 2.61 3.06
CA PRO A 496 17.66 2.62 1.71
C PRO A 496 17.67 1.24 1.10
N PHE A 497 17.41 1.16 -0.20
CA PHE A 497 17.46 -0.09 -0.95
C PHE A 497 18.19 0.14 -2.26
N PRO A 498 19.35 -0.48 -2.47
CA PRO A 498 20.12 -0.26 -3.70
C PRO A 498 19.71 -1.12 -4.90
N LEU A 499 18.63 -0.72 -5.56
CA LEU A 499 18.17 -1.41 -6.75
C LEU A 499 19.19 -1.26 -7.88
N THR A 500 19.20 -2.24 -8.78
CA THR A 500 20.09 -2.17 -9.93
C THR A 500 19.29 -2.46 -11.19
N LEU A 501 19.91 -2.22 -12.34
CA LEU A 501 19.24 -2.34 -13.62
C LEU A 501 20.10 -3.11 -14.60
N SER A 502 19.44 -3.93 -15.41
CA SER A 502 20.08 -4.64 -16.51
C SER A 502 19.48 -4.16 -17.82
N ILE A 503 20.32 -3.87 -18.81
CA ILE A 503 19.83 -3.31 -20.07
C ILE A 503 20.38 -4.12 -21.23
N GLY A 504 19.51 -4.45 -22.18
CA GLY A 504 19.92 -5.14 -23.38
C GLY A 504 19.49 -4.34 -24.60
N ILE A 505 20.36 -4.31 -25.62
CA ILE A 505 20.16 -3.48 -26.80
C ILE A 505 20.08 -4.38 -28.03
N SER A 506 19.15 -4.07 -28.94
CA SER A 506 19.02 -4.80 -30.18
C SER A 506 18.91 -3.84 -31.35
N TYR A 507 19.56 -4.20 -32.45
CA TYR A 507 19.58 -3.43 -33.69
C TYR A 507 19.42 -4.35 -34.88
N ASP A 508 18.97 -3.78 -35.98
CA ASP A 508 19.00 -4.38 -37.30
C ASP A 508 18.48 -3.33 -38.26
N LEU A 509 18.45 -3.67 -39.54
CA LEU A 509 17.77 -2.82 -40.51
C LEU A 509 16.26 -3.02 -40.48
N GLY A 510 15.73 -3.63 -39.43
CA GLY A 510 14.33 -3.98 -39.35
C GLY A 510 14.16 -5.47 -39.13
N LYS A 511 13.44 -5.84 -38.07
CA LYS A 511 13.30 -7.25 -37.75
C LYS A 511 11.95 -7.43 -37.05
N ASN A 512 11.65 -8.69 -36.72
CA ASN A 512 10.29 -9.03 -36.29
C ASN A 512 9.91 -8.33 -34.98
N ARG A 513 8.63 -8.03 -34.87
CA ARG A 513 8.12 -7.16 -33.81
C ARG A 513 8.31 -7.77 -32.43
N ASP A 514 8.10 -9.09 -32.31
CA ASP A 514 8.37 -9.79 -31.06
C ASP A 514 9.81 -10.27 -30.97
N TYR A 515 10.52 -10.33 -32.09
CA TYR A 515 11.92 -10.73 -32.06
C TYR A 515 12.78 -9.62 -31.48
N LEU A 516 12.43 -8.35 -31.71
CA LEU A 516 13.11 -7.26 -31.02
C LEU A 516 12.81 -7.23 -29.53
N LEU A 517 12.03 -8.17 -29.00
CA LEU A 517 11.90 -8.38 -27.57
C LEU A 517 12.59 -9.65 -27.11
N SER A 518 12.49 -10.72 -27.89
CA SER A 518 13.19 -11.96 -27.53
C SER A 518 14.71 -11.78 -27.55
N THR A 519 15.22 -11.11 -28.59
CA THR A 519 16.65 -10.85 -28.66
C THR A 519 17.10 -9.97 -27.50
N ALA A 520 16.32 -8.95 -27.17
CA ALA A 520 16.62 -8.10 -26.04
C ALA A 520 16.64 -8.91 -24.76
N HIS A 521 15.74 -9.88 -24.65
CA HIS A 521 15.71 -10.70 -23.44
C HIS A 521 16.90 -11.64 -23.35
N ASN A 522 17.48 -12.04 -24.49
CA ASN A 522 18.77 -12.73 -24.43
C ASN A 522 19.80 -11.93 -23.66
N ALA A 523 19.98 -10.66 -24.03
CA ALA A 523 20.96 -9.82 -23.35
C ALA A 523 20.57 -9.58 -21.90
N MET A 524 19.28 -9.35 -21.65
CA MET A 524 18.85 -9.09 -20.28
C MET A 524 19.12 -10.30 -19.39
N ASP A 525 18.78 -11.50 -19.86
CA ASP A 525 19.02 -12.70 -19.08
C ASP A 525 20.50 -12.94 -18.86
N TYR A 526 21.32 -12.73 -19.90
CA TYR A 526 22.77 -12.85 -19.77
C TYR A 526 23.28 -11.97 -18.64
N ILE A 527 22.93 -10.68 -18.69
CA ILE A 527 23.44 -9.76 -17.68
C ILE A 527 22.90 -10.12 -16.30
N ARG A 528 21.60 -10.42 -16.21
CA ARG A 528 21.01 -10.72 -14.91
C ARG A 528 21.66 -11.94 -14.26
N LYS A 529 21.98 -12.95 -15.07
CA LYS A 529 22.60 -14.14 -14.49
C LYS A 529 24.08 -13.91 -14.17
N ASN A 530 24.75 -13.03 -14.91
CA ASN A 530 26.19 -12.85 -14.75
C ASN A 530 26.56 -11.58 -14.00
N GLY A 531 25.60 -10.92 -13.35
CA GLY A 531 25.91 -9.70 -12.60
C GLY A 531 24.79 -8.68 -12.59
N GLY A 532 24.44 -8.18 -11.41
CA GLY A 532 23.17 -7.48 -11.25
C GLY A 532 23.02 -6.24 -12.13
N ASN A 533 24.03 -5.38 -12.13
CA ASN A 533 23.92 -4.05 -12.73
C ASN A 533 24.80 -3.96 -13.96
N GLY A 534 24.20 -3.60 -15.10
CA GLY A 534 25.00 -3.45 -16.30
C GLY A 534 24.12 -3.49 -17.55
N TRP A 535 24.79 -3.50 -18.71
CA TRP A 535 24.09 -3.47 -19.98
C TRP A 535 24.96 -4.07 -21.07
N GLN A 536 24.32 -4.57 -22.11
CA GLN A 536 25.02 -5.19 -23.23
C GLN A 536 24.29 -4.97 -24.54
N PHE A 537 25.06 -4.78 -25.60
CA PHE A 537 24.61 -5.01 -26.96
C PHE A 537 24.69 -6.51 -27.23
N PHE A 538 24.61 -6.91 -28.49
CA PHE A 538 24.80 -8.28 -28.88
C PHE A 538 26.28 -8.53 -29.19
N SER A 539 26.77 -9.68 -28.73
CA SER A 539 28.20 -10.00 -28.84
C SER A 539 28.75 -9.97 -30.26
N PRO A 540 28.08 -10.54 -31.28
CA PRO A 540 28.78 -10.73 -32.57
C PRO A 540 29.33 -9.47 -33.20
N ALA A 541 28.68 -8.34 -32.98
CA ALA A 541 29.17 -7.19 -33.74
C ALA A 541 29.66 -6.04 -32.87
N MET A 542 28.85 -5.55 -31.95
CA MET A 542 29.12 -4.25 -31.33
C MET A 542 29.25 -4.27 -29.82
N ASN A 543 28.87 -5.35 -29.14
CA ASN A 543 29.24 -5.48 -27.74
C ASN A 543 30.76 -5.46 -27.58
N GLU A 544 31.48 -6.00 -28.56
CA GLU A 544 32.94 -5.89 -28.57
C GLU A 544 33.39 -4.50 -29.02
N MET A 545 32.61 -3.84 -29.88
CA MET A 545 32.98 -2.50 -30.34
C MET A 545 32.93 -1.49 -29.19
N VAL A 546 31.98 -1.67 -28.28
CA VAL A 546 31.95 -0.85 -27.08
C VAL A 546 33.26 -0.99 -26.32
N LYS A 547 33.74 -2.23 -26.18
CA LYS A 547 35.00 -2.46 -25.48
C LYS A 547 36.18 -1.89 -26.25
N GLU A 548 36.13 -1.95 -27.58
CA GLU A 548 37.18 -1.36 -28.39
C GLU A 548 37.27 0.14 -28.17
N ARG A 549 36.11 0.81 -28.14
CA ARG A 549 36.10 2.25 -27.86
C ARG A 549 36.58 2.54 -26.45
N LEU A 550 36.21 1.70 -25.48
CA LEU A 550 36.69 1.92 -24.12
C LEU A 550 38.21 1.77 -24.04
N VAL A 551 38.75 0.80 -24.77
CA VAL A 551 40.20 0.63 -24.80
C VAL A 551 40.88 1.84 -25.42
N LEU A 552 40.28 2.36 -26.50
CA LEU A 552 40.82 3.59 -27.08
C LEU A 552 40.76 4.74 -26.07
N GLY A 553 39.72 4.77 -25.24
CA GLY A 553 39.65 5.79 -24.21
C GLY A 553 40.77 5.66 -23.19
N ALA A 554 41.04 4.43 -22.77
CA ALA A 554 42.15 4.21 -21.85
C ALA A 554 43.47 4.63 -22.49
N ALA A 555 43.63 4.34 -23.78
CA ALA A 555 44.85 4.74 -24.48
C ALA A 555 44.96 6.25 -24.55
N LEU A 556 43.84 6.95 -24.77
CA LEU A 556 43.87 8.41 -24.80
C LEU A 556 44.26 8.97 -23.44
N LYS A 557 43.76 8.36 -22.37
CA LYS A 557 44.18 8.78 -21.04
C LYS A 557 45.68 8.61 -20.87
N GLU A 558 46.20 7.45 -21.31
CA GLU A 558 47.64 7.22 -21.20
C GLU A 558 48.43 8.24 -22.00
N ALA A 559 47.99 8.54 -23.21
CA ALA A 559 48.72 9.46 -24.07
C ALA A 559 48.69 10.88 -23.53
N ILE A 560 47.52 11.34 -23.06
CA ILE A 560 47.45 12.70 -22.52
C ILE A 560 48.23 12.79 -21.22
N SER A 561 48.33 11.69 -20.47
CA SER A 561 49.18 11.71 -19.28
C SER A 561 50.65 11.81 -19.67
N ASN A 562 51.10 10.97 -20.60
CA ASN A 562 52.52 10.87 -20.94
C ASN A 562 52.84 11.56 -22.25
N ASN A 563 52.19 12.69 -22.52
CA ASN A 563 52.54 13.63 -23.60
C ASN A 563 52.92 12.92 -24.90
N GLN A 564 52.11 11.94 -25.28
CA GLN A 564 52.29 11.28 -26.55
C GLN A 564 51.72 12.06 -27.72
N LEU A 565 50.87 13.05 -27.44
CA LEU A 565 50.30 13.88 -28.50
C LEU A 565 51.38 14.76 -29.10
N LYS A 566 51.01 15.60 -30.06
CA LYS A 566 51.96 16.51 -30.68
C LYS A 566 51.25 17.63 -31.42
N LEU A 567 51.58 18.88 -31.10
CA LEU A 567 50.98 20.00 -31.80
C LEU A 567 51.46 20.04 -33.25
N VAL A 568 50.61 20.54 -34.13
CA VAL A 568 50.92 20.66 -35.54
C VAL A 568 50.58 22.07 -36.01
N TYR A 569 51.25 22.51 -37.07
CA TYR A 569 51.25 23.91 -37.48
C TYR A 569 50.95 24.05 -38.96
N GLN A 570 50.21 25.11 -39.29
CA GLN A 570 49.74 25.37 -40.65
C GLN A 570 49.72 26.87 -40.91
N PRO A 571 50.48 27.35 -41.90
CA PRO A 571 50.74 28.79 -42.01
C PRO A 571 49.52 29.55 -42.52
N GLN A 572 49.59 30.86 -42.34
CA GLN A 572 48.63 31.80 -42.90
C GLN A 572 49.40 32.87 -43.66
N ILE A 573 48.88 33.26 -44.83
CA ILE A 573 49.55 34.21 -45.70
C ILE A 573 48.58 35.29 -46.12
N PHE A 574 49.00 36.54 -46.05
CA PHE A 574 48.20 37.66 -46.52
C PHE A 574 47.82 37.44 -47.98
N ALA A 575 46.56 37.68 -48.32
CA ALA A 575 46.15 37.54 -49.72
C ALA A 575 46.81 38.62 -50.57
N GLU A 576 46.70 39.87 -50.15
CA GLU A 576 47.53 40.91 -50.73
C GLU A 576 48.98 40.57 -50.44
N THR A 577 49.76 40.38 -51.50
CA THR A 577 51.08 39.74 -51.44
C THR A 577 51.86 40.21 -50.24
N GLY A 578 52.23 39.27 -49.38
CA GLY A 578 52.88 39.65 -48.14
C GLY A 578 53.32 38.43 -47.35
N GLU A 579 53.76 38.69 -46.13
CA GLU A 579 54.41 37.71 -45.29
C GLU A 579 53.38 36.98 -44.43
N LEU A 580 53.85 36.28 -43.39
CA LEU A 580 52.97 35.48 -42.56
C LEU A 580 52.12 36.35 -41.64
N TYR A 581 50.90 35.87 -41.38
CA TYR A 581 50.00 36.47 -40.39
C TYR A 581 50.05 35.71 -39.07
N GLY A 582 49.76 34.41 -39.11
CA GLY A 582 49.79 33.61 -37.90
C GLY A 582 50.04 32.15 -38.22
N ILE A 583 50.38 31.42 -37.16
CA ILE A 583 50.59 29.98 -37.21
C ILE A 583 49.56 29.34 -36.29
N GLU A 584 48.84 28.35 -36.79
CA GLU A 584 47.77 27.72 -36.07
C GLU A 584 48.28 26.49 -35.33
N ALA A 585 47.49 26.03 -34.37
CA ALA A 585 47.79 24.83 -33.61
C ALA A 585 46.62 23.85 -33.73
N LEU A 586 46.95 22.57 -33.88
CA LEU A 586 45.95 21.51 -33.88
C LEU A 586 46.55 20.29 -33.20
N ALA A 587 45.74 19.63 -32.38
CA ALA A 587 46.23 18.45 -31.67
C ALA A 587 46.24 17.24 -32.58
N ARG A 588 47.33 16.46 -32.49
CA ARG A 588 47.49 15.28 -33.33
C ARG A 588 47.96 14.11 -32.46
N TRP A 589 47.43 12.93 -32.75
CA TRP A 589 47.70 11.74 -31.95
C TRP A 589 48.11 10.59 -32.85
N HIS A 590 49.03 9.75 -32.35
CA HIS A 590 49.47 8.58 -33.11
C HIS A 590 50.09 7.57 -32.15
N ASP A 591 49.39 6.46 -31.92
CA ASP A 591 49.93 5.32 -31.17
C ASP A 591 49.88 4.08 -32.05
N PRO A 592 50.98 3.33 -32.14
CA PRO A 592 51.01 2.18 -33.06
C PRO A 592 49.95 1.13 -32.76
N LEU A 593 49.60 0.93 -31.49
CA LEU A 593 48.60 -0.07 -31.15
C LEU A 593 47.22 0.30 -31.68
N HIS A 594 46.91 1.59 -31.70
CA HIS A 594 45.61 2.05 -32.14
C HIS A 594 45.64 2.85 -33.43
N GLY A 595 46.81 3.14 -33.98
CA GLY A 595 46.91 3.87 -35.21
C GLY A 595 46.98 5.37 -35.01
N HIS A 596 46.77 6.09 -36.12
CA HIS A 596 46.80 7.54 -36.11
C HIS A 596 45.38 8.10 -35.95
N VAL A 597 44.93 8.13 -34.71
CA VAL A 597 43.57 8.61 -34.42
C VAL A 597 43.47 10.08 -34.79
N PRO A 598 42.44 10.49 -35.52
CA PRO A 598 42.33 11.88 -35.93
C PRO A 598 41.54 12.70 -34.93
N PRO A 599 41.59 14.03 -35.03
CA PRO A 599 40.86 14.87 -34.06
C PRO A 599 39.37 14.60 -34.05
N SER A 600 38.77 14.39 -35.22
CA SER A 600 37.34 14.11 -35.27
C SER A 600 36.99 12.85 -34.48
N ARG A 601 37.96 11.97 -34.28
CA ARG A 601 37.69 10.77 -33.50
C ARG A 601 38.01 10.95 -32.03
N PHE A 602 39.06 11.67 -31.68
CA PHE A 602 39.50 11.66 -30.29
C PHE A 602 39.08 12.89 -29.49
N ILE A 603 38.48 13.91 -30.10
CA ILE A 603 37.99 15.02 -29.30
C ILE A 603 36.66 14.68 -28.64
N PRO A 604 35.64 14.20 -29.36
CA PRO A 604 34.42 13.76 -28.67
C PRO A 604 34.66 12.65 -27.67
N LEU A 605 35.60 11.74 -27.96
CA LEU A 605 36.01 10.76 -26.97
C LEU A 605 36.64 11.44 -25.76
N ALA A 606 37.43 12.48 -26.00
CA ALA A 606 38.04 13.19 -24.90
C ALA A 606 36.99 13.79 -24.00
N GLU A 607 35.92 14.34 -24.59
CA GLU A 607 34.83 14.86 -23.78
C GLU A 607 34.12 13.74 -23.03
N GLU A 608 33.83 12.64 -23.71
CA GLU A 608 33.04 11.57 -23.10
C GLU A 608 33.77 10.94 -21.91
N ILE A 609 35.06 10.68 -22.08
CA ILE A 609 35.81 9.97 -21.05
C ILE A 609 35.96 10.76 -19.77
N GLY A 610 35.91 12.09 -19.85
CA GLY A 610 36.00 12.91 -18.66
C GLY A 610 37.38 13.49 -18.41
N GLU A 611 38.22 13.48 -19.44
CA GLU A 611 39.58 14.00 -19.33
C GLU A 611 39.81 15.18 -20.27
N ILE A 612 38.78 15.99 -20.51
CA ILE A 612 38.91 17.09 -21.47
C ILE A 612 39.81 18.18 -20.93
N GLU A 613 39.83 18.38 -19.62
CA GLU A 613 40.63 19.47 -19.06
C GLU A 613 42.11 19.24 -19.27
N ASN A 614 42.55 17.98 -19.25
CA ASN A 614 43.96 17.69 -19.40
C ASN A 614 44.45 18.11 -20.78
N ILE A 615 43.75 17.70 -21.84
CA ILE A 615 44.14 18.12 -23.18
C ILE A 615 43.95 19.63 -23.32
N GLY A 616 42.93 20.18 -22.66
CA GLY A 616 42.72 21.61 -22.75
C GLY A 616 43.89 22.42 -22.22
N ARG A 617 44.45 22.01 -21.10
CA ARG A 617 45.60 22.73 -20.57
C ARG A 617 46.87 22.40 -21.33
N TRP A 618 46.99 21.15 -21.81
CA TRP A 618 48.20 20.76 -22.51
C TRP A 618 48.37 21.49 -23.83
N VAL A 619 47.26 21.70 -24.55
CA VAL A 619 47.35 22.26 -25.89
C VAL A 619 47.94 23.66 -25.86
N ILE A 620 47.84 24.34 -24.72
CA ILE A 620 48.33 25.71 -24.61
C ILE A 620 49.65 25.75 -23.85
N ALA A 621 49.86 24.82 -22.92
CA ALA A 621 51.15 24.74 -22.27
C ALA A 621 52.24 24.44 -23.29
N GLU A 622 52.00 23.44 -24.14
CA GLU A 622 52.94 23.16 -25.22
C GLU A 622 53.05 24.36 -26.15
N ALA A 623 51.97 25.11 -26.31
CA ALA A 623 52.01 26.28 -27.19
C ALA A 623 53.01 27.31 -26.67
N CYS A 624 52.89 27.65 -25.39
CA CYS A 624 53.78 28.64 -24.81
C CYS A 624 55.23 28.17 -24.86
N ARG A 625 55.46 26.90 -24.50
CA ARG A 625 56.83 26.38 -24.55
C ARG A 625 57.39 26.44 -25.97
N GLN A 626 56.56 26.09 -26.96
CA GLN A 626 57.05 26.05 -28.33
C GLN A 626 57.35 27.45 -28.85
N LEU A 627 56.53 28.45 -28.49
CA LEU A 627 56.89 29.81 -28.86
C LEU A 627 58.19 30.23 -28.21
N ALA A 628 58.40 29.86 -26.95
CA ALA A 628 59.66 30.17 -26.29
C ALA A 628 60.82 29.57 -27.05
N GLU A 629 60.68 28.32 -27.49
CA GLU A 629 61.77 27.65 -28.20
C GLU A 629 62.02 28.28 -29.57
N TRP A 630 60.95 28.67 -30.27
CA TRP A 630 61.10 29.25 -31.60
C TRP A 630 61.75 30.62 -31.53
N ARG A 631 61.46 31.37 -30.46
CA ARG A 631 62.03 32.69 -30.29
C ARG A 631 63.56 32.67 -30.25
N SER A 632 64.15 31.52 -29.91
CA SER A 632 65.60 31.45 -29.75
C SER A 632 66.34 31.83 -31.03
N GLN A 633 65.69 31.70 -32.18
CA GLN A 633 66.28 32.04 -33.46
C GLN A 633 65.52 33.20 -34.09
N ASN A 634 65.85 33.49 -35.35
CA ASN A 634 65.26 34.62 -36.05
C ASN A 634 63.76 34.46 -36.29
N ILE A 635 63.15 33.35 -35.85
CA ILE A 635 61.72 33.17 -35.99
C ILE A 635 61.00 34.23 -35.16
N HIS A 636 60.05 34.92 -35.78
CA HIS A 636 59.40 36.08 -35.15
C HIS A 636 57.97 35.84 -34.70
N ILE A 637 57.26 34.88 -35.29
CA ILE A 637 55.91 34.51 -34.87
C ILE A 637 54.97 35.71 -34.96
N PRO A 638 54.54 36.10 -36.16
CA PRO A 638 53.62 37.25 -36.26
C PRO A 638 52.34 37.07 -35.47
N ALA A 639 51.77 35.86 -35.48
CA ALA A 639 50.69 35.53 -34.55
C ALA A 639 50.71 34.01 -34.35
N LEU A 640 50.14 33.57 -33.23
CA LEU A 640 49.92 32.15 -33.04
C LEU A 640 48.53 31.92 -32.45
N SER A 641 47.87 30.89 -32.93
CA SER A 641 46.47 30.62 -32.59
C SER A 641 46.29 29.18 -32.15
N VAL A 642 46.20 28.97 -30.85
CA VAL A 642 45.59 27.76 -30.31
C VAL A 642 44.10 27.90 -30.57
N ASN A 643 43.38 26.78 -30.61
CA ASN A 643 41.98 26.85 -30.98
C ASN A 643 41.12 27.16 -29.76
N LEU A 644 41.08 26.26 -28.79
CA LEU A 644 40.32 26.36 -27.55
C LEU A 644 38.82 26.44 -27.77
N SER A 645 38.33 26.09 -28.96
CA SER A 645 36.89 26.09 -29.22
C SER A 645 36.37 24.74 -29.67
N ALA A 646 37.10 24.04 -30.54
CA ALA A 646 36.73 22.68 -30.88
C ALA A 646 37.07 21.69 -29.78
N LEU A 647 37.81 22.12 -28.76
CA LEU A 647 38.17 21.28 -27.64
C LEU A 647 37.10 21.27 -26.55
N HIS A 648 36.01 22.00 -26.75
CA HIS A 648 34.83 21.96 -25.87
C HIS A 648 35.20 22.36 -24.44
N PHE A 649 35.71 23.58 -24.30
CA PHE A 649 36.04 24.10 -22.99
C PHE A 649 34.77 24.41 -22.20
N ARG A 650 34.87 24.25 -20.89
CA ARG A 650 33.78 24.63 -19.99
C ARG A 650 34.12 25.95 -19.29
N SER A 651 33.11 26.56 -18.68
CA SER A 651 33.33 27.81 -17.98
C SER A 651 33.93 27.59 -16.59
N ASN A 652 33.97 26.35 -16.11
CA ASN A 652 34.43 26.11 -14.74
C ASN A 652 35.90 26.49 -14.57
N GLN A 653 36.75 26.10 -15.52
CA GLN A 653 38.18 26.34 -15.41
C GLN A 653 38.74 27.00 -16.65
N LEU A 654 37.93 27.76 -17.38
CA LEU A 654 38.42 28.41 -18.59
C LEU A 654 39.53 29.43 -18.33
N PRO A 655 39.39 30.38 -17.40
CA PRO A 655 40.38 31.47 -17.34
C PRO A 655 41.69 31.11 -16.63
N ASN A 656 41.61 30.29 -15.58
CA ASN A 656 42.77 30.09 -14.73
C ASN A 656 43.91 29.43 -15.49
N GLN A 657 43.61 28.40 -16.28
CA GLN A 657 44.66 27.68 -16.99
C GLN A 657 45.29 28.56 -18.06
N VAL A 658 44.47 29.25 -18.85
CA VAL A 658 45.00 30.11 -19.90
C VAL A 658 45.79 31.26 -19.31
N SER A 659 45.42 31.72 -18.11
CA SER A 659 46.17 32.79 -17.46
C SER A 659 47.52 32.29 -16.95
N ASP A 660 47.52 31.13 -16.30
CA ASP A 660 48.77 30.61 -15.74
C ASP A 660 49.72 30.15 -16.83
N ALA A 661 49.19 29.81 -18.01
CA ALA A 661 50.07 29.41 -19.10
C ALA A 661 50.99 30.54 -19.52
N MET A 662 50.55 31.78 -19.36
CA MET A 662 51.39 32.91 -19.73
C MET A 662 52.64 32.98 -18.86
N HIS A 663 52.48 32.95 -17.55
CA HIS A 663 53.60 33.03 -16.62
C HIS A 663 54.33 31.71 -16.45
N ALA A 664 53.77 30.61 -16.97
CA ALA A 664 54.47 29.33 -16.88
C ALA A 664 55.81 29.37 -17.59
N TRP A 665 55.93 30.18 -18.65
CA TRP A 665 57.19 30.33 -19.36
C TRP A 665 57.47 31.78 -19.72
N GLY A 666 56.66 32.72 -19.23
CA GLY A 666 56.90 34.11 -19.51
C GLY A 666 56.72 34.44 -20.99
N ILE A 667 55.49 34.36 -21.47
CA ILE A 667 55.16 34.66 -22.85
C ILE A 667 54.25 35.89 -22.89
N ASP A 668 54.53 36.79 -23.84
CA ASP A 668 53.72 37.98 -24.03
C ASP A 668 52.35 37.59 -24.57
N GLY A 669 51.35 38.41 -24.24
CA GLY A 669 49.98 38.09 -24.58
C GLY A 669 49.52 38.63 -25.92
N HIS A 670 50.44 39.18 -26.71
CA HIS A 670 50.08 39.79 -27.99
C HIS A 670 50.39 38.92 -29.19
N GLN A 671 50.68 37.63 -28.97
CA GLN A 671 50.85 36.68 -30.07
C GLN A 671 49.92 35.49 -29.97
N LEU A 672 49.60 35.05 -28.76
CA LEU A 672 48.64 33.97 -28.55
C LEU A 672 47.23 34.47 -28.83
N THR A 673 46.34 33.55 -29.18
CA THR A 673 44.98 33.86 -29.63
C THR A 673 44.03 32.78 -29.14
N VAL A 674 42.75 33.12 -29.03
CA VAL A 674 41.73 32.17 -28.62
C VAL A 674 40.57 32.26 -29.60
N GLU A 675 40.09 31.10 -30.03
CA GLU A 675 38.89 30.99 -30.83
C GLU A 675 37.76 30.48 -29.95
N ILE A 676 36.57 31.01 -30.19
CA ILE A 676 35.41 30.73 -29.35
C ILE A 676 34.18 30.66 -30.25
N THR A 677 33.19 29.90 -29.80
CA THR A 677 31.97 29.66 -30.55
C THR A 677 30.77 30.16 -29.74
N GLU A 678 29.76 30.66 -30.45
CA GLU A 678 28.59 31.19 -29.77
C GLU A 678 27.86 30.11 -28.97
N SER A 679 27.96 28.85 -29.41
CA SER A 679 27.27 27.78 -28.69
C SER A 679 27.80 27.64 -27.27
N MET A 680 29.13 27.66 -27.10
CA MET A 680 29.72 27.68 -25.78
C MET A 680 29.63 29.04 -25.11
N MET A 681 29.57 30.12 -25.88
CA MET A 681 29.47 31.46 -25.31
C MET A 681 28.14 31.71 -24.62
N MET A 682 27.04 31.18 -25.16
CA MET A 682 25.71 31.47 -24.63
C MET A 682 25.15 30.28 -23.86
N GLU A 683 26.03 29.39 -23.37
CA GLU A 683 25.58 28.34 -22.47
C GLU A 683 24.99 28.94 -21.19
N HIS A 684 25.65 29.96 -20.65
CA HIS A 684 25.10 30.74 -19.54
C HIS A 684 25.41 32.20 -19.83
N ASP A 685 24.39 33.05 -19.77
CA ASP A 685 24.55 34.45 -20.17
C ASP A 685 25.27 35.28 -19.12
N THR A 686 25.91 34.65 -18.14
CA THR A 686 26.44 35.41 -17.01
C THR A 686 27.96 35.42 -16.97
N GLU A 687 28.59 34.24 -16.97
CA GLU A 687 29.97 34.13 -16.51
C GLU A 687 31.00 33.96 -17.62
N ILE A 688 30.64 33.39 -18.77
CA ILE A 688 31.66 33.07 -19.76
C ILE A 688 32.31 34.34 -20.29
N PHE A 689 31.51 35.32 -20.70
CA PHE A 689 32.09 36.55 -21.23
C PHE A 689 32.81 37.32 -20.13
N LYS A 690 32.34 37.23 -18.89
CA LYS A 690 33.06 37.86 -17.79
C LYS A 690 34.45 37.25 -17.63
N ARG A 691 34.55 35.92 -17.77
CA ARG A 691 35.86 35.28 -17.72
C ARG A 691 36.73 35.75 -18.88
N ILE A 692 36.14 35.81 -20.08
CA ILE A 692 36.88 36.25 -21.25
C ILE A 692 37.32 37.71 -21.11
N GLN A 693 36.66 38.48 -20.25
CA GLN A 693 37.07 39.87 -20.05
C GLN A 693 38.49 39.96 -19.53
N ILE A 694 38.85 39.09 -18.58
CA ILE A 694 40.20 39.13 -18.02
C ILE A 694 41.24 38.84 -19.11
N LEU A 695 40.97 37.82 -19.93
CA LEU A 695 41.90 37.49 -21.01
C LEU A 695 41.99 38.62 -22.03
N ARG A 696 40.86 39.22 -22.38
CA ARG A 696 40.86 40.30 -23.35
C ARG A 696 41.63 41.51 -22.81
N ASP A 697 41.51 41.78 -21.51
CA ASP A 697 42.34 42.80 -20.88
C ASP A 697 43.81 42.42 -20.93
N MET A 698 44.11 41.12 -20.78
CA MET A 698 45.49 40.66 -20.90
C MET A 698 46.04 40.96 -22.29
N GLY A 699 45.23 40.78 -23.33
CA GLY A 699 45.62 41.12 -24.68
C GLY A 699 45.65 39.97 -25.65
N VAL A 700 45.38 38.75 -25.21
CA VAL A 700 45.28 37.63 -26.11
C VAL A 700 44.12 37.84 -27.06
N GLY A 701 44.36 37.65 -28.35
CA GLY A 701 43.33 37.90 -29.34
C GLY A 701 42.15 36.96 -29.17
N LEU A 702 40.97 37.46 -29.53
CA LEU A 702 39.74 36.68 -29.50
C LEU A 702 39.19 36.60 -30.91
N SER A 703 39.51 35.52 -31.62
CA SER A 703 38.86 35.26 -32.89
C SER A 703 37.45 34.75 -32.64
N VAL A 704 36.70 34.54 -33.71
CA VAL A 704 35.37 33.94 -33.59
C VAL A 704 35.07 33.23 -34.89
N ASP A 705 34.03 32.41 -34.88
CA ASP A 705 33.50 31.61 -35.95
C ASP A 705 32.11 32.18 -36.24
N ASP A 706 31.25 31.38 -36.87
CA ASP A 706 29.93 31.82 -37.30
C ASP A 706 29.34 32.83 -36.32
N PHE A 707 28.76 33.89 -36.86
CA PHE A 707 28.54 35.13 -36.14
C PHE A 707 27.64 34.93 -34.92
N GLY A 708 27.61 35.94 -34.06
CA GLY A 708 26.78 35.87 -32.88
C GLY A 708 25.31 36.03 -33.20
N THR A 709 24.49 36.01 -32.14
CA THR A 709 23.05 36.13 -32.28
C THR A 709 22.47 37.36 -31.59
N GLY A 710 23.22 37.98 -30.67
CA GLY A 710 22.69 39.10 -29.90
C GLY A 710 22.77 40.44 -30.60
N PHE A 711 22.24 40.51 -31.83
CA PHE A 711 22.24 41.73 -32.63
C PHE A 711 23.65 42.31 -32.75
N SER A 712 24.65 41.44 -32.87
CA SER A 712 26.04 41.83 -33.10
C SER A 712 26.60 42.69 -31.97
N GLY A 713 25.98 42.66 -30.79
CA GLY A 713 26.39 43.55 -29.74
C GLY A 713 27.68 43.14 -29.06
N LEU A 714 27.64 42.00 -28.36
CA LEU A 714 28.83 41.51 -27.68
C LEU A 714 29.91 41.10 -28.66
N SER A 715 29.54 40.88 -29.92
CA SER A 715 30.54 40.69 -30.96
C SER A 715 31.25 41.98 -31.30
N ARG A 716 30.81 43.10 -30.75
CA ARG A 716 31.35 44.41 -31.05
C ARG A 716 31.97 45.09 -29.84
N LEU A 717 31.34 44.97 -28.68
CA LEU A 717 31.65 45.83 -27.55
C LEU A 717 32.32 45.12 -26.39
N VAL A 718 31.79 43.99 -25.94
CA VAL A 718 32.27 43.44 -24.67
C VAL A 718 33.67 42.88 -24.79
N SER A 719 33.98 42.24 -25.93
CA SER A 719 35.23 41.51 -26.06
C SER A 719 35.99 41.80 -27.35
N LEU A 720 35.42 42.59 -28.25
CA LEU A 720 36.04 42.93 -29.53
C LEU A 720 36.47 41.69 -30.32
N PRO A 721 35.60 40.69 -30.50
CA PRO A 721 36.04 39.46 -31.18
C PRO A 721 36.18 39.61 -32.67
N VAL A 722 36.14 40.82 -33.20
CA VAL A 722 36.31 41.03 -34.63
C VAL A 722 37.76 41.47 -34.85
N THR A 723 38.63 41.15 -33.89
CA THR A 723 40.06 41.28 -34.15
C THR A 723 40.39 40.52 -35.42
N GLU A 724 39.99 39.25 -35.44
CA GLU A 724 39.86 38.52 -36.69
C GLU A 724 38.62 37.66 -36.58
N ILE A 725 37.86 37.60 -37.65
CA ILE A 725 36.77 36.65 -37.73
C ILE A 725 37.03 35.72 -38.91
N LYS A 726 36.61 34.48 -38.76
CA LYS A 726 37.02 33.39 -39.62
C LYS A 726 35.87 33.00 -40.55
N ILE A 727 36.21 32.18 -41.53
CA ILE A 727 35.22 31.53 -42.38
C ILE A 727 35.39 30.03 -42.23
N ASP A 728 34.30 29.35 -41.88
CA ASP A 728 34.38 27.91 -41.67
C ASP A 728 34.72 27.19 -42.97
N LYS A 729 35.29 26.00 -42.84
CA LYS A 729 35.67 25.22 -44.00
C LYS A 729 34.47 24.93 -44.90
N SER A 730 33.30 24.73 -44.30
CA SER A 730 32.15 24.25 -45.04
C SER A 730 31.60 25.26 -46.04
N PHE A 731 31.99 26.53 -45.94
CA PHE A 731 31.49 27.52 -46.87
C PHE A 731 32.40 27.73 -48.06
N VAL A 732 33.72 27.71 -47.85
CA VAL A 732 34.65 28.05 -48.92
C VAL A 732 34.58 27.01 -50.04
N ASP A 733 34.51 25.73 -49.66
CA ASP A 733 34.46 24.67 -50.67
C ASP A 733 33.17 24.73 -51.47
N ARG A 734 32.09 25.18 -50.84
CA ARG A 734 30.80 25.30 -51.50
C ARG A 734 30.53 26.71 -52.01
N CYS A 735 31.56 27.57 -52.03
CA CYS A 735 31.38 28.98 -52.37
C CYS A 735 30.82 29.18 -53.78
N LEU A 736 30.96 28.20 -54.67
CA LEU A 736 30.45 28.36 -56.03
C LEU A 736 28.94 28.42 -56.09
N THR A 737 28.24 28.11 -55.00
CA THR A 737 26.79 28.25 -54.94
C THR A 737 26.37 29.53 -54.22
N GLU A 738 26.95 29.78 -53.04
CA GLU A 738 26.65 31.00 -52.28
C GLU A 738 27.60 32.13 -52.70
N LYS A 739 27.38 32.61 -53.93
CA LYS A 739 28.14 33.78 -54.39
C LYS A 739 27.86 35.00 -53.54
N ARG A 740 26.76 34.98 -52.78
CA ARG A 740 26.37 36.13 -51.97
C ARG A 740 27.34 36.37 -50.83
N ILE A 741 28.23 35.42 -50.54
CA ILE A 741 29.25 35.60 -49.51
C ILE A 741 30.13 36.81 -49.76
N LEU A 742 30.10 37.35 -50.99
CA LEU A 742 30.75 38.65 -51.21
C LEU A 742 30.17 39.70 -50.29
N ALA A 743 28.87 39.64 -50.01
CA ALA A 743 28.26 40.59 -49.09
C ALA A 743 28.80 40.39 -47.68
N LEU A 744 28.98 39.14 -47.25
CA LEU A 744 29.55 38.89 -45.93
C LEU A 744 30.95 39.47 -45.84
N LEU A 745 31.77 39.21 -46.85
CA LEU A 745 33.15 39.68 -46.80
C LEU A 745 33.21 41.20 -46.86
N GLU A 746 32.32 41.83 -47.63
CA GLU A 746 32.25 43.28 -47.63
C GLU A 746 31.81 43.82 -46.28
N ALA A 747 30.87 43.13 -45.62
CA ALA A 747 30.42 43.54 -44.30
C ALA A 747 31.57 43.50 -43.31
N ILE A 748 32.38 42.46 -43.36
CA ILE A 748 33.56 42.40 -42.52
C ILE A 748 34.53 43.51 -42.87
N THR A 749 34.78 43.69 -44.17
CA THR A 749 35.81 44.62 -44.62
C THR A 749 35.46 46.05 -44.28
N SER A 750 34.17 46.36 -44.15
CA SER A 750 33.76 47.70 -43.72
C SER A 750 34.35 48.01 -42.36
N ILE A 751 34.00 47.23 -41.35
CA ILE A 751 34.48 47.48 -40.01
C ILE A 751 35.99 47.29 -39.95
N GLY A 752 36.53 46.43 -40.81
CA GLY A 752 37.96 46.21 -40.89
C GLY A 752 38.75 47.41 -41.36
N GLN A 753 38.30 48.06 -42.43
CA GLN A 753 38.92 49.30 -42.84
C GLN A 753 38.58 50.43 -41.87
N SER A 754 37.54 50.26 -41.07
CA SER A 754 37.26 51.22 -40.01
C SER A 754 38.35 51.19 -38.94
N LEU A 755 38.55 50.03 -38.31
CA LEU A 755 39.44 49.96 -37.14
C LEU A 755 40.28 48.68 -37.12
N ASN A 756 40.92 48.37 -38.25
CA ASN A 756 41.96 47.34 -38.35
C ASN A 756 41.45 45.97 -37.85
N LEU A 757 40.48 45.43 -38.58
CA LEU A 757 39.83 44.17 -38.22
C LEU A 757 39.99 43.21 -39.40
N THR A 758 40.53 42.02 -39.14
CA THR A 758 40.86 41.12 -40.23
C THR A 758 39.87 39.96 -40.35
N VAL A 759 39.86 39.35 -41.52
CA VAL A 759 39.02 38.20 -41.80
C VAL A 759 39.88 37.12 -42.42
N VAL A 760 39.64 35.87 -42.03
CA VAL A 760 40.46 34.74 -42.43
C VAL A 760 39.60 33.74 -43.18
N ALA A 761 39.80 33.65 -44.49
CA ALA A 761 39.18 32.60 -45.29
C ALA A 761 40.03 31.33 -45.19
N GLU A 762 39.37 30.18 -45.25
CA GLU A 762 40.04 28.91 -45.00
C GLU A 762 39.42 27.80 -45.84
N GLY A 763 40.28 26.92 -46.33
CA GLY A 763 39.82 25.76 -47.09
C GLY A 763 40.02 25.89 -48.59
N VAL A 764 41.18 26.36 -48.99
CA VAL A 764 41.48 26.62 -50.39
C VAL A 764 42.18 25.41 -51.00
N GLU A 765 41.76 25.04 -52.21
CA GLU A 765 42.33 23.85 -52.86
C GLU A 765 42.88 24.15 -54.25
N THR A 766 42.18 24.96 -55.04
CA THR A 766 42.52 25.19 -56.44
C THR A 766 42.51 26.67 -56.75
N LYS A 767 43.04 27.01 -57.92
CA LYS A 767 43.14 28.41 -58.33
C LYS A 767 41.78 29.01 -58.65
N GLU A 768 40.84 28.21 -59.16
CA GLU A 768 39.52 28.75 -59.45
C GLU A 768 38.81 29.19 -58.18
N GLN A 769 39.07 28.51 -57.06
CA GLN A 769 38.53 28.96 -55.78
C GLN A 769 39.37 30.09 -55.19
N PHE A 770 40.69 30.04 -55.37
CA PHE A 770 41.54 31.09 -54.84
C PHE A 770 41.19 32.44 -55.45
N GLU A 771 41.04 32.49 -56.77
CA GLU A 771 40.72 33.74 -57.44
C GLU A 771 39.31 34.21 -57.08
N MET A 772 38.37 33.28 -56.92
CA MET A 772 37.04 33.66 -56.49
C MET A 772 37.07 34.29 -55.10
N LEU A 773 37.87 33.73 -54.20
CA LEU A 773 37.93 34.26 -52.85
C LEU A 773 38.72 35.56 -52.80
N ARG A 774 39.67 35.74 -53.71
CA ARG A 774 40.50 36.95 -53.69
C ARG A 774 39.87 38.11 -54.44
N LYS A 775 39.01 37.84 -55.44
CA LYS A 775 38.40 38.92 -56.19
C LYS A 775 37.56 39.83 -55.29
N ILE A 776 37.07 39.29 -54.18
CA ILE A 776 36.44 40.07 -53.13
C ILE A 776 37.46 40.23 -52.01
N HIS A 777 37.63 41.46 -51.53
CA HIS A 777 38.76 41.77 -50.67
C HIS A 777 38.71 40.95 -49.39
N CYS A 778 39.65 39.99 -49.30
CA CYS A 778 39.79 39.15 -48.11
C CYS A 778 41.25 39.19 -47.71
N ARG A 779 41.51 39.55 -46.46
CA ARG A 779 42.88 39.87 -46.06
C ARG A 779 43.80 38.65 -46.09
N VAL A 780 43.38 37.54 -45.47
CA VAL A 780 44.26 36.42 -45.19
C VAL A 780 43.65 35.14 -45.75
N ILE A 781 44.46 34.36 -46.46
CA ILE A 781 44.05 33.08 -47.04
C ILE A 781 44.92 31.98 -46.46
N GLN A 782 44.30 30.84 -46.14
CA GLN A 782 44.95 29.75 -45.42
C GLN A 782 44.25 28.45 -45.78
N GLY A 783 45.01 27.40 -46.03
CA GLY A 783 44.41 26.11 -46.35
C GLY A 783 45.37 25.19 -47.07
N TYR A 784 44.78 24.18 -47.72
CA TYR A 784 45.57 23.14 -48.39
C TYR A 784 46.28 23.68 -49.62
N PHE A 785 45.66 24.65 -50.30
CA PHE A 785 46.25 25.26 -51.48
C PHE A 785 47.65 25.78 -51.21
N PHE A 786 47.93 26.20 -49.98
CA PHE A 786 49.23 26.73 -49.58
C PHE A 786 50.12 25.69 -48.92
N SER A 787 49.59 24.94 -47.96
CA SER A 787 50.40 23.94 -47.29
C SER A 787 49.53 23.01 -46.46
N ARG A 788 49.84 21.72 -46.53
CA ARG A 788 49.38 20.78 -45.53
C ARG A 788 50.04 21.13 -44.19
N PRO A 789 49.38 20.85 -43.07
CA PRO A 789 49.98 21.10 -41.76
C PRO A 789 51.36 20.47 -41.64
N LEU A 790 52.37 21.32 -41.52
CA LEU A 790 53.75 20.88 -41.37
C LEU A 790 53.95 20.20 -40.03
N PRO A 791 54.79 19.17 -39.95
CA PRO A 791 55.21 18.67 -38.63
C PRO A 791 55.93 19.75 -37.85
N ALA A 792 56.26 19.45 -36.60
CA ALA A 792 56.67 20.49 -35.68
C ALA A 792 57.94 21.20 -36.14
N GLU A 793 58.92 20.43 -36.62
CA GLU A 793 60.25 20.97 -36.77
C GLU A 793 60.51 21.64 -38.11
N GLU A 794 59.54 21.63 -39.03
CA GLU A 794 59.86 22.14 -40.36
C GLU A 794 59.83 23.66 -40.44
N ILE A 795 59.03 24.32 -39.60
CA ILE A 795 58.87 25.78 -39.73
C ILE A 795 60.18 26.54 -39.57
N PRO A 796 61.06 26.24 -38.59
CA PRO A 796 62.32 26.99 -38.50
C PRO A 796 63.12 27.00 -39.79
N GLY A 797 62.76 26.15 -40.75
CA GLY A 797 63.35 26.23 -42.08
C GLY A 797 62.40 26.82 -43.09
N TRP A 798 61.12 26.46 -43.00
CA TRP A 798 60.12 26.93 -43.96
C TRP A 798 60.01 28.44 -43.91
N MET A 799 59.92 29.02 -42.70
CA MET A 799 59.80 30.46 -42.58
C MET A 799 61.06 31.16 -43.09
N SER A 800 62.23 30.61 -42.77
CA SER A 800 63.48 31.20 -43.24
C SER A 800 63.57 31.17 -44.76
N SER A 801 63.02 30.12 -45.38
CA SER A 801 63.07 29.97 -46.83
C SER A 801 62.05 30.87 -47.53
N VAL A 802 60.77 30.65 -47.28
CA VAL A 802 59.71 31.33 -48.03
C VAL A 802 59.35 32.64 -47.35
N LEU A 803 59.86 33.75 -47.91
CA LEU A 803 59.50 35.08 -47.46
C LEU A 803 59.74 36.04 -48.62
N PRO A 804 58.71 36.37 -49.39
CA PRO A 804 57.33 35.85 -49.37
C PRO A 804 57.15 34.67 -50.31
N LEU A 805 55.90 34.37 -50.68
CA LEU A 805 55.61 33.40 -51.71
C LEU A 805 55.06 34.00 -52.99
N LYS A 806 54.46 35.18 -52.93
CA LYS A 806 53.92 35.87 -54.10
C LYS A 806 52.90 35.03 -54.88
N GLY B 20 -29.93 -52.08 84.20
CA GLY B 20 -30.42 -52.25 82.85
C GLY B 20 -29.49 -53.08 81.97
N ILE B 21 -30.02 -54.21 81.48
CA ILE B 21 -29.21 -55.08 80.64
C ILE B 21 -28.99 -54.48 79.25
N PHE B 22 -29.87 -53.57 78.81
CA PHE B 22 -29.71 -52.97 77.49
C PHE B 22 -28.76 -51.79 77.52
N PHE B 23 -28.41 -51.29 78.70
CA PHE B 23 -27.46 -50.18 78.80
C PHE B 23 -26.09 -50.54 78.23
N PRO B 24 -25.49 -51.71 78.54
CA PRO B 24 -24.21 -52.04 77.89
C PRO B 24 -24.31 -52.13 76.38
N ALA B 25 -25.48 -52.51 75.86
CA ALA B 25 -25.66 -52.52 74.41
C ALA B 25 -25.45 -51.12 73.84
N LEU B 26 -25.98 -50.10 74.51
CA LEU B 26 -25.75 -48.73 74.08
C LEU B 26 -24.31 -48.31 74.33
N GLU B 27 -23.72 -48.78 75.43
CA GLU B 27 -22.37 -48.35 75.80
C GLU B 27 -21.33 -48.83 74.79
N GLN B 28 -21.44 -50.07 74.35
CA GLN B 28 -20.41 -50.66 73.49
C GLN B 28 -20.61 -50.34 72.02
N ASN B 29 -21.66 -49.62 71.66
CA ASN B 29 -21.94 -49.30 70.27
C ASN B 29 -20.90 -48.30 69.74
N MET B 30 -20.90 -48.14 68.42
CA MET B 30 -20.07 -47.15 67.74
C MET B 30 -20.82 -45.85 67.46
N MET B 31 -22.05 -45.72 67.93
CA MET B 31 -22.89 -44.56 67.67
C MET B 31 -23.10 -43.78 68.94
N GLY B 32 -22.95 -42.45 68.86
CA GLY B 32 -23.06 -41.63 70.05
C GLY B 32 -24.42 -41.75 70.71
N ALA B 33 -24.45 -41.94 72.02
CA ALA B 33 -25.70 -42.12 72.74
C ALA B 33 -25.88 -41.01 73.76
N VAL B 34 -27.01 -40.31 73.67
CA VAL B 34 -27.32 -39.24 74.61
C VAL B 34 -28.72 -39.47 75.15
N LEU B 35 -28.86 -39.40 76.47
CA LEU B 35 -30.15 -39.55 77.12
C LEU B 35 -30.41 -38.34 78.00
N ILE B 36 -31.50 -37.62 77.73
CA ILE B 36 -31.85 -36.46 78.53
C ILE B 36 -33.25 -36.67 79.09
N ASN B 37 -33.51 -36.04 80.24
CA ASN B 37 -34.73 -36.25 81.00
C ASN B 37 -35.74 -35.15 80.74
N GLU B 38 -36.85 -35.19 81.48
CA GLU B 38 -37.83 -34.12 81.42
C GLU B 38 -37.21 -32.79 81.80
N ASN B 39 -36.24 -32.82 82.71
CA ASN B 39 -35.52 -31.62 83.12
C ASN B 39 -34.37 -31.28 82.19
N ASP B 40 -34.23 -32.01 81.08
CA ASP B 40 -33.20 -31.79 80.05
C ASP B 40 -31.80 -32.06 80.56
N GLU B 41 -31.64 -32.63 81.75
CA GLU B 41 -30.33 -33.03 82.22
C GLU B 41 -29.87 -34.27 81.45
N VAL B 42 -28.62 -34.25 81.01
CA VAL B 42 -28.07 -35.35 80.22
C VAL B 42 -27.76 -36.52 81.16
N MET B 43 -28.24 -37.71 80.78
CA MET B 43 -28.03 -38.89 81.61
C MET B 43 -26.96 -39.81 81.08
N PHE B 44 -26.64 -39.74 79.79
CA PHE B 44 -25.64 -40.62 79.20
C PHE B 44 -24.86 -39.89 78.12
N PHE B 45 -23.58 -40.23 78.01
CA PHE B 45 -22.71 -39.64 76.99
C PHE B 45 -21.58 -40.64 76.73
N ASN B 46 -21.71 -41.40 75.65
CA ASN B 46 -20.78 -42.49 75.38
C ASN B 46 -19.48 -41.94 74.78
N PRO B 47 -18.43 -42.76 74.72
CA PRO B 47 -17.21 -42.31 74.04
C PRO B 47 -17.43 -41.94 72.58
N ALA B 48 -18.42 -42.51 71.91
CA ALA B 48 -18.70 -42.10 70.54
C ALA B 48 -19.15 -40.64 70.51
N ALA B 49 -20.09 -40.27 71.37
CA ALA B 49 -20.48 -38.87 71.47
C ALA B 49 -19.32 -38.02 71.94
N GLU B 50 -18.46 -38.59 72.79
CA GLU B 50 -17.26 -37.87 73.23
C GLU B 50 -16.38 -37.50 72.04
N LYS B 51 -16.14 -38.46 71.15
CA LYS B 51 -15.26 -38.20 70.02
C LYS B 51 -15.95 -37.31 68.99
N LEU B 52 -17.28 -37.39 68.88
CA LEU B 52 -18.00 -36.53 67.96
C LEU B 52 -17.95 -35.08 68.41
N TRP B 53 -18.26 -34.82 69.68
CA TRP B 53 -18.38 -33.46 70.18
C TRP B 53 -17.06 -32.90 70.71
N GLY B 54 -16.02 -33.73 70.84
CA GLY B 54 -14.79 -33.29 71.45
C GLY B 54 -14.85 -33.10 72.95
N TYR B 55 -15.92 -33.56 73.60
CA TYR B 55 -16.13 -33.32 75.02
C TYR B 55 -15.87 -34.58 75.85
N LYS B 56 -15.71 -34.37 77.15
CA LYS B 56 -15.61 -35.45 78.11
C LYS B 56 -16.98 -35.75 78.70
N ARG B 57 -17.20 -37.02 79.06
CA ARG B 57 -18.51 -37.43 79.56
C ARG B 57 -18.80 -36.81 80.91
N GLU B 58 -17.76 -36.55 81.72
CA GLU B 58 -17.99 -35.96 83.04
C GLU B 58 -18.50 -34.54 82.93
N GLU B 59 -18.13 -33.82 81.88
CA GLU B 59 -18.60 -32.45 81.71
C GLU B 59 -20.10 -32.41 81.45
N VAL B 60 -20.68 -33.51 80.96
CA VAL B 60 -22.05 -33.52 80.50
C VAL B 60 -22.97 -34.35 81.39
N ILE B 61 -22.44 -35.35 82.11
CA ILE B 61 -23.28 -36.19 82.95
C ILE B 61 -23.82 -35.37 84.11
N GLY B 62 -25.15 -35.39 84.28
CA GLY B 62 -25.77 -34.65 85.36
C GLY B 62 -25.87 -33.15 85.15
N ASN B 63 -25.57 -32.67 83.94
CA ASN B 63 -25.56 -31.24 83.65
C ASN B 63 -26.61 -30.89 82.62
N ASN B 64 -26.77 -29.59 82.39
CA ASN B 64 -27.82 -29.09 81.52
C ASN B 64 -27.48 -29.37 80.06
N ILE B 65 -28.52 -29.41 79.23
CA ILE B 65 -28.36 -29.62 77.80
C ILE B 65 -27.76 -28.40 77.10
N ASP B 66 -27.48 -27.33 77.85
CA ASP B 66 -27.08 -26.08 77.24
C ASP B 66 -25.75 -26.22 76.50
N MET B 67 -24.74 -26.81 77.15
CA MET B 67 -23.41 -26.82 76.55
C MET B 67 -23.32 -27.72 75.33
N LEU B 68 -24.24 -28.68 75.19
CA LEU B 68 -24.25 -29.52 74.00
C LEU B 68 -24.80 -28.80 72.78
N ILE B 69 -25.37 -27.62 72.94
CA ILE B 69 -25.91 -26.84 71.83
C ILE B 69 -24.83 -25.92 71.29
N PRO B 70 -24.73 -25.73 69.98
CA PRO B 70 -23.79 -24.73 69.45
C PRO B 70 -24.16 -23.33 69.94
N ARG B 71 -23.14 -22.48 70.05
CA ARG B 71 -23.34 -21.14 70.62
C ARG B 71 -24.33 -20.34 69.80
N ASP B 72 -24.23 -20.41 68.46
CA ASP B 72 -25.14 -19.66 67.61
C ASP B 72 -26.58 -20.13 67.73
N LEU B 73 -26.80 -21.36 68.19
CA LEU B 73 -28.14 -21.90 68.35
C LEU B 73 -28.55 -22.07 69.80
N ARG B 74 -27.62 -21.91 70.73
CA ARG B 74 -27.90 -22.11 72.16
C ARG B 74 -29.06 -21.28 72.68
N PRO B 75 -29.21 -19.99 72.34
CA PRO B 75 -30.40 -19.26 72.82
C PRO B 75 -31.71 -19.78 72.25
N ALA B 76 -31.67 -20.54 71.16
CA ALA B 76 -32.90 -20.92 70.46
C ALA B 76 -33.32 -22.37 70.67
N HIS B 77 -32.38 -23.30 70.78
CA HIS B 77 -32.72 -24.72 70.84
C HIS B 77 -33.57 -25.10 72.06
N PRO B 78 -33.29 -24.59 73.28
CA PRO B 78 -34.15 -24.96 74.41
C PRO B 78 -35.60 -24.59 74.21
N GLU B 79 -35.88 -23.52 73.46
CA GLU B 79 -37.26 -23.22 73.09
C GLU B 79 -37.84 -24.37 72.27
N TYR B 80 -37.06 -24.90 71.34
CA TYR B 80 -37.50 -26.08 70.58
C TYR B 80 -37.70 -27.27 71.50
N ILE B 81 -36.84 -27.41 72.50
CA ILE B 81 -36.92 -28.54 73.42
C ILE B 81 -38.23 -28.48 74.20
N ARG B 82 -38.58 -27.32 74.73
CA ARG B 82 -39.83 -27.20 75.46
C ARG B 82 -41.03 -27.29 74.54
N HIS B 83 -40.91 -26.79 73.30
CA HIS B 83 -42.01 -26.88 72.35
C HIS B 83 -42.29 -28.34 71.98
N ASN B 84 -41.24 -29.14 71.83
CA ASN B 84 -41.44 -30.56 71.54
C ASN B 84 -42.16 -31.26 72.70
N ARG B 85 -41.81 -30.93 73.94
CA ARG B 85 -42.48 -31.52 75.08
C ARG B 85 -43.95 -31.08 75.13
N GLU B 86 -44.22 -29.80 74.86
CA GLU B 86 -45.57 -29.28 74.97
C GLU B 86 -46.45 -29.60 73.76
N GLY B 87 -45.86 -30.05 72.66
CA GLY B 87 -46.65 -30.33 71.47
C GLY B 87 -47.59 -31.50 71.63
N GLY B 88 -47.14 -32.55 72.31
CA GLY B 88 -47.95 -33.74 72.49
C GLY B 88 -47.86 -34.76 71.37
N LYS B 89 -47.09 -34.48 70.32
CA LYS B 89 -46.93 -35.42 69.23
C LYS B 89 -46.17 -36.66 69.69
N ALA B 90 -46.54 -37.81 69.15
CA ALA B 90 -45.96 -39.08 69.55
C ALA B 90 -44.78 -39.49 68.68
N ARG B 91 -44.40 -38.68 67.69
CA ARG B 91 -43.30 -39.01 66.80
C ARG B 91 -42.38 -37.81 66.65
N VAL B 92 -41.13 -38.10 66.32
CA VAL B 92 -40.10 -37.09 66.14
C VAL B 92 -39.92 -36.82 64.66
N GLU B 93 -40.10 -35.57 64.25
CA GLU B 93 -39.94 -35.16 62.87
C GLU B 93 -38.68 -34.34 62.61
N GLY B 94 -38.10 -33.74 63.63
CA GLY B 94 -36.87 -32.99 63.45
C GLY B 94 -35.66 -33.89 63.29
N MET B 95 -34.52 -33.24 63.03
CA MET B 95 -33.25 -33.93 62.83
C MET B 95 -33.30 -34.89 61.65
N SER B 96 -34.33 -34.77 60.81
CA SER B 96 -34.43 -35.65 59.65
C SER B 96 -33.36 -35.36 58.63
N ALA B 97 -32.99 -34.10 58.46
CA ALA B 97 -31.94 -33.69 57.53
C ALA B 97 -30.61 -33.53 58.25
N GLU B 98 -29.60 -33.17 57.46
CA GLU B 98 -28.27 -32.98 58.02
C GLU B 98 -28.23 -31.78 58.96
N LEU B 99 -27.36 -31.85 59.95
CA LEU B 99 -27.17 -30.76 60.90
C LEU B 99 -25.68 -30.50 61.08
N GLN B 100 -25.33 -29.24 61.29
CA GLN B 100 -23.94 -28.83 61.46
C GLN B 100 -23.58 -28.97 62.93
N LEU B 101 -22.64 -29.87 63.22
CA LEU B 101 -22.21 -30.13 64.58
C LEU B 101 -20.87 -29.45 64.83
N GLU B 102 -20.86 -28.48 65.75
CA GLU B 102 -19.64 -27.78 66.14
C GLU B 102 -19.06 -28.48 67.36
N LYS B 103 -17.82 -28.95 67.24
CA LYS B 103 -17.20 -29.64 68.35
C LYS B 103 -16.52 -28.64 69.30
N LYS B 104 -15.79 -29.18 70.27
CA LYS B 104 -15.27 -28.37 71.37
C LYS B 104 -14.32 -27.29 70.87
N ASP B 105 -13.44 -27.63 69.93
CA ASP B 105 -12.46 -26.64 69.46
C ASP B 105 -13.10 -25.51 68.67
N GLY B 106 -14.37 -25.63 68.32
CA GLY B 106 -15.06 -24.65 67.51
C GLY B 106 -15.26 -25.06 66.07
N SER B 107 -14.56 -26.09 65.60
CA SER B 107 -14.75 -26.56 64.25
C SER B 107 -16.09 -27.29 64.13
N LYS B 108 -16.65 -27.27 62.93
CA LYS B 108 -17.97 -27.81 62.68
C LYS B 108 -17.87 -28.98 61.71
N ILE B 109 -18.80 -29.92 61.87
CA ILE B 109 -18.89 -31.08 60.98
C ILE B 109 -20.37 -31.34 60.70
N TRP B 110 -20.63 -32.27 59.78
CA TRP B 110 -21.98 -32.68 59.44
C TRP B 110 -22.30 -34.01 60.12
N THR B 111 -23.38 -34.02 60.91
CA THR B 111 -23.79 -35.22 61.64
C THR B 111 -25.29 -35.41 61.49
N ARG B 112 -25.73 -36.65 61.71
CA ARG B 112 -27.13 -37.00 61.63
C ARG B 112 -27.54 -37.69 62.93
N PHE B 113 -28.84 -37.66 63.21
CA PHE B 113 -29.38 -38.15 64.46
C PHE B 113 -30.55 -39.09 64.20
N ALA B 114 -30.78 -39.97 65.16
CA ALA B 114 -31.90 -40.91 65.17
C ALA B 114 -32.63 -40.82 66.50
N LEU B 115 -32.90 -39.59 66.93
CA LEU B 115 -33.48 -39.35 68.25
C LEU B 115 -34.86 -39.98 68.35
N SER B 116 -35.16 -40.46 69.56
CA SER B 116 -36.46 -41.04 69.88
C SER B 116 -36.96 -40.45 71.19
N LYS B 117 -38.28 -40.38 71.33
CA LYS B 117 -38.89 -39.92 72.57
C LYS B 117 -39.30 -41.10 73.44
N VAL B 118 -38.86 -41.08 74.69
CA VAL B 118 -39.10 -42.17 75.61
C VAL B 118 -39.88 -41.64 76.80
N SER B 119 -40.96 -42.33 77.16
CA SER B 119 -41.78 -41.97 78.31
C SER B 119 -41.80 -43.13 79.29
N ALA B 120 -41.16 -42.95 80.44
CA ALA B 120 -41.10 -43.99 81.46
C ALA B 120 -40.96 -43.34 82.82
N GLU B 121 -41.42 -44.06 83.85
CA GLU B 121 -41.37 -43.60 85.23
C GLU B 121 -42.10 -42.28 85.42
N GLY B 122 -43.13 -42.04 84.62
CA GLY B 122 -43.89 -40.81 84.73
C GLY B 122 -43.19 -39.59 84.17
N LYS B 123 -42.10 -39.78 83.42
CA LYS B 123 -41.34 -38.67 82.85
C LYS B 123 -41.02 -38.97 81.40
N VAL B 124 -40.85 -37.91 80.61
CA VAL B 124 -40.55 -38.02 79.18
C VAL B 124 -39.06 -37.86 78.99
N TYR B 125 -38.45 -38.77 78.25
CA TYR B 125 -37.02 -38.78 78.00
C TYR B 125 -36.74 -38.76 76.51
N TYR B 126 -35.58 -38.24 76.16
CA TYR B 126 -35.10 -38.21 74.78
C TYR B 126 -33.82 -39.04 74.68
N LEU B 127 -33.81 -40.01 73.77
CA LEU B 127 -32.66 -40.88 73.56
C LEU B 127 -32.21 -40.70 72.11
N ALA B 128 -31.05 -40.08 71.94
CA ALA B 128 -30.55 -39.70 70.63
C ALA B 128 -29.33 -40.55 70.30
N LEU B 129 -29.36 -41.15 69.12
CA LEU B 129 -28.20 -41.84 68.55
C LEU B 129 -27.62 -40.98 67.43
N VAL B 130 -26.34 -40.67 67.56
CA VAL B 130 -25.68 -39.69 66.70
C VAL B 130 -24.65 -40.40 65.85
N ARG B 131 -24.72 -40.20 64.54
CA ARG B 131 -23.75 -40.76 63.61
C ARG B 131 -23.14 -39.63 62.79
N ASP B 132 -21.95 -39.89 62.26
CA ASP B 132 -21.26 -38.90 61.45
C ASP B 132 -21.65 -39.06 59.99
N ALA B 133 -21.94 -37.93 59.34
CA ALA B 133 -22.28 -37.90 57.93
C ALA B 133 -21.24 -37.12 57.14
N SER B 134 -20.00 -37.08 57.64
CA SER B 134 -18.96 -36.33 56.96
C SER B 134 -18.74 -36.86 55.55
N VAL B 135 -18.59 -38.18 55.43
CA VAL B 135 -18.34 -38.76 54.12
C VAL B 135 -19.57 -38.61 53.22
N GLU B 136 -20.77 -38.68 53.80
CA GLU B 136 -21.98 -38.53 53.02
C GLU B 136 -22.05 -37.13 52.41
N MET B 137 -21.81 -36.10 53.22
CA MET B 137 -21.82 -34.74 52.70
C MET B 137 -20.68 -34.50 51.73
N ALA B 138 -19.52 -35.08 52.00
CA ALA B 138 -18.40 -34.94 51.07
C ALA B 138 -18.75 -35.51 49.71
N GLN B 139 -19.36 -36.69 49.71
CA GLN B 139 -19.77 -37.30 48.45
C GLN B 139 -20.89 -36.50 47.78
N LYS B 140 -21.77 -35.91 48.58
CA LYS B 140 -22.84 -35.09 48.00
C LYS B 140 -22.27 -33.89 47.25
N GLU B 141 -21.36 -33.16 47.90
CA GLU B 141 -20.71 -32.03 47.26
C GLU B 141 -19.91 -32.49 46.04
N GLN B 142 -19.29 -33.66 46.14
CA GLN B 142 -18.57 -34.21 45.01
C GLN B 142 -19.50 -34.40 43.81
N THR B 143 -20.68 -34.96 44.06
CA THR B 143 -21.63 -35.19 42.99
C THR B 143 -22.09 -33.88 42.38
N ARG B 144 -22.32 -32.87 43.21
CA ARG B 144 -22.76 -31.56 42.70
C ARG B 144 -21.70 -30.94 41.80
N GLN B 145 -20.45 -30.94 42.26
CA GLN B 145 -19.39 -30.37 41.43
C GLN B 145 -19.19 -31.17 40.15
N LEU B 146 -19.39 -32.49 40.22
CA LEU B 146 -19.29 -33.30 39.02
C LEU B 146 -20.40 -33.00 38.04
N ILE B 147 -21.62 -32.76 38.51
CA ILE B 147 -22.70 -32.48 37.56
C ILE B 147 -22.48 -31.12 36.92
N ILE B 148 -21.95 -30.16 37.68
CA ILE B 148 -21.61 -28.86 37.07
C ILE B 148 -20.55 -29.06 35.98
N ALA B 149 -19.53 -29.87 36.26
CA ALA B 149 -18.49 -30.10 35.27
C ALA B 149 -19.04 -30.80 34.03
N VAL B 150 -19.92 -31.78 34.23
CA VAL B 150 -20.51 -32.50 33.11
C VAL B 150 -21.38 -31.58 32.27
N ASP B 151 -22.07 -30.65 32.92
CA ASP B 151 -22.87 -29.68 32.17
C ASP B 151 -21.99 -28.76 31.32
N HIS B 152 -20.88 -28.29 31.89
CA HIS B 152 -19.96 -27.44 31.13
C HIS B 152 -18.95 -28.29 30.39
N LEU B 153 -19.43 -28.98 29.35
CA LEU B 153 -18.60 -29.94 28.66
C LEU B 153 -18.66 -29.83 27.14
N ASP B 154 -19.57 -29.03 26.59
CA ASP B 154 -19.60 -28.63 25.20
C ASP B 154 -19.87 -29.78 24.23
N ARG B 155 -20.38 -30.91 24.72
CA ARG B 155 -20.73 -32.00 23.82
C ARG B 155 -21.63 -32.97 24.57
N PRO B 156 -22.74 -33.41 23.97
CA PRO B 156 -23.66 -34.29 24.70
C PRO B 156 -23.01 -35.59 25.12
N VAL B 157 -23.37 -36.06 26.30
CA VAL B 157 -22.84 -37.30 26.86
C VAL B 157 -23.98 -38.08 27.50
N ILE B 158 -24.03 -39.38 27.23
CA ILE B 158 -25.02 -40.27 27.84
C ILE B 158 -24.30 -41.49 28.38
N VAL B 159 -24.66 -41.88 29.59
CA VAL B 159 -24.11 -43.07 30.24
C VAL B 159 -25.20 -44.13 30.26
N LEU B 160 -24.90 -45.29 29.68
CA LEU B 160 -25.82 -46.41 29.57
C LEU B 160 -25.26 -47.62 30.30
N ASP B 161 -26.15 -48.52 30.68
CA ASP B 161 -25.83 -49.70 31.48
C ASP B 161 -26.26 -50.95 30.76
N PRO B 162 -25.87 -52.13 31.25
CA PRO B 162 -26.34 -53.37 30.61
C PRO B 162 -27.86 -53.47 30.63
N GLU B 163 -28.52 -52.73 31.51
CA GLU B 163 -29.96 -52.56 31.40
C GLU B 163 -30.36 -51.66 30.24
N ARG B 164 -29.41 -50.89 29.70
CA ARG B 164 -29.57 -50.16 28.43
C ARG B 164 -30.70 -49.13 28.52
N HIS B 165 -30.63 -48.30 29.55
CA HIS B 165 -31.51 -47.15 29.72
C HIS B 165 -30.65 -45.91 29.93
N ILE B 166 -31.15 -44.77 29.46
CA ILE B 166 -30.45 -43.51 29.63
C ILE B 166 -30.45 -43.17 31.12
N VAL B 167 -29.29 -43.26 31.76
CA VAL B 167 -29.21 -43.04 33.20
C VAL B 167 -28.88 -41.58 33.49
N GLN B 168 -27.70 -41.15 33.03
CA GLN B 168 -27.25 -39.77 33.23
C GLN B 168 -27.39 -39.01 31.93
N CYS B 169 -27.83 -37.76 32.03
CA CYS B 169 -27.98 -36.91 30.87
C CYS B 169 -27.02 -35.72 31.02
N ASN B 170 -27.15 -34.77 30.10
CA ASN B 170 -26.26 -33.62 30.07
C ASN B 170 -27.07 -32.38 29.72
N ARG B 171 -26.55 -31.21 30.11
CA ARG B 171 -27.19 -29.97 29.69
C ARG B 171 -27.13 -29.82 28.18
N ALA B 172 -26.01 -30.19 27.57
CA ALA B 172 -25.89 -30.13 26.12
C ALA B 172 -26.87 -31.07 25.45
N PHE B 173 -27.01 -32.29 25.98
CA PHE B 173 -27.97 -33.23 25.42
C PHE B 173 -29.40 -32.73 25.58
N THR B 174 -29.72 -32.12 26.72
CA THR B 174 -31.03 -31.51 26.91
C THR B 174 -31.26 -30.41 25.89
N GLU B 175 -30.27 -29.56 25.66
CA GLU B 175 -30.44 -28.44 24.75
C GLU B 175 -30.41 -28.86 23.29
N MET B 176 -29.91 -30.05 22.99
CA MET B 176 -29.89 -30.53 21.61
C MET B 176 -31.14 -31.33 21.26
N PHE B 177 -31.49 -32.32 22.07
CA PHE B 177 -32.60 -33.20 21.75
C PHE B 177 -33.88 -32.89 22.51
N GLY B 178 -33.83 -32.01 23.51
CA GLY B 178 -35.03 -31.62 24.20
C GLY B 178 -35.52 -32.56 25.28
N TYR B 179 -34.82 -33.68 25.50
CA TYR B 179 -35.19 -34.62 26.56
C TYR B 179 -34.53 -34.17 27.86
N CYS B 180 -35.34 -33.75 28.83
CA CYS B 180 -34.79 -33.35 30.12
C CYS B 180 -34.35 -34.59 30.89
N ILE B 181 -33.80 -34.36 32.09
CA ILE B 181 -33.23 -35.45 32.87
C ILE B 181 -34.31 -36.45 33.29
N SER B 182 -35.40 -35.96 33.88
CA SER B 182 -36.44 -36.84 34.39
C SER B 182 -37.09 -37.63 33.26
N GLU B 183 -37.40 -36.94 32.16
CA GLU B 183 -38.04 -37.61 31.04
C GLU B 183 -37.12 -38.66 30.42
N ALA B 184 -35.87 -38.28 30.14
CA ALA B 184 -34.96 -39.21 29.48
C ALA B 184 -34.50 -40.32 30.41
N SER B 185 -34.72 -40.20 31.71
CA SER B 185 -34.28 -41.23 32.64
C SER B 185 -35.05 -42.52 32.41
N GLY B 186 -34.33 -43.65 32.47
CA GLY B 186 -34.95 -44.95 32.45
C GLY B 186 -35.56 -45.39 31.13
N MET B 187 -35.13 -44.82 30.01
CA MET B 187 -35.62 -45.23 28.70
C MET B 187 -34.45 -45.71 27.84
N GLN B 188 -34.73 -46.70 27.01
CA GLN B 188 -33.73 -47.20 26.09
C GLN B 188 -33.42 -46.14 25.04
N PRO B 189 -32.14 -45.83 24.78
CA PRO B 189 -31.83 -44.77 23.81
C PRO B 189 -32.23 -45.11 22.38
N ASP B 190 -31.80 -46.26 21.87
CA ASP B 190 -31.97 -46.54 20.45
C ASP B 190 -33.34 -47.10 20.10
N THR B 191 -34.29 -47.15 21.04
CA THR B 191 -35.64 -47.58 20.73
C THR B 191 -36.71 -46.53 21.00
N LEU B 192 -36.57 -45.73 22.08
CA LEU B 192 -37.59 -44.74 22.39
C LEU B 192 -37.30 -43.37 21.79
N LEU B 193 -36.04 -43.01 21.60
CA LEU B 193 -35.70 -41.84 20.79
C LEU B 193 -36.24 -42.06 19.38
N ASN B 194 -37.12 -41.17 18.95
CA ASN B 194 -37.90 -41.42 17.73
C ASN B 194 -37.00 -41.54 16.51
N THR B 195 -37.24 -42.59 15.74
CA THR B 195 -36.52 -42.85 14.50
C THR B 195 -37.11 -42.03 13.35
N PRO B 196 -36.35 -41.81 12.29
CA PRO B 196 -36.95 -41.36 11.04
C PRO B 196 -37.89 -42.42 10.48
N GLU B 197 -38.67 -42.09 9.46
CA GLU B 197 -39.60 -43.14 8.92
C GLU B 197 -38.85 -44.05 7.95
N PHE B 198 -37.52 -43.95 7.87
CA PHE B 198 -36.74 -44.66 6.82
C PHE B 198 -36.10 -45.92 7.42
N PRO B 199 -35.39 -46.77 6.63
CA PRO B 199 -34.51 -47.79 7.20
C PRO B 199 -33.14 -47.25 7.63
N ALA B 200 -33.14 -46.40 8.67
CA ALA B 200 -32.00 -46.21 9.58
C ALA B 200 -32.33 -46.91 10.91
N ASP B 201 -32.06 -48.20 11.02
CA ASP B 201 -32.48 -49.06 12.17
C ASP B 201 -31.47 -48.94 13.31
N ASN B 202 -31.51 -47.83 14.04
CA ASN B 202 -30.51 -47.47 15.06
C ASN B 202 -30.17 -48.60 16.03
N ARG B 203 -31.19 -49.21 16.62
CA ARG B 203 -30.94 -50.29 17.57
C ARG B 203 -30.25 -51.47 16.91
N ILE B 204 -30.70 -51.84 15.71
CA ILE B 204 -30.08 -52.95 14.99
C ILE B 204 -28.65 -52.61 14.62
N ARG B 205 -28.41 -51.36 14.21
CA ARG B 205 -27.04 -50.94 13.89
C ARG B 205 -26.15 -51.04 15.12
N LEU B 206 -26.68 -50.67 16.28
CA LEU B 206 -25.91 -50.75 17.52
C LEU B 206 -25.66 -52.20 17.92
N GLN B 207 -26.63 -53.08 17.65
CA GLN B 207 -26.58 -54.44 18.17
C GLN B 207 -25.99 -55.45 17.19
N GLN B 208 -25.67 -55.05 15.97
CA GLN B 208 -25.13 -56.01 15.00
C GLN B 208 -23.86 -56.69 15.51
N LEU B 209 -22.77 -55.93 15.58
CA LEU B 209 -21.53 -56.45 16.15
C LEU B 209 -20.81 -55.37 16.95
N LEU B 210 -21.52 -54.28 17.26
CA LEU B 210 -20.89 -53.05 17.72
C LEU B 210 -21.06 -52.82 19.22
N TRP B 211 -22.16 -53.28 19.80
CA TRP B 211 -22.53 -52.92 21.16
C TRP B 211 -21.46 -53.30 22.18
N LYS B 212 -20.99 -54.55 22.14
CA LYS B 212 -20.20 -55.07 23.25
C LYS B 212 -18.77 -54.52 23.26
N THR B 213 -18.14 -54.41 22.09
CA THR B 213 -16.72 -54.11 22.03
C THR B 213 -16.32 -53.02 21.04
N ALA B 214 -17.12 -52.74 20.03
CA ALA B 214 -16.69 -51.90 18.92
C ALA B 214 -16.92 -50.43 19.25
N ARG B 215 -15.83 -49.66 19.29
CA ARG B 215 -15.89 -48.21 19.39
C ARG B 215 -16.04 -47.66 17.97
N ASP B 216 -17.26 -47.80 17.43
CA ASP B 216 -17.53 -47.47 16.05
C ASP B 216 -18.56 -46.36 15.97
N GLN B 217 -18.52 -45.63 14.87
CA GLN B 217 -19.36 -44.46 14.67
C GLN B 217 -20.20 -44.63 13.40
N ASP B 218 -21.37 -44.00 13.40
CA ASP B 218 -22.19 -43.98 12.20
C ASP B 218 -23.15 -42.80 12.28
N GLU B 219 -23.63 -42.39 11.11
CA GLU B 219 -24.56 -41.27 11.03
C GLU B 219 -25.99 -41.77 11.18
N PHE B 220 -26.77 -41.08 12.01
CA PHE B 220 -28.16 -41.42 12.20
C PHE B 220 -28.98 -40.14 12.16
N LEU B 221 -30.30 -40.29 12.19
CA LEU B 221 -31.20 -39.14 12.25
C LEU B 221 -32.09 -39.28 13.48
N LEU B 222 -32.34 -38.15 14.13
CA LEU B 222 -33.11 -38.16 15.38
C LEU B 222 -34.16 -37.05 15.33
N LEU B 223 -35.19 -37.23 16.16
CA LEU B 223 -36.33 -36.33 16.22
C LEU B 223 -36.33 -35.60 17.56
N THR B 224 -36.55 -34.29 17.51
CA THR B 224 -36.50 -33.43 18.67
C THR B 224 -37.90 -33.05 19.14
N ARG B 225 -37.96 -32.16 20.14
CA ARG B 225 -39.23 -31.67 20.65
C ARG B 225 -39.88 -30.63 19.74
N THR B 226 -39.08 -29.79 19.08
CA THR B 226 -39.65 -28.77 18.19
C THR B 226 -40.36 -29.41 17.00
N GLY B 227 -39.79 -30.48 16.44
CA GLY B 227 -40.43 -31.18 15.34
C GLY B 227 -39.47 -31.60 14.24
N GLU B 228 -38.36 -30.88 14.09
CA GLU B 228 -37.41 -31.18 13.04
C GLU B 228 -36.56 -32.39 13.41
N LYS B 229 -35.96 -33.00 12.40
CA LYS B 229 -35.05 -34.13 12.57
C LYS B 229 -33.65 -33.73 12.14
N ILE B 230 -32.66 -34.13 12.94
CA ILE B 230 -31.29 -33.68 12.76
C ILE B 230 -30.37 -34.88 12.57
N TRP B 231 -29.28 -34.66 11.84
CA TRP B 231 -28.25 -35.69 11.69
C TRP B 231 -27.33 -35.68 12.91
N ILE B 232 -27.00 -36.87 13.39
CA ILE B 232 -26.22 -37.03 14.61
C ILE B 232 -25.18 -38.12 14.40
N LYS B 233 -23.95 -37.84 14.84
CA LYS B 233 -22.96 -38.88 15.03
C LYS B 233 -23.09 -39.43 16.44
N ALA B 234 -23.02 -40.75 16.57
CA ALA B 234 -23.38 -41.46 17.79
C ALA B 234 -22.23 -42.33 18.27
N SER B 235 -21.05 -41.73 18.40
CA SER B 235 -19.87 -42.45 18.84
C SER B 235 -20.15 -43.20 20.14
N ILE B 236 -19.80 -44.48 20.15
CA ILE B 236 -20.16 -45.42 21.20
C ILE B 236 -18.89 -46.03 21.78
N SER B 237 -18.93 -46.28 23.09
CA SER B 237 -17.80 -47.00 23.69
C SER B 237 -18.21 -47.72 24.96
N PRO B 238 -17.79 -48.96 25.13
CA PRO B 238 -18.07 -49.70 26.37
C PRO B 238 -16.97 -49.53 27.40
N VAL B 239 -17.33 -49.78 28.65
CA VAL B 239 -16.42 -49.69 29.79
C VAL B 239 -16.62 -50.93 30.65
N TYR B 240 -15.59 -51.75 30.78
CA TYR B 240 -15.62 -52.94 31.62
C TYR B 240 -14.86 -52.68 32.91
N ASP B 241 -15.33 -53.28 34.00
CA ASP B 241 -14.61 -53.22 35.27
C ASP B 241 -13.46 -54.21 35.24
N VAL B 242 -12.86 -54.48 36.41
CA VAL B 242 -11.73 -55.41 36.48
C VAL B 242 -12.14 -56.79 35.99
N LEU B 243 -13.34 -57.23 36.34
CA LEU B 243 -13.82 -58.56 36.01
C LEU B 243 -14.16 -58.72 34.53
N ALA B 244 -13.88 -57.73 33.70
CA ALA B 244 -14.12 -57.71 32.26
C ALA B 244 -15.61 -57.74 31.91
N HIS B 245 -16.49 -57.82 32.89
CA HIS B 245 -17.92 -57.71 32.61
C HIS B 245 -18.26 -56.32 32.13
N LEU B 246 -19.25 -56.22 31.25
CA LEU B 246 -19.66 -54.94 30.70
C LEU B 246 -20.30 -54.10 31.82
N GLN B 247 -19.55 -53.13 32.33
CA GLN B 247 -20.03 -52.32 33.43
C GLN B 247 -20.92 -51.17 32.97
N ASN B 248 -20.40 -50.30 32.11
CA ASN B 248 -21.17 -49.16 31.64
C ASN B 248 -20.80 -48.85 30.20
N LEU B 249 -21.32 -47.74 29.70
CA LEU B 249 -21.24 -47.43 28.28
C LEU B 249 -21.43 -45.93 28.10
N VAL B 250 -20.76 -45.35 27.11
CA VAL B 250 -20.85 -43.91 26.85
C VAL B 250 -21.22 -43.67 25.39
N MET B 251 -22.19 -42.78 25.18
CA MET B 251 -22.59 -42.32 23.86
C MET B 251 -22.35 -40.83 23.78
N THR B 252 -21.70 -40.37 22.71
CA THR B 252 -21.40 -38.97 22.52
C THR B 252 -22.05 -38.50 21.22
N PHE B 253 -23.29 -38.06 21.32
CA PHE B 253 -23.95 -37.46 20.18
C PHE B 253 -23.22 -36.17 19.78
N SER B 254 -23.09 -35.98 18.47
CA SER B 254 -22.48 -34.76 17.95
C SER B 254 -23.26 -34.31 16.72
N ASP B 255 -23.50 -33.00 16.65
CA ASP B 255 -24.27 -32.46 15.54
C ASP B 255 -23.41 -32.37 14.29
N ILE B 256 -24.07 -32.31 13.13
CA ILE B 256 -23.39 -32.17 11.86
C ILE B 256 -23.75 -30.88 11.15
N THR B 257 -25.01 -30.44 11.22
CA THR B 257 -25.39 -29.16 10.64
C THR B 257 -24.59 -28.03 11.24
N GLU B 258 -24.28 -28.12 12.54
CA GLU B 258 -23.48 -27.09 13.20
C GLU B 258 -22.10 -26.98 12.55
N GLU B 259 -21.43 -28.11 12.35
CA GLU B 259 -20.09 -28.07 11.78
C GLU B 259 -20.11 -27.59 10.33
N ARG B 260 -21.10 -28.03 9.56
CA ARG B 260 -21.21 -27.56 8.18
C ARG B 260 -21.41 -26.05 8.15
N GLN B 261 -22.29 -25.54 9.01
CA GLN B 261 -22.54 -24.10 9.05
C GLN B 261 -21.30 -23.33 9.51
N ILE B 262 -20.54 -23.88 10.45
CA ILE B 262 -19.33 -23.19 10.91
C ILE B 262 -18.30 -23.10 9.79
N ARG B 263 -18.10 -24.19 9.05
CA ARG B 263 -17.18 -24.13 7.91
C ARG B 263 -17.67 -23.13 6.88
N GLN B 264 -18.97 -23.11 6.61
CA GLN B 264 -19.50 -22.14 5.65
C GLN B 264 -19.28 -20.72 6.14
N LEU B 265 -19.43 -20.48 7.45
CA LEU B 265 -19.21 -19.14 7.99
C LEU B 265 -17.77 -18.71 7.81
N GLU B 266 -16.83 -19.60 8.11
CA GLU B 266 -15.42 -19.26 7.90
C GLU B 266 -15.16 -18.93 6.43
N GLY B 267 -15.67 -19.77 5.54
CA GLY B 267 -15.43 -19.55 4.12
C GLY B 267 -15.98 -18.21 3.65
N ASN B 268 -17.21 -17.91 4.05
CA ASN B 268 -17.83 -16.66 3.62
C ASN B 268 -17.10 -15.45 4.18
N ILE B 269 -16.72 -15.48 5.46
CA ILE B 269 -16.04 -14.33 6.03
C ILE B 269 -14.71 -14.10 5.33
N LEU B 270 -13.94 -15.16 5.10
CA LEU B 270 -12.67 -14.97 4.40
C LEU B 270 -12.89 -14.50 2.98
N ALA B 271 -13.89 -15.05 2.29
CA ALA B 271 -14.13 -14.67 0.90
C ALA B 271 -14.46 -13.18 0.80
N ALA B 272 -15.29 -12.68 1.70
CA ALA B 272 -15.61 -11.27 1.69
C ALA B 272 -14.40 -10.42 2.09
N MET B 273 -13.67 -10.83 3.13
CA MET B 273 -12.61 -10.00 3.66
C MET B 273 -11.43 -9.91 2.70
N CYS B 274 -11.21 -10.95 1.89
CA CYS B 274 -10.05 -10.94 1.01
C CYS B 274 -10.20 -9.90 -0.11
N SER B 275 -11.42 -9.44 -0.37
CA SER B 275 -11.62 -8.44 -1.42
C SER B 275 -11.36 -7.02 -0.93
N SER B 276 -10.97 -6.84 0.33
CA SER B 276 -10.65 -5.55 0.92
C SER B 276 -11.83 -4.59 0.85
N PRO B 277 -12.91 -4.85 1.58
CA PRO B 277 -14.03 -3.92 1.58
C PRO B 277 -13.74 -2.76 2.52
N PRO B 278 -14.56 -1.72 2.50
CA PRO B 278 -14.44 -0.67 3.52
C PRO B 278 -14.78 -1.19 4.90
N PHE B 279 -14.28 -0.49 5.92
CA PHE B 279 -14.45 -0.91 7.30
C PHE B 279 -15.91 -1.17 7.65
N HIS B 280 -16.78 -0.22 7.33
CA HIS B 280 -18.19 -0.35 7.68
C HIS B 280 -18.93 -1.32 6.79
N GLU B 281 -18.31 -1.79 5.71
CA GLU B 281 -18.90 -2.88 4.94
C GLU B 281 -18.47 -4.23 5.51
N MET B 282 -17.23 -4.35 5.98
CA MET B 282 -16.77 -5.57 6.61
C MET B 282 -17.54 -5.82 7.90
N GLY B 283 -17.79 -4.76 8.69
CA GLY B 283 -18.59 -4.93 9.87
C GLY B 283 -19.96 -5.50 9.56
N GLU B 284 -20.60 -4.97 8.52
CA GLU B 284 -21.91 -5.47 8.13
C GLU B 284 -21.83 -6.90 7.61
N ILE B 285 -20.73 -7.25 6.93
CA ILE B 285 -20.59 -8.62 6.43
C ILE B 285 -20.51 -9.60 7.60
N ILE B 286 -19.70 -9.27 8.61
CA ILE B 286 -19.60 -10.13 9.78
C ILE B 286 -20.95 -10.26 10.47
N CYS B 287 -21.63 -9.12 10.66
CA CYS B 287 -22.94 -9.15 11.32
C CYS B 287 -23.93 -10.01 10.55
N ARG B 288 -24.00 -9.82 9.23
CA ARG B 288 -24.99 -10.53 8.45
C ARG B 288 -24.70 -12.01 8.40
N ASN B 289 -23.41 -12.40 8.40
CA ASN B 289 -23.09 -13.82 8.38
C ASN B 289 -23.38 -14.47 9.73
N ILE B 290 -23.06 -13.81 10.83
CA ILE B 290 -23.43 -14.34 12.14
C ILE B 290 -24.93 -14.52 12.22
N GLU B 291 -25.69 -13.55 11.70
CA GLU B 291 -27.14 -13.67 11.70
C GLU B 291 -27.60 -14.84 10.83
N SER B 292 -26.97 -15.01 9.67
CA SER B 292 -27.37 -16.09 8.78
C SER B 292 -27.14 -17.44 9.42
N VAL B 293 -26.06 -17.59 10.16
CA VAL B 293 -25.85 -18.83 10.91
C VAL B 293 -26.88 -18.95 12.04
N LEU B 294 -27.11 -17.87 12.79
CA LEU B 294 -28.05 -17.87 13.90
C LEU B 294 -29.17 -16.87 13.57
N ASN B 295 -30.17 -17.34 12.84
CA ASN B 295 -31.39 -16.59 12.57
C ASN B 295 -32.03 -16.10 13.86
N GLU B 296 -32.84 -15.03 13.76
CA GLU B 296 -33.58 -14.47 14.88
C GLU B 296 -32.63 -14.05 16.01
N SER B 297 -31.78 -13.07 15.69
CA SER B 297 -30.83 -12.57 16.68
C SER B 297 -30.45 -11.14 16.30
N HIS B 298 -29.90 -10.43 17.28
CA HIS B 298 -29.40 -9.07 17.08
C HIS B 298 -27.94 -9.04 17.52
N VAL B 299 -27.07 -8.67 16.59
CA VAL B 299 -25.64 -8.66 16.83
C VAL B 299 -25.13 -7.24 16.68
N SER B 300 -24.00 -6.96 17.30
CA SER B 300 -23.42 -5.62 17.14
C SER B 300 -21.93 -5.66 17.45
N LEU B 301 -21.23 -4.69 16.89
CA LEU B 301 -19.79 -4.55 17.04
C LEU B 301 -19.46 -3.15 17.53
N PHE B 302 -18.50 -3.06 18.43
CA PHE B 302 -17.91 -1.79 18.84
C PHE B 302 -16.41 -1.91 18.75
N ALA B 303 -15.75 -0.80 18.40
CA ALA B 303 -14.31 -0.75 18.30
C ALA B 303 -13.76 0.23 19.32
N LEU B 304 -12.65 -0.12 19.97
CA LEU B 304 -12.11 0.69 21.04
C LEU B 304 -11.13 1.71 20.45
N ARG B 305 -11.61 2.93 20.24
CA ARG B 305 -10.78 4.04 19.79
C ARG B 305 -10.48 4.93 20.98
N ASN B 306 -9.20 5.11 21.28
CA ASN B 306 -8.76 5.91 22.43
C ASN B 306 -9.41 5.40 23.71
N GLY B 307 -9.53 4.08 23.83
CA GLY B 307 -10.14 3.49 25.01
C GLY B 307 -11.63 3.61 25.10
N MET B 308 -12.29 4.09 24.05
CA MET B 308 -13.73 4.32 24.09
C MET B 308 -14.40 3.54 22.97
N PRO B 309 -15.47 2.81 23.27
CA PRO B 309 -16.18 2.09 22.21
C PRO B 309 -16.86 3.04 21.23
N ILE B 310 -16.88 2.63 19.96
CA ILE B 310 -17.63 3.31 18.92
C ILE B 310 -18.39 2.25 18.13
N HIS B 311 -19.63 2.56 17.77
CA HIS B 311 -20.46 1.62 17.03
C HIS B 311 -19.88 1.35 15.65
N TRP B 312 -19.95 0.09 15.21
CA TRP B 312 -19.35 -0.30 13.95
C TRP B 312 -20.41 -0.85 12.99
N ALA B 313 -21.25 -1.77 13.47
CA ALA B 313 -22.27 -2.36 12.62
C ALA B 313 -23.35 -2.94 13.51
N SER B 314 -24.45 -3.32 12.88
CA SER B 314 -25.57 -3.91 13.61
C SER B 314 -26.47 -4.63 12.60
N SER B 315 -27.42 -5.39 13.13
CA SER B 315 -28.39 -6.05 12.27
C SER B 315 -29.47 -5.06 11.85
N SER B 316 -30.09 -5.35 10.70
CA SER B 316 -31.15 -4.47 10.21
C SER B 316 -32.33 -4.42 11.16
N HIS B 317 -32.72 -5.57 11.71
CA HIS B 317 -33.84 -5.66 12.64
C HIS B 317 -33.36 -5.25 14.03
N GLY B 318 -33.55 -3.98 14.36
CA GLY B 318 -33.13 -3.44 15.64
C GLY B 318 -34.09 -3.61 16.78
N ALA B 319 -35.21 -4.29 16.57
CA ALA B 319 -36.20 -4.48 17.62
C ALA B 319 -35.69 -5.46 18.68
N GLU B 320 -36.28 -5.37 19.87
CA GLU B 320 -35.88 -6.23 20.97
C GLU B 320 -36.37 -7.66 20.74
N ILE B 321 -35.77 -8.59 21.48
CA ILE B 321 -36.08 -10.01 21.39
C ILE B 321 -36.56 -10.48 22.76
N GLN B 322 -37.69 -11.18 22.77
CA GLN B 322 -38.26 -11.67 24.02
C GLN B 322 -37.39 -12.76 24.61
N ASN B 323 -37.16 -12.68 25.93
CA ASN B 323 -36.38 -13.67 26.67
C ASN B 323 -34.99 -13.84 26.06
N ALA B 324 -34.35 -12.73 25.71
CA ALA B 324 -33.08 -12.77 25.03
C ALA B 324 -31.93 -13.05 26.00
N GLN B 325 -30.88 -13.68 25.48
CA GLN B 325 -29.65 -13.92 26.20
C GLN B 325 -28.48 -13.40 25.38
N SER B 326 -27.45 -12.94 26.07
CA SER B 326 -26.34 -12.21 25.45
C SER B 326 -25.02 -12.91 25.65
N TRP B 327 -24.25 -13.02 24.57
CA TRP B 327 -22.88 -13.50 24.57
C TRP B 327 -21.99 -12.33 24.20
N SER B 328 -21.06 -11.98 25.08
CA SER B 328 -20.19 -10.83 24.89
C SER B 328 -18.76 -11.31 24.72
N ALA B 329 -18.17 -11.04 23.57
CA ALA B 329 -16.83 -11.50 23.26
C ALA B 329 -15.92 -10.30 23.03
N THR B 330 -14.66 -10.47 23.37
CA THR B 330 -13.67 -9.40 23.33
C THR B 330 -12.73 -9.63 22.15
N ILE B 331 -12.78 -8.75 21.16
CA ILE B 331 -11.96 -8.88 19.96
C ILE B 331 -10.58 -8.34 20.27
N ARG B 332 -9.58 -9.22 20.20
CA ARG B 332 -8.21 -8.90 20.55
C ARG B 332 -7.30 -9.24 19.38
N GLN B 333 -6.29 -8.39 19.14
CA GLN B 333 -5.40 -8.58 18.02
C GLN B 333 -4.37 -9.66 18.36
N ARG B 334 -3.35 -9.81 17.51
CA ARG B 334 -2.38 -10.89 17.66
C ARG B 334 -1.58 -10.79 18.96
N ASP B 335 -1.49 -9.58 19.54
CA ASP B 335 -0.80 -9.45 20.81
C ASP B 335 -1.17 -8.15 21.52
N GLY B 336 -1.71 -8.27 22.73
CA GLY B 336 -1.90 -7.09 23.56
C GLY B 336 -3.33 -6.74 23.92
N ALA B 337 -3.59 -5.43 23.99
CA ALA B 337 -4.83 -4.92 24.55
C ALA B 337 -6.01 -5.28 23.66
N PRO B 338 -7.21 -5.32 24.23
CA PRO B 338 -8.39 -5.56 23.40
C PRO B 338 -8.57 -4.45 22.38
N ALA B 339 -9.02 -4.84 21.19
CA ALA B 339 -9.30 -3.87 20.15
C ALA B 339 -10.78 -3.59 19.98
N GLY B 340 -11.65 -4.47 20.45
CA GLY B 340 -13.06 -4.20 20.28
C GLY B 340 -13.90 -5.14 21.11
N ILE B 341 -15.21 -4.95 21.01
CA ILE B 341 -16.19 -5.75 21.73
C ILE B 341 -17.28 -6.15 20.76
N LEU B 342 -17.46 -7.45 20.57
CA LEU B 342 -18.61 -7.99 19.86
C LEU B 342 -19.66 -8.41 20.88
N GLN B 343 -20.92 -8.18 20.57
CA GLN B 343 -21.97 -8.75 21.41
C GLN B 343 -23.08 -9.33 20.53
N ILE B 344 -23.66 -10.42 21.01
CA ILE B 344 -24.72 -11.12 20.31
C ILE B 344 -25.86 -11.36 21.30
N LYS B 345 -27.09 -11.14 20.85
CA LYS B 345 -28.23 -11.48 21.68
C LYS B 345 -29.19 -12.33 20.85
N THR B 346 -29.70 -13.39 21.47
CA THR B 346 -30.57 -14.33 20.78
C THR B 346 -31.59 -14.88 21.75
N SER B 347 -32.76 -15.24 21.24
CA SER B 347 -33.81 -15.79 22.08
C SER B 347 -33.33 -17.08 22.74
N SER B 348 -33.66 -17.22 24.03
CA SER B 348 -33.26 -18.40 24.77
C SER B 348 -33.94 -19.65 24.21
N GLY B 349 -33.19 -20.74 24.12
CA GLY B 349 -33.69 -21.97 23.55
C GLY B 349 -33.70 -22.01 22.05
N ALA B 350 -33.15 -20.99 21.38
CA ALA B 350 -33.11 -21.00 19.92
C ALA B 350 -31.99 -21.88 19.41
N GLU B 351 -30.76 -21.59 19.82
CA GLU B 351 -29.60 -22.40 19.46
C GLU B 351 -28.81 -22.74 20.72
N THR B 352 -28.08 -23.85 20.64
CA THR B 352 -27.38 -24.35 21.81
C THR B 352 -26.21 -23.46 22.19
N SER B 353 -25.86 -23.51 23.48
CA SER B 353 -24.82 -22.64 24.02
C SER B 353 -23.47 -22.92 23.36
N ALA B 354 -23.15 -24.19 23.14
CA ALA B 354 -21.90 -24.54 22.49
C ALA B 354 -21.81 -24.00 21.07
N PHE B 355 -22.91 -24.06 20.32
CA PHE B 355 -22.95 -23.51 18.97
C PHE B 355 -22.78 -21.99 18.97
N ILE B 356 -23.45 -21.30 19.88
CA ILE B 356 -23.24 -19.86 20.01
C ILE B 356 -21.77 -19.58 20.31
N GLU B 357 -21.16 -20.40 21.17
CA GLU B 357 -19.76 -20.20 21.53
C GLU B 357 -18.83 -20.39 20.33
N ARG B 358 -19.08 -21.41 19.52
CA ARG B 358 -18.26 -21.62 18.34
C ARG B 358 -18.37 -20.45 17.37
N VAL B 359 -19.59 -19.98 17.13
CA VAL B 359 -19.75 -18.83 16.24
C VAL B 359 -19.04 -17.61 16.82
N ALA B 360 -19.09 -17.45 18.15
CA ALA B 360 -18.40 -16.34 18.78
C ALA B 360 -16.89 -16.42 18.56
N ASP B 361 -16.32 -17.61 18.73
CA ASP B 361 -14.87 -17.76 18.56
C ASP B 361 -14.45 -17.46 17.13
N ILE B 362 -15.18 -18.00 16.15
CA ILE B 362 -14.82 -17.75 14.75
C ILE B 362 -14.96 -16.27 14.42
N SER B 363 -16.07 -15.65 14.82
CA SER B 363 -16.28 -14.25 14.52
C SER B 363 -15.24 -13.37 15.18
N GLN B 364 -14.89 -13.66 16.42
CA GLN B 364 -13.83 -12.90 17.10
C GLN B 364 -12.52 -13.00 16.35
N HIS B 365 -12.13 -14.22 15.98
CA HIS B 365 -10.84 -14.43 15.37
C HIS B 365 -10.80 -13.93 13.93
N MET B 366 -11.95 -13.59 13.35
CA MET B 366 -11.96 -12.88 12.06
C MET B 366 -12.01 -11.36 12.22
N ALA B 367 -12.74 -10.86 13.22
CA ALA B 367 -12.76 -9.43 13.47
C ALA B 367 -11.39 -8.92 13.86
N ALA B 368 -10.58 -9.75 14.53
CA ALA B 368 -9.21 -9.36 14.81
C ALA B 368 -8.44 -9.09 13.53
N LEU B 369 -8.62 -9.95 12.52
CA LEU B 369 -7.94 -9.75 11.24
C LEU B 369 -8.48 -8.51 10.52
N ALA B 370 -9.78 -8.25 10.65
CA ALA B 370 -10.34 -7.04 10.07
C ALA B 370 -9.70 -5.79 10.68
N LEU B 371 -9.55 -5.78 12.01
CA LEU B 371 -8.89 -4.66 12.66
C LEU B 371 -7.44 -4.52 12.22
N GLU B 372 -6.73 -5.64 12.10
CA GLU B 372 -5.34 -5.57 11.67
C GLU B 372 -5.23 -4.99 10.26
N GLN B 373 -6.11 -5.42 9.37
CA GLN B 373 -6.08 -4.89 8.01
C GLN B 373 -6.41 -3.41 7.98
N GLU B 374 -7.39 -2.97 8.77
CA GLU B 374 -7.69 -1.55 8.80
C GLU B 374 -6.54 -0.74 9.36
N LYS B 375 -5.86 -1.26 10.39
CA LYS B 375 -4.72 -0.54 10.97
C LYS B 375 -3.60 -0.42 9.96
N SER B 376 -3.28 -1.52 9.27
CA SER B 376 -2.23 -1.46 8.26
C SER B 376 -2.63 -0.55 7.11
N ARG B 377 -3.91 -0.51 6.76
CA ARG B 377 -4.38 0.38 5.70
C ARG B 377 -4.19 1.84 6.09
N GLN B 378 -4.53 2.18 7.34
CA GLN B 378 -4.32 3.55 7.81
C GLN B 378 -2.84 3.90 7.82
N HIS B 379 -1.98 2.96 8.24
CA HIS B 379 -0.55 3.20 8.22
C HIS B 379 -0.03 3.44 6.81
N ILE B 380 -0.54 2.68 5.84
CA ILE B 380 -0.19 2.90 4.44
C ILE B 380 -0.69 4.26 3.97
N GLU B 381 -1.91 4.62 4.35
CA GLU B 381 -2.53 5.86 3.88
C GLU B 381 -1.76 7.08 4.38
N GLN B 382 -1.29 7.04 5.63
CA GLN B 382 -0.58 8.19 6.15
C GLN B 382 0.79 8.40 5.50
N LEU B 383 1.29 7.45 4.71
CA LEU B 383 2.64 7.53 4.17
C LEU B 383 2.69 7.61 2.65
N ILE B 384 2.11 6.64 1.94
CA ILE B 384 2.42 6.45 0.52
C ILE B 384 2.15 7.69 -0.33
N GLN B 385 3.10 8.00 -1.23
CA GLN B 385 3.11 9.22 -2.02
C GLN B 385 2.57 9.02 -3.44
N PHE B 386 2.99 7.97 -4.12
CA PHE B 386 2.54 7.66 -5.47
C PHE B 386 1.32 6.74 -5.40
N ASP B 387 0.97 6.18 -6.56
CA ASP B 387 -0.19 5.30 -6.64
C ASP B 387 -0.08 4.32 -7.81
N PRO B 388 -0.28 3.02 -7.58
CA PRO B 388 -0.29 2.08 -8.72
C PRO B 388 -1.34 2.41 -9.75
N MET B 389 -2.52 2.86 -9.34
CA MET B 389 -3.46 3.45 -10.27
C MET B 389 -2.98 4.86 -10.59
N THR B 390 -3.10 5.24 -11.87
CA THR B 390 -2.84 6.56 -12.44
C THR B 390 -1.36 6.88 -12.56
N GLY B 391 -0.46 6.09 -11.97
CA GLY B 391 0.95 6.37 -12.04
C GLY B 391 1.40 7.72 -11.51
N LEU B 392 0.45 8.55 -11.02
CA LEU B 392 0.68 9.93 -10.62
C LEU B 392 0.82 10.05 -9.11
N PRO B 393 1.42 11.12 -8.62
CA PRO B 393 1.41 11.36 -7.18
C PRO B 393 -0.01 11.59 -6.67
N ASN B 394 -0.27 11.12 -5.47
CA ASN B 394 -1.52 11.38 -4.77
C ASN B 394 -1.33 12.54 -3.82
N ARG B 395 -2.39 12.86 -3.07
CA ARG B 395 -2.36 14.06 -2.26
C ARG B 395 -1.26 14.06 -1.22
N ASN B 396 -0.76 12.87 -0.84
CA ASN B 396 0.33 12.81 0.13
C ASN B 396 1.61 13.44 -0.40
N ASN B 397 1.74 13.61 -1.72
CA ASN B 397 2.84 14.35 -2.32
C ASN B 397 2.47 15.79 -2.64
N LEU B 398 1.21 16.04 -2.99
CA LEU B 398 0.76 17.41 -3.22
C LEU B 398 0.91 18.25 -1.97
N HIS B 399 0.57 17.69 -0.81
CA HIS B 399 0.75 18.43 0.43
C HIS B 399 2.20 18.86 0.58
N ASN B 400 3.13 17.89 0.50
CA ASN B 400 4.55 18.12 0.74
C ASN B 400 5.22 18.96 -0.34
N TYR B 401 4.59 19.12 -1.49
CA TYR B 401 5.12 19.98 -2.54
C TYR B 401 4.55 21.40 -2.50
N LEU B 402 3.23 21.51 -2.35
CA LEU B 402 2.60 22.82 -2.33
C LEU B 402 2.93 23.58 -1.05
N ASP B 403 3.12 22.87 0.07
CA ASP B 403 3.54 23.58 1.28
C ASP B 403 4.92 24.18 1.08
N ASP B 404 5.82 23.44 0.43
CA ASP B 404 7.14 23.97 0.12
C ASP B 404 7.06 25.17 -0.82
N LEU B 405 6.18 25.11 -1.83
CA LEU B 405 6.02 26.26 -2.72
C LEU B 405 5.51 27.48 -1.96
N VAL B 406 4.49 27.29 -1.10
CA VAL B 406 3.89 28.42 -0.42
C VAL B 406 4.75 28.92 0.73
N ASP B 407 5.68 28.10 1.23
CA ASP B 407 6.57 28.56 2.29
C ASP B 407 7.54 29.61 1.77
N LYS B 408 7.97 29.48 0.51
CA LYS B 408 8.92 30.41 -0.09
C LYS B 408 8.29 31.73 -0.45
N ALA B 409 7.08 31.99 0.04
CA ALA B 409 6.32 33.23 -0.14
C ALA B 409 5.87 33.43 -1.57
N VAL B 410 6.24 32.57 -2.51
CA VAL B 410 5.74 32.67 -3.87
C VAL B 410 4.32 32.12 -3.89
N SER B 411 3.45 32.75 -4.65
CA SER B 411 2.05 32.38 -4.62
C SER B 411 1.69 31.57 -5.85
N PRO B 412 1.50 30.26 -5.71
CA PRO B 412 1.17 29.44 -6.87
C PRO B 412 -0.28 29.63 -7.27
N VAL B 413 -0.63 29.04 -8.40
CA VAL B 413 -1.99 29.02 -8.87
C VAL B 413 -2.40 27.55 -8.93
N VAL B 414 -3.48 27.22 -8.23
CA VAL B 414 -3.93 25.85 -8.04
C VAL B 414 -5.13 25.63 -8.94
N TYR B 415 -5.04 24.65 -9.82
CA TYR B 415 -6.12 24.29 -10.72
C TYR B 415 -6.77 23.01 -10.19
N LEU B 416 -8.02 23.12 -9.75
CA LEU B 416 -8.79 21.96 -9.35
C LEU B 416 -9.61 21.49 -10.54
N ILE B 417 -9.31 20.30 -11.04
CA ILE B 417 -9.95 19.75 -12.23
C ILE B 417 -10.80 18.55 -11.80
N GLY B 418 -12.05 18.54 -12.23
CA GLY B 418 -12.91 17.40 -11.98
C GLY B 418 -13.54 16.88 -13.25
N VAL B 419 -13.18 15.67 -13.64
CA VAL B 419 -13.79 15.06 -14.81
C VAL B 419 -15.20 14.62 -14.46
N ASP B 420 -16.13 14.88 -15.36
CA ASP B 420 -17.54 14.56 -15.16
C ASP B 420 -17.95 13.45 -16.12
N HIS B 421 -19.15 12.93 -15.90
CA HIS B 421 -19.75 11.92 -16.78
C HIS B 421 -18.88 10.67 -16.89
N ILE B 422 -18.41 10.18 -15.74
CA ILE B 422 -17.65 8.93 -15.70
C ILE B 422 -18.52 7.75 -15.26
N GLN B 423 -19.63 8.01 -14.58
CA GLN B 423 -20.51 6.93 -14.13
C GLN B 423 -21.10 6.15 -15.29
N ASP B 424 -21.27 6.80 -16.46
CA ASP B 424 -21.80 6.08 -17.61
C ASP B 424 -20.88 4.94 -18.03
N VAL B 425 -19.58 5.23 -18.13
CA VAL B 425 -18.61 4.16 -18.43
C VAL B 425 -18.54 3.18 -17.26
N ILE B 426 -18.55 3.69 -16.03
CA ILE B 426 -18.46 2.82 -14.85
C ILE B 426 -19.55 1.78 -14.86
N ASP B 427 -20.77 2.17 -15.27
CA ASP B 427 -21.89 1.24 -15.30
C ASP B 427 -21.83 0.35 -16.54
N SER B 428 -21.77 0.96 -17.72
CA SER B 428 -21.90 0.19 -18.95
C SER B 428 -20.76 -0.80 -19.15
N LEU B 429 -19.52 -0.43 -18.81
CA LEU B 429 -18.40 -1.34 -19.03
C LEU B 429 -17.68 -1.77 -17.76
N GLY B 430 -17.97 -1.17 -16.62
CA GLY B 430 -17.42 -1.65 -15.37
C GLY B 430 -16.21 -0.85 -14.91
N TYR B 431 -15.77 -1.18 -13.69
CA TYR B 431 -14.65 -0.46 -13.09
C TYR B 431 -13.35 -0.72 -13.82
N ALA B 432 -13.19 -1.91 -14.40
CA ALA B 432 -11.95 -2.23 -15.08
C ALA B 432 -11.71 -1.27 -16.25
N TRP B 433 -12.75 -0.97 -17.02
CA TRP B 433 -12.62 -0.04 -18.13
C TRP B 433 -12.80 1.41 -17.72
N ALA B 434 -13.48 1.68 -16.60
CA ALA B 434 -13.47 3.03 -16.06
C ALA B 434 -12.06 3.45 -15.65
N ASP B 435 -11.31 2.51 -15.08
CA ASP B 435 -9.90 2.75 -14.80
C ASP B 435 -9.14 3.08 -16.07
N GLN B 436 -9.46 2.38 -17.17
CA GLN B 436 -8.80 2.67 -18.44
C GLN B 436 -9.14 4.06 -18.95
N ALA B 437 -10.40 4.48 -18.81
CA ALA B 437 -10.79 5.81 -19.25
C ALA B 437 -10.05 6.89 -18.47
N LEU B 438 -10.04 6.76 -17.14
CA LEU B 438 -9.31 7.72 -16.31
C LEU B 438 -7.82 7.69 -16.62
N LEU B 439 -7.26 6.51 -16.89
CA LEU B 439 -5.85 6.40 -17.23
C LEU B 439 -5.53 7.09 -18.55
N GLU B 440 -6.41 6.97 -19.54
CA GLU B 440 -6.22 7.67 -20.80
C GLU B 440 -6.24 9.17 -20.60
N VAL B 441 -7.17 9.67 -19.77
CA VAL B 441 -7.19 11.11 -19.49
C VAL B 441 -5.90 11.54 -18.81
N VAL B 442 -5.43 10.75 -17.84
CA VAL B 442 -4.15 11.05 -17.20
C VAL B 442 -3.04 11.10 -18.22
N ASN B 443 -3.05 10.19 -19.19
CA ASN B 443 -2.03 10.18 -20.23
C ASN B 443 -2.08 11.46 -21.06
N ARG B 444 -3.29 11.92 -21.37
CA ARG B 444 -3.43 13.20 -22.08
C ARG B 444 -2.79 14.34 -21.29
N PHE B 445 -3.07 14.40 -20.00
CA PHE B 445 -2.48 15.44 -19.17
C PHE B 445 -0.98 15.34 -19.16
N ARG B 446 -0.45 14.11 -19.05
CA ARG B 446 0.99 13.91 -19.01
C ARG B 446 1.64 14.37 -20.31
N GLU B 447 1.02 14.05 -21.44
CA GLU B 447 1.58 14.46 -22.72
C GLU B 447 1.52 15.96 -22.94
N LYS B 448 0.54 16.65 -22.34
CA LYS B 448 0.41 18.09 -22.59
C LYS B 448 0.94 18.99 -21.49
N LEU B 449 1.48 18.45 -20.40
CA LEU B 449 1.95 19.33 -19.33
C LEU B 449 3.28 20.00 -19.71
N LYS B 450 3.75 20.86 -18.82
CA LYS B 450 4.95 21.66 -19.01
C LYS B 450 5.85 21.53 -17.79
N PRO B 451 7.16 21.76 -17.95
CA PRO B 451 8.09 21.51 -16.84
C PRO B 451 7.89 22.39 -15.63
N ASP B 452 7.25 23.53 -15.76
CA ASP B 452 7.02 24.40 -14.62
C ASP B 452 5.76 24.05 -13.84
N GLN B 453 5.04 23.02 -14.26
CA GLN B 453 3.78 22.63 -13.68
C GLN B 453 3.91 21.33 -12.91
N TYR B 454 2.97 21.09 -12.00
CA TYR B 454 2.95 19.88 -11.18
C TYR B 454 1.55 19.27 -11.22
N LEU B 455 1.46 17.97 -11.52
CA LEU B 455 0.18 17.29 -11.63
C LEU B 455 0.01 16.29 -10.50
N CYS B 456 -1.16 16.27 -9.90
CA CYS B 456 -1.47 15.37 -8.79
C CYS B 456 -2.94 14.97 -8.86
N ARG B 457 -3.28 13.88 -8.17
CA ARG B 457 -4.65 13.42 -8.05
C ARG B 457 -4.98 13.26 -6.58
N ILE B 458 -6.03 13.94 -6.12
CA ILE B 458 -6.29 14.03 -4.69
C ILE B 458 -7.16 12.88 -4.18
N GLU B 459 -8.39 12.75 -4.69
CA GLU B 459 -9.26 11.64 -4.33
C GLU B 459 -10.09 11.25 -5.53
N GLY B 460 -9.98 10.00 -5.95
CA GLY B 460 -10.86 9.45 -6.97
C GLY B 460 -10.72 10.10 -8.33
N THR B 461 -11.70 10.91 -8.72
CA THR B 461 -11.71 11.56 -10.03
C THR B 461 -11.48 13.08 -9.92
N GLN B 462 -10.68 13.50 -8.94
CA GLN B 462 -10.34 14.91 -8.76
C GLN B 462 -8.84 15.09 -8.83
N PHE B 463 -8.39 16.03 -9.66
CA PHE B 463 -6.97 16.26 -9.94
C PHE B 463 -6.63 17.71 -9.67
N VAL B 464 -5.34 17.98 -9.53
CA VAL B 464 -4.83 19.33 -9.24
C VAL B 464 -3.59 19.59 -10.09
N LEU B 465 -3.55 20.77 -10.70
CA LEU B 465 -2.40 21.23 -11.47
C LEU B 465 -1.87 22.51 -10.83
N VAL B 466 -0.63 22.48 -10.37
CA VAL B 466 0.00 23.62 -9.74
C VAL B 466 0.87 24.32 -10.77
N SER B 467 0.61 25.61 -10.97
CA SER B 467 1.35 26.42 -11.93
C SER B 467 1.85 27.68 -11.25
N LEU B 468 2.76 28.38 -11.93
CA LEU B 468 3.32 29.62 -11.42
C LEU B 468 3.09 30.80 -12.36
N GLU B 469 2.43 30.60 -13.49
CA GLU B 469 2.15 31.69 -14.42
C GLU B 469 0.99 32.50 -13.85
N ASN B 470 1.33 33.47 -13.02
CA ASN B 470 0.34 34.23 -12.27
C ASN B 470 -0.01 35.53 -12.98
N ASP B 471 -0.71 35.38 -14.10
CA ASP B 471 -1.29 36.52 -14.81
C ASP B 471 -2.45 36.02 -15.65
N VAL B 472 -3.43 36.89 -15.86
CA VAL B 472 -4.69 36.48 -16.45
C VAL B 472 -4.47 35.91 -17.84
N SER B 473 -3.55 36.50 -18.60
CA SER B 473 -3.34 36.08 -19.98
C SER B 473 -2.88 34.63 -20.06
N ASN B 474 -1.97 34.24 -19.18
CA ASN B 474 -1.53 32.84 -19.17
C ASN B 474 -2.56 31.93 -18.52
N ILE B 475 -3.27 32.42 -17.51
CA ILE B 475 -4.24 31.59 -16.79
C ILE B 475 -5.37 31.16 -17.71
N THR B 476 -5.94 32.11 -18.46
CA THR B 476 -7.03 31.75 -19.36
C THR B 476 -6.56 30.78 -20.43
N GLN B 477 -5.37 31.00 -20.97
CA GLN B 477 -4.85 30.12 -22.00
C GLN B 477 -4.70 28.70 -21.49
N ILE B 478 -4.04 28.54 -20.34
CA ILE B 478 -3.79 27.18 -19.85
C ILE B 478 -5.09 26.51 -19.42
N ALA B 479 -6.02 27.27 -18.81
CA ALA B 479 -7.29 26.68 -18.43
C ALA B 479 -8.08 26.23 -19.65
N ASP B 480 -8.09 27.04 -20.70
CA ASP B 480 -8.79 26.66 -21.92
C ASP B 480 -8.16 25.43 -22.55
N GLU B 481 -6.83 25.35 -22.56
CA GLU B 481 -6.18 24.17 -23.11
C GLU B 481 -6.53 22.92 -22.31
N LEU B 482 -6.51 23.02 -20.96
CA LEU B 482 -6.87 21.88 -20.13
C LEU B 482 -8.31 21.44 -20.41
N ARG B 483 -9.22 22.40 -20.53
CA ARG B 483 -10.59 22.04 -20.85
C ARG B 483 -10.71 21.42 -22.23
N ASN B 484 -9.86 21.86 -23.17
CA ASN B 484 -9.96 21.39 -24.54
C ASN B 484 -9.34 20.01 -24.74
N VAL B 485 -8.46 19.58 -23.85
CA VAL B 485 -7.77 18.30 -24.04
C VAL B 485 -8.76 17.16 -24.26
N VAL B 486 -9.99 17.33 -23.78
CA VAL B 486 -11.00 16.29 -23.90
C VAL B 486 -11.92 16.52 -25.10
N SER B 487 -11.50 17.35 -26.06
CA SER B 487 -12.31 17.57 -27.26
C SER B 487 -12.48 16.29 -28.06
N LYS B 488 -11.42 15.52 -28.25
CA LYS B 488 -11.52 14.22 -28.88
C LYS B 488 -11.96 13.19 -27.86
N PRO B 489 -13.06 12.47 -28.13
CA PRO B 489 -13.64 11.60 -27.11
C PRO B 489 -12.68 10.49 -26.69
N ILE B 490 -12.76 10.13 -25.41
CA ILE B 490 -11.98 9.00 -24.92
C ILE B 490 -12.50 7.71 -25.54
N MET B 491 -11.58 6.97 -26.15
CA MET B 491 -11.91 5.72 -26.81
C MET B 491 -11.53 4.56 -25.89
N ILE B 492 -12.52 3.74 -25.55
CA ILE B 492 -12.30 2.58 -24.70
C ILE B 492 -12.96 1.37 -25.33
N ASP B 493 -12.16 0.58 -26.05
CA ASP B 493 -12.62 -0.66 -26.69
C ASP B 493 -13.77 -0.40 -27.66
N ASP B 494 -13.47 0.38 -28.70
CA ASP B 494 -14.36 0.62 -29.84
C ASP B 494 -15.70 1.20 -29.44
N LYS B 495 -15.78 1.98 -28.37
CA LYS B 495 -17.01 2.62 -27.94
C LYS B 495 -16.73 4.03 -27.50
N PRO B 496 -17.14 5.05 -28.26
CA PRO B 496 -16.81 6.43 -27.92
C PRO B 496 -17.48 6.86 -26.63
N PHE B 497 -16.85 7.83 -25.98
CA PHE B 497 -17.36 8.38 -24.72
C PHE B 497 -16.99 9.84 -24.60
N PRO B 498 -17.93 10.75 -24.73
CA PRO B 498 -17.61 12.18 -24.64
C PRO B 498 -17.51 12.70 -23.21
N LEU B 499 -16.34 12.55 -22.59
CA LEU B 499 -16.13 13.08 -21.25
C LEU B 499 -16.02 14.60 -21.29
N THR B 500 -15.95 15.21 -20.11
CA THR B 500 -15.90 16.67 -20.00
C THR B 500 -15.30 17.04 -18.64
N LEU B 501 -14.95 18.32 -18.49
CA LEU B 501 -14.23 18.78 -17.31
C LEU B 501 -14.89 20.00 -16.69
N SER B 502 -14.81 20.06 -15.35
CA SER B 502 -15.19 21.24 -14.58
C SER B 502 -13.95 21.67 -13.80
N ILE B 503 -13.43 22.84 -14.12
CA ILE B 503 -12.12 23.26 -13.63
C ILE B 503 -12.23 24.63 -12.98
N GLY B 504 -11.69 24.75 -11.78
CA GLY B 504 -11.72 25.99 -11.04
C GLY B 504 -10.31 26.43 -10.68
N ILE B 505 -10.13 27.74 -10.62
CA ILE B 505 -8.81 28.36 -10.46
C ILE B 505 -8.76 29.04 -9.09
N SER B 506 -7.65 28.85 -8.38
CA SER B 506 -7.44 29.51 -7.11
C SER B 506 -6.05 30.12 -7.08
N TYR B 507 -5.96 31.36 -6.58
CA TYR B 507 -4.68 32.06 -6.53
C TYR B 507 -4.73 33.24 -5.58
N ASP B 508 -3.81 33.29 -4.61
CA ASP B 508 -3.65 34.41 -3.70
C ASP B 508 -2.29 34.30 -3.04
N LEU B 509 -1.86 35.40 -2.42
CA LEU B 509 -0.55 35.48 -1.79
C LEU B 509 -0.69 35.35 -0.28
N GLY B 510 0.27 34.66 0.33
CA GLY B 510 0.38 34.61 1.77
C GLY B 510 -0.64 33.74 2.48
N LYS B 511 -1.77 33.49 1.82
CA LYS B 511 -2.83 32.71 2.44
C LYS B 511 -2.41 31.25 2.59
N ASN B 512 -2.84 30.63 3.68
CA ASN B 512 -2.57 29.22 3.90
C ASN B 512 -3.26 28.38 2.82
N ARG B 513 -2.68 27.21 2.55
CA ARG B 513 -3.17 26.41 1.43
C ARG B 513 -4.61 25.96 1.64
N ASP B 514 -5.10 25.95 2.88
CA ASP B 514 -6.49 25.62 3.12
C ASP B 514 -7.40 26.64 2.44
N TYR B 515 -7.05 27.92 2.52
CA TYR B 515 -7.85 28.96 1.86
C TYR B 515 -7.94 28.71 0.36
N LEU B 516 -6.81 28.51 -0.29
CA LEU B 516 -6.79 28.33 -1.74
C LEU B 516 -7.51 27.05 -2.15
N LEU B 517 -7.26 25.95 -1.44
CA LEU B 517 -7.93 24.69 -1.76
C LEU B 517 -9.43 24.82 -1.58
N SER B 518 -9.88 25.47 -0.52
CA SER B 518 -11.30 25.64 -0.29
C SER B 518 -11.92 26.48 -1.40
N THR B 519 -11.26 27.56 -1.80
CA THR B 519 -11.82 28.40 -2.85
C THR B 519 -11.94 27.62 -4.16
N ALA B 520 -10.92 26.85 -4.49
CA ALA B 520 -10.96 26.07 -5.72
C ALA B 520 -12.09 25.04 -5.67
N HIS B 521 -12.26 24.37 -4.53
CA HIS B 521 -13.34 23.40 -4.41
C HIS B 521 -14.70 24.06 -4.47
N ASN B 522 -14.82 25.27 -3.92
CA ASN B 522 -16.07 26.01 -4.02
C ASN B 522 -16.39 26.32 -5.48
N ALA B 523 -15.38 26.72 -6.24
CA ALA B 523 -15.60 26.97 -7.67
C ALA B 523 -16.01 25.68 -8.39
N MET B 524 -15.35 24.57 -8.07
CA MET B 524 -15.71 23.29 -8.65
C MET B 524 -17.15 22.93 -8.36
N ASP B 525 -17.55 23.07 -7.10
CA ASP B 525 -18.93 22.73 -6.73
C ASP B 525 -19.92 23.63 -7.44
N TYR B 526 -19.60 24.93 -7.54
CA TYR B 526 -20.50 25.85 -8.23
C TYR B 526 -20.67 25.44 -9.69
N ILE B 527 -19.57 25.16 -10.39
CA ILE B 527 -19.70 24.86 -11.81
C ILE B 527 -20.38 23.52 -12.02
N ARG B 528 -20.11 22.53 -11.16
CA ARG B 528 -20.75 21.23 -11.32
C ARG B 528 -22.23 21.31 -11.03
N LYS B 529 -22.63 22.11 -10.04
CA LYS B 529 -24.05 22.33 -9.80
C LYS B 529 -24.70 23.08 -10.95
N ASN B 530 -23.98 24.04 -11.55
CA ASN B 530 -24.52 24.75 -12.69
C ASN B 530 -24.65 23.87 -13.92
N GLY B 531 -23.86 22.80 -14.01
CA GLY B 531 -24.01 21.88 -15.12
C GLY B 531 -22.73 21.32 -15.68
N GLY B 532 -21.59 21.76 -15.16
CA GLY B 532 -20.32 21.24 -15.61
C GLY B 532 -19.92 21.76 -16.97
N ASN B 533 -18.82 21.17 -17.47
CA ASN B 533 -18.25 21.53 -18.77
C ASN B 533 -17.84 23.01 -18.80
N GLY B 534 -16.90 23.37 -17.93
CA GLY B 534 -16.53 24.76 -17.87
C GLY B 534 -15.43 25.03 -16.86
N TRP B 535 -15.11 26.31 -16.71
CA TRP B 535 -14.01 26.76 -15.86
C TRP B 535 -14.40 28.08 -15.21
N GLN B 536 -13.94 28.29 -13.97
CA GLN B 536 -14.34 29.48 -13.24
C GLN B 536 -13.26 29.91 -12.26
N PHE B 537 -13.31 31.20 -11.92
CA PHE B 537 -12.50 31.80 -10.88
C PHE B 537 -13.31 31.97 -9.60
N PHE B 538 -12.62 31.98 -8.46
CA PHE B 538 -13.30 32.16 -7.19
C PHE B 538 -13.56 33.64 -6.91
N SER B 539 -12.49 34.43 -6.80
CA SER B 539 -12.61 35.83 -6.41
C SER B 539 -13.28 36.65 -7.50
N PRO B 540 -14.42 37.27 -7.22
CA PRO B 540 -15.09 38.06 -8.26
C PRO B 540 -14.23 39.18 -8.82
N ALA B 541 -13.39 39.80 -7.98
CA ALA B 541 -12.49 40.83 -8.47
C ALA B 541 -11.59 40.29 -9.57
N MET B 542 -11.19 39.02 -9.45
CA MET B 542 -10.47 38.33 -10.49
C MET B 542 -11.38 37.76 -11.57
N ASN B 543 -12.70 37.79 -11.35
CA ASN B 543 -13.62 37.13 -12.26
C ASN B 543 -14.26 38.04 -13.28
N GLU B 544 -14.66 39.27 -12.90
CA GLU B 544 -15.30 40.12 -13.91
C GLU B 544 -14.31 40.62 -14.97
N MET B 545 -13.00 40.47 -14.76
CA MET B 545 -12.05 40.89 -15.78
C MET B 545 -12.24 40.08 -17.05
N VAL B 546 -12.50 38.78 -16.91
CA VAL B 546 -12.76 37.94 -18.08
C VAL B 546 -13.98 38.43 -18.83
N LYS B 547 -15.04 38.79 -18.09
CA LYS B 547 -16.25 39.30 -18.74
C LYS B 547 -15.96 40.61 -19.47
N GLU B 548 -15.19 41.50 -18.85
CA GLU B 548 -14.84 42.75 -19.51
C GLU B 548 -14.03 42.51 -20.78
N ARG B 549 -13.07 41.58 -20.72
CA ARG B 549 -12.26 41.30 -21.90
C ARG B 549 -13.09 40.66 -23.00
N LEU B 550 -14.06 39.82 -22.64
CA LEU B 550 -14.97 39.29 -23.64
C LEU B 550 -15.77 40.41 -24.29
N VAL B 551 -16.23 41.37 -23.49
CA VAL B 551 -16.97 42.49 -24.05
C VAL B 551 -16.09 43.27 -25.01
N LEU B 552 -14.84 43.51 -24.63
CA LEU B 552 -13.91 44.24 -25.50
C LEU B 552 -13.64 43.48 -26.80
N GLY B 553 -13.50 42.16 -26.71
CA GLY B 553 -13.29 41.37 -27.90
C GLY B 553 -14.50 41.41 -28.82
N ALA B 554 -15.70 41.34 -28.26
CA ALA B 554 -16.90 41.45 -29.07
C ALA B 554 -16.96 42.81 -29.75
N ALA B 555 -16.60 43.86 -29.01
CA ALA B 555 -16.58 45.19 -29.60
C ALA B 555 -15.60 45.27 -30.76
N LEU B 556 -14.41 44.69 -30.59
CA LEU B 556 -13.42 44.72 -31.64
C LEU B 556 -13.90 43.97 -32.87
N LYS B 557 -14.52 42.81 -32.67
CA LYS B 557 -15.02 42.04 -33.81
C LYS B 557 -16.08 42.83 -34.57
N GLU B 558 -17.04 43.41 -33.84
CA GLU B 558 -18.08 44.19 -34.49
C GLU B 558 -17.49 45.37 -35.24
N ALA B 559 -16.52 46.06 -34.64
CA ALA B 559 -15.96 47.25 -35.26
C ALA B 559 -15.15 46.90 -36.50
N ILE B 560 -14.35 45.85 -36.44
CA ILE B 560 -13.55 45.48 -37.60
C ILE B 560 -14.46 44.99 -38.72
N SER B 561 -15.59 44.38 -38.37
CA SER B 561 -16.57 44.05 -39.40
C SER B 561 -17.18 45.30 -40.00
N ASN B 562 -17.49 46.29 -39.15
CA ASN B 562 -18.20 47.48 -39.59
C ASN B 562 -17.29 48.56 -40.17
N ASN B 563 -15.98 48.32 -40.21
CA ASN B 563 -15.03 49.24 -40.84
C ASN B 563 -15.08 50.62 -40.18
N GLN B 564 -14.66 50.65 -38.91
CA GLN B 564 -14.55 51.92 -38.20
C GLN B 564 -13.25 52.02 -37.40
N LEU B 565 -12.19 51.38 -37.88
CA LEU B 565 -10.87 51.55 -37.29
C LEU B 565 -10.17 52.73 -37.96
N LYS B 566 -8.98 53.06 -37.49
CA LYS B 566 -8.31 54.29 -37.91
C LYS B 566 -6.84 54.02 -38.18
N LEU B 567 -6.24 54.86 -39.04
CA LEU B 567 -4.85 54.75 -39.43
C LEU B 567 -4.16 56.10 -39.32
N VAL B 568 -2.94 56.09 -38.79
CA VAL B 568 -2.15 57.31 -38.64
C VAL B 568 -0.80 57.09 -39.34
N TYR B 569 -0.15 58.19 -39.71
CA TYR B 569 0.98 58.14 -40.62
C TYR B 569 2.20 58.81 -40.00
N GLN B 570 3.12 57.99 -39.50
CA GLN B 570 4.40 58.51 -39.04
C GLN B 570 5.20 59.01 -40.22
N PRO B 571 5.83 60.18 -40.12
CA PRO B 571 6.68 60.65 -41.21
C PRO B 571 8.16 60.32 -41.03
N GLN B 572 8.84 59.94 -42.12
CA GLN B 572 10.26 59.62 -42.10
C GLN B 572 11.01 60.54 -43.05
N ILE B 573 12.08 61.15 -42.54
CA ILE B 573 12.76 62.25 -43.23
C ILE B 573 14.27 62.03 -43.18
N PHE B 574 14.94 62.30 -44.30
CA PHE B 574 16.39 62.31 -44.31
C PHE B 574 16.89 63.31 -43.28
N ALA B 575 17.92 62.92 -42.53
CA ALA B 575 18.48 63.85 -41.57
C ALA B 575 19.24 64.99 -42.24
N GLU B 576 19.65 64.82 -43.50
CA GLU B 576 20.48 65.81 -44.17
C GLU B 576 19.72 66.60 -45.25
N THR B 577 19.17 65.92 -46.25
CA THR B 577 18.51 66.63 -47.34
C THR B 577 17.14 67.15 -46.96
N GLY B 578 16.43 66.47 -46.08
CA GLY B 578 15.19 66.96 -45.52
C GLY B 578 13.93 66.49 -46.19
N GLU B 579 14.02 65.85 -47.36
CA GLU B 579 12.82 65.37 -48.02
C GLU B 579 12.25 64.17 -47.28
N LEU B 580 10.95 63.95 -47.45
CA LEU B 580 10.29 62.79 -46.85
C LEU B 580 10.77 61.52 -47.53
N TYR B 581 11.46 60.66 -46.78
CA TYR B 581 11.83 59.36 -47.33
C TYR B 581 10.65 58.41 -47.36
N GLY B 582 9.62 58.65 -46.56
CA GLY B 582 8.44 57.80 -46.58
C GLY B 582 7.60 58.02 -45.34
N ILE B 583 6.53 57.23 -45.24
CA ILE B 583 5.65 57.27 -44.09
C ILE B 583 5.33 55.85 -43.66
N GLU B 584 4.79 55.71 -42.45
CA GLU B 584 4.46 54.41 -41.89
C GLU B 584 3.00 54.40 -41.46
N ALA B 585 2.36 53.25 -41.60
CA ALA B 585 0.97 53.09 -41.23
C ALA B 585 0.89 52.45 -39.85
N LEU B 586 0.23 53.13 -38.92
CA LEU B 586 0.13 52.69 -37.53
C LEU B 586 -1.34 52.49 -37.18
N ALA B 587 -1.66 51.31 -36.67
CA ALA B 587 -3.05 51.00 -36.34
C ALA B 587 -3.51 51.83 -35.14
N ARG B 588 -4.77 52.26 -35.21
CA ARG B 588 -5.38 53.02 -34.13
C ARG B 588 -6.81 52.56 -33.97
N TRP B 589 -7.38 52.80 -32.79
CA TRP B 589 -8.62 52.15 -32.40
C TRP B 589 -9.31 52.97 -31.34
N HIS B 590 -10.42 53.62 -31.70
CA HIS B 590 -11.15 54.48 -30.78
C HIS B 590 -12.62 54.09 -30.80
N ASP B 591 -13.22 53.99 -29.60
CA ASP B 591 -14.58 53.50 -29.44
C ASP B 591 -15.27 54.32 -28.35
N PRO B 592 -16.45 54.88 -28.62
CA PRO B 592 -17.14 55.67 -27.59
C PRO B 592 -17.40 54.92 -26.29
N LEU B 593 -17.69 53.62 -26.36
CA LEU B 593 -18.00 52.89 -25.15
C LEU B 593 -16.77 52.51 -24.34
N HIS B 594 -15.57 52.58 -24.92
CA HIS B 594 -14.35 52.18 -24.23
C HIS B 594 -13.24 53.21 -24.24
N GLY B 595 -13.29 54.20 -25.12
CA GLY B 595 -12.20 55.14 -25.23
C GLY B 595 -11.07 54.62 -26.09
N HIS B 596 -10.01 55.41 -26.17
CA HIS B 596 -8.85 55.04 -26.98
C HIS B 596 -8.14 53.86 -26.35
N VAL B 597 -7.86 52.84 -27.16
CA VAL B 597 -7.14 51.66 -26.74
C VAL B 597 -5.92 51.52 -27.65
N PRO B 598 -4.72 51.33 -27.10
CA PRO B 598 -3.53 51.29 -27.95
C PRO B 598 -3.34 49.92 -28.56
N PRO B 599 -2.63 49.87 -29.69
CA PRO B 599 -2.33 48.56 -30.30
C PRO B 599 -1.57 47.64 -29.38
N SER B 600 -0.69 48.19 -28.54
CA SER B 600 0.07 47.35 -27.61
C SER B 600 -0.83 46.57 -26.68
N ARG B 601 -2.08 47.00 -26.51
CA ARG B 601 -3.06 46.19 -25.82
C ARG B 601 -3.97 45.40 -26.75
N PHE B 602 -4.50 46.00 -27.83
CA PHE B 602 -5.56 45.29 -28.53
C PHE B 602 -5.07 44.38 -29.66
N ILE B 603 -3.78 44.31 -29.93
CA ILE B 603 -3.30 43.30 -30.87
C ILE B 603 -3.18 41.95 -30.17
N PRO B 604 -2.69 41.89 -28.93
CA PRO B 604 -2.81 40.62 -28.21
C PRO B 604 -4.24 40.14 -28.09
N LEU B 605 -5.18 41.06 -27.96
CA LEU B 605 -6.58 40.67 -27.87
C LEU B 605 -7.04 40.05 -29.19
N ALA B 606 -6.62 40.63 -30.32
CA ALA B 606 -6.97 40.06 -31.62
C ALA B 606 -6.33 38.68 -31.80
N GLU B 607 -5.09 38.51 -31.34
CA GLU B 607 -4.45 37.20 -31.42
C GLU B 607 -5.17 36.16 -30.56
N GLU B 608 -5.65 36.56 -29.38
CA GLU B 608 -6.35 35.62 -28.51
C GLU B 608 -7.80 35.39 -28.94
N ILE B 609 -8.38 36.27 -29.74
CA ILE B 609 -9.73 36.04 -30.23
C ILE B 609 -9.77 35.40 -31.60
N GLY B 610 -8.69 35.49 -32.37
CA GLY B 610 -8.66 34.88 -33.69
C GLY B 610 -9.29 35.69 -34.80
N GLU B 611 -9.18 37.02 -34.75
CA GLU B 611 -9.64 37.88 -35.82
C GLU B 611 -8.51 38.71 -36.41
N ILE B 612 -7.26 38.27 -36.26
CA ILE B 612 -6.13 39.13 -36.58
C ILE B 612 -5.90 39.18 -38.08
N GLU B 613 -6.31 38.13 -38.80
CA GLU B 613 -6.16 38.13 -40.25
C GLU B 613 -7.00 39.25 -40.87
N ASN B 614 -8.21 39.45 -40.36
CA ASN B 614 -9.05 40.52 -40.88
C ASN B 614 -8.48 41.90 -40.54
N ILE B 615 -7.84 42.04 -39.37
CA ILE B 615 -7.17 43.30 -39.07
C ILE B 615 -6.07 43.58 -40.08
N GLY B 616 -5.29 42.55 -40.41
CA GLY B 616 -4.26 42.73 -41.42
C GLY B 616 -4.83 43.07 -42.77
N ARG B 617 -5.92 42.39 -43.15
CA ARG B 617 -6.58 42.72 -44.40
C ARG B 617 -6.99 44.19 -44.41
N TRP B 618 -7.57 44.66 -43.31
CA TRP B 618 -8.03 46.04 -43.26
C TRP B 618 -6.87 47.00 -43.38
N VAL B 619 -5.78 46.75 -42.65
CA VAL B 619 -4.67 47.71 -42.69
C VAL B 619 -4.09 47.78 -44.09
N ILE B 620 -3.91 46.62 -44.74
CA ILE B 620 -3.32 46.63 -46.08
C ILE B 620 -4.22 47.36 -47.06
N ALA B 621 -5.51 47.01 -47.08
CA ALA B 621 -6.42 47.62 -48.04
C ALA B 621 -6.56 49.12 -47.80
N GLU B 622 -6.74 49.52 -46.54
CA GLU B 622 -6.93 50.92 -46.24
C GLU B 622 -5.68 51.74 -46.55
N ALA B 623 -4.50 51.20 -46.24
CA ALA B 623 -3.28 51.93 -46.57
C ALA B 623 -3.13 52.09 -48.07
N CYS B 624 -3.42 51.03 -48.83
CA CYS B 624 -3.32 51.15 -50.28
C CYS B 624 -4.29 52.19 -50.81
N ARG B 625 -5.54 52.18 -50.33
CA ARG B 625 -6.53 53.12 -50.83
C ARG B 625 -6.16 54.55 -50.47
N GLN B 626 -5.72 54.77 -49.23
CA GLN B 626 -5.35 56.10 -48.78
C GLN B 626 -4.13 56.65 -49.51
N LEU B 627 -3.16 55.79 -49.85
CA LEU B 627 -2.10 56.23 -50.75
C LEU B 627 -2.65 56.51 -52.14
N ALA B 628 -3.67 55.76 -52.55
CA ALA B 628 -4.22 55.91 -53.90
C ALA B 628 -4.85 57.28 -54.10
N GLU B 629 -5.63 57.75 -53.11
CA GLU B 629 -6.23 59.07 -53.30
C GLU B 629 -5.14 60.13 -53.50
N TRP B 630 -4.11 60.11 -52.67
CA TRP B 630 -3.06 61.13 -52.79
C TRP B 630 -2.30 61.00 -54.09
N ARG B 631 -1.95 59.78 -54.50
CA ARG B 631 -1.23 59.61 -55.76
C ARG B 631 -2.08 60.10 -56.93
N SER B 632 -3.38 59.87 -56.86
CA SER B 632 -4.28 60.42 -57.88
C SER B 632 -4.25 61.94 -57.86
N GLN B 633 -4.27 62.52 -56.67
CA GLN B 633 -4.14 63.97 -56.57
C GLN B 633 -2.74 64.40 -56.96
N ASN B 634 -2.55 65.70 -57.12
CA ASN B 634 -1.27 66.23 -57.58
C ASN B 634 -0.25 66.21 -56.45
N ILE B 635 0.02 65.03 -55.91
CA ILE B 635 1.00 64.87 -54.85
C ILE B 635 1.46 63.42 -54.87
N HIS B 636 2.75 63.21 -54.53
CA HIS B 636 3.34 61.90 -54.57
C HIS B 636 4.26 61.72 -53.36
N ILE B 637 4.22 60.52 -52.80
CA ILE B 637 5.09 60.16 -51.66
C ILE B 637 5.81 58.87 -51.98
N PRO B 638 7.03 58.73 -51.46
CA PRO B 638 7.86 57.58 -51.86
C PRO B 638 7.25 56.22 -51.52
N ALA B 639 6.94 55.98 -50.25
CA ALA B 639 6.40 54.69 -49.88
C ALA B 639 5.78 54.76 -48.50
N LEU B 640 4.89 53.81 -48.23
CA LEU B 640 4.33 53.58 -46.91
C LEU B 640 4.78 52.22 -46.43
N SER B 641 5.19 52.14 -45.17
CA SER B 641 5.59 50.89 -44.56
C SER B 641 4.45 50.42 -43.66
N VAL B 642 3.95 49.22 -43.94
CA VAL B 642 2.85 48.64 -43.19
C VAL B 642 3.42 47.49 -42.36
N ASN B 643 3.33 47.60 -41.04
CA ASN B 643 4.07 46.74 -40.13
C ASN B 643 3.33 45.42 -39.91
N LEU B 644 3.53 44.50 -40.86
CA LEU B 644 2.83 43.23 -40.83
C LEU B 644 3.24 42.38 -39.64
N SER B 645 4.56 42.19 -39.47
CA SER B 645 5.02 41.33 -38.39
C SER B 645 4.71 41.92 -37.03
N ALA B 646 4.69 43.25 -36.93
CA ALA B 646 4.22 43.89 -35.71
C ALA B 646 2.73 43.69 -35.51
N LEU B 647 1.96 43.60 -36.58
CA LEU B 647 0.54 43.29 -36.51
C LEU B 647 0.26 41.80 -36.43
N HIS B 648 1.30 40.98 -36.29
CA HIS B 648 1.16 39.53 -36.17
C HIS B 648 0.54 38.94 -37.44
N PHE B 649 0.99 39.44 -38.59
CA PHE B 649 0.47 38.98 -39.88
C PHE B 649 0.83 37.53 -40.14
N ARG B 650 1.76 36.97 -39.37
CA ARG B 650 2.29 35.64 -39.64
C ARG B 650 1.18 34.61 -39.78
N SER B 651 1.05 34.10 -41.00
CA SER B 651 0.08 33.06 -41.33
C SER B 651 0.42 32.56 -42.73
N ASN B 652 -0.17 31.42 -43.09
CA ASN B 652 0.10 30.87 -44.41
C ASN B 652 -0.42 31.79 -45.52
N GLN B 653 -1.51 32.50 -45.26
CA GLN B 653 -2.16 33.31 -46.29
C GLN B 653 -1.63 34.73 -46.29
N LEU B 654 -0.31 34.85 -46.36
CA LEU B 654 0.32 36.16 -46.42
C LEU B 654 0.23 36.78 -47.81
N PRO B 655 0.70 36.11 -48.89
CA PRO B 655 0.90 36.84 -50.15
C PRO B 655 -0.37 37.16 -50.91
N ASN B 656 -1.39 36.33 -50.77
CA ASN B 656 -2.59 36.49 -51.59
C ASN B 656 -3.25 37.85 -51.34
N GLN B 657 -3.43 38.19 -50.07
CA GLN B 657 -4.08 39.45 -49.73
C GLN B 657 -3.23 40.64 -50.14
N VAL B 658 -1.93 40.58 -49.87
CA VAL B 658 -1.05 41.69 -50.25
C VAL B 658 -1.09 41.92 -51.75
N SER B 659 -1.11 40.84 -52.52
CA SER B 659 -1.15 40.98 -53.98
C SER B 659 -2.48 41.55 -54.45
N ASP B 660 -3.59 40.97 -53.98
CA ASP B 660 -4.89 41.35 -54.52
C ASP B 660 -5.25 42.77 -54.12
N ALA B 661 -4.93 43.17 -52.88
CA ALA B 661 -5.17 44.54 -52.48
C ALA B 661 -4.38 45.52 -53.32
N MET B 662 -3.12 45.20 -53.64
CA MET B 662 -2.33 46.06 -54.49
C MET B 662 -2.92 46.14 -55.89
N HIS B 663 -3.36 45.01 -56.42
CA HIS B 663 -3.94 45.00 -57.77
C HIS B 663 -5.22 45.81 -57.83
N ALA B 664 -6.01 45.78 -56.74
CA ALA B 664 -7.28 46.47 -56.74
C ALA B 664 -7.12 47.98 -56.94
N TRP B 665 -6.00 48.55 -56.52
CA TRP B 665 -5.80 49.99 -56.59
C TRP B 665 -4.69 50.43 -57.53
N GLY B 666 -3.91 49.49 -58.07
CA GLY B 666 -2.90 49.89 -59.04
C GLY B 666 -1.54 49.27 -58.81
N ILE B 667 -0.76 49.13 -59.88
CA ILE B 667 0.55 48.49 -59.82
C ILE B 667 1.57 49.55 -59.40
N ASP B 668 1.82 49.64 -58.10
CA ASP B 668 2.79 50.59 -57.54
C ASP B 668 3.67 49.91 -56.50
N GLY B 669 4.23 48.74 -56.84
CA GLY B 669 4.89 47.91 -55.85
C GLY B 669 6.06 48.59 -55.16
N HIS B 670 6.72 49.51 -55.84
CA HIS B 670 7.87 50.20 -55.26
C HIS B 670 7.48 51.17 -54.14
N GLN B 671 6.19 51.43 -53.95
CA GLN B 671 5.72 52.36 -52.94
C GLN B 671 5.18 51.68 -51.70
N LEU B 672 5.41 50.38 -51.52
CA LEU B 672 4.88 49.65 -50.39
C LEU B 672 5.96 48.75 -49.80
N THR B 673 6.05 48.74 -48.47
CA THR B 673 7.11 48.04 -47.77
C THR B 673 6.52 47.29 -46.59
N VAL B 674 7.08 46.10 -46.33
CA VAL B 674 6.59 45.20 -45.30
C VAL B 674 7.71 44.95 -44.30
N GLU B 675 7.34 44.90 -43.02
CA GLU B 675 8.27 44.72 -41.92
C GLU B 675 8.25 43.27 -41.44
N ILE B 676 9.40 42.78 -40.99
CA ILE B 676 9.54 41.44 -40.43
C ILE B 676 10.28 41.55 -39.11
N THR B 677 9.76 40.89 -38.07
CA THR B 677 10.36 41.02 -36.74
C THR B 677 11.50 40.05 -36.52
N GLU B 678 11.95 39.96 -35.27
CA GLU B 678 13.12 39.18 -34.90
C GLU B 678 12.89 37.69 -35.09
N SER B 679 13.51 37.12 -36.12
CA SER B 679 13.55 35.67 -36.31
C SER B 679 12.16 35.05 -36.39
N MET B 680 11.19 35.78 -36.93
CA MET B 680 9.89 35.21 -37.25
C MET B 680 9.88 34.59 -38.64
N MET B 681 10.94 34.78 -39.42
CA MET B 681 11.04 34.25 -40.77
C MET B 681 11.85 32.97 -40.84
N MET B 682 12.51 32.57 -39.75
CA MET B 682 13.41 31.43 -39.80
C MET B 682 12.94 30.30 -38.88
N GLU B 683 12.70 30.62 -37.61
CA GLU B 683 12.29 29.62 -36.63
C GLU B 683 10.96 29.00 -37.04
N HIS B 684 10.03 29.83 -37.50
CA HIS B 684 8.74 29.37 -37.99
C HIS B 684 8.46 30.08 -39.31
N ASP B 685 7.31 29.75 -39.91
CA ASP B 685 6.86 30.29 -41.18
C ASP B 685 7.85 30.03 -42.31
N THR B 686 8.41 28.82 -42.39
CA THR B 686 9.32 28.51 -43.48
C THR B 686 8.60 28.55 -44.83
N GLU B 687 7.36 28.08 -44.87
CA GLU B 687 6.58 28.14 -46.11
C GLU B 687 6.24 29.57 -46.50
N ILE B 688 6.30 30.52 -45.57
CA ILE B 688 6.10 31.92 -45.90
C ILE B 688 7.41 32.56 -46.34
N PHE B 689 8.50 32.19 -45.69
CA PHE B 689 9.82 32.67 -46.10
C PHE B 689 10.14 32.18 -47.51
N LYS B 690 9.59 31.02 -47.88
CA LYS B 690 9.84 30.49 -49.22
C LYS B 690 8.89 31.07 -50.26
N ARG B 691 7.96 31.93 -49.88
CA ARG B 691 6.99 32.47 -50.82
C ARG B 691 6.97 33.98 -50.91
N ILE B 692 7.46 34.70 -49.90
CA ILE B 692 7.44 36.15 -49.93
C ILE B 692 8.37 36.68 -51.01
N GLN B 693 9.20 35.80 -51.57
CA GLN B 693 9.99 36.17 -52.73
C GLN B 693 9.10 36.57 -53.89
N ILE B 694 7.88 36.04 -53.95
CA ILE B 694 6.94 36.45 -54.99
C ILE B 694 6.60 37.92 -54.85
N LEU B 695 6.31 38.34 -53.61
CA LEU B 695 6.07 39.76 -53.36
C LEU B 695 7.30 40.59 -53.68
N ARG B 696 8.47 40.08 -53.29
CA ARG B 696 9.71 40.83 -53.54
C ARG B 696 9.91 41.05 -55.03
N ASP B 697 9.70 40.00 -55.83
CA ASP B 697 9.80 40.13 -57.28
C ASP B 697 8.71 41.04 -57.82
N MET B 698 7.55 41.06 -57.15
CA MET B 698 6.49 41.97 -57.55
C MET B 698 6.90 43.42 -57.39
N GLY B 699 7.62 43.75 -56.31
CA GLY B 699 8.14 45.09 -56.17
C GLY B 699 8.05 45.65 -54.76
N VAL B 700 7.40 44.90 -53.87
CA VAL B 700 7.32 45.28 -52.47
C VAL B 700 8.70 45.26 -51.85
N GLY B 701 9.03 46.30 -51.09
CA GLY B 701 10.31 46.37 -50.41
C GLY B 701 10.41 45.38 -49.25
N LEU B 702 11.32 45.63 -48.32
CA LEU B 702 11.41 44.75 -47.17
C LEU B 702 12.22 45.45 -46.08
N SER B 703 11.75 45.33 -44.83
CA SER B 703 12.43 45.93 -43.70
C SER B 703 12.48 44.94 -42.55
N VAL B 704 13.51 45.09 -41.72
CA VAL B 704 13.81 44.15 -40.65
C VAL B 704 14.05 44.94 -39.37
N ASP B 705 13.91 44.26 -38.23
CA ASP B 705 14.19 44.84 -36.92
C ASP B 705 15.41 44.25 -36.24
N ASP B 706 15.60 42.93 -36.30
CA ASP B 706 16.74 42.28 -35.67
C ASP B 706 17.31 41.25 -36.63
N PHE B 707 18.62 41.05 -36.55
CA PHE B 707 19.29 40.07 -37.39
C PHE B 707 19.14 38.68 -36.78
N GLY B 708 19.09 37.67 -37.65
CA GLY B 708 18.85 36.31 -37.23
C GLY B 708 20.04 35.65 -36.58
N THR B 709 20.07 34.32 -36.65
CA THR B 709 21.19 33.55 -36.16
C THR B 709 22.43 33.81 -37.02
N GLY B 710 23.60 33.74 -36.38
CA GLY B 710 24.85 34.10 -37.02
C GLY B 710 25.16 33.37 -38.32
N PHE B 711 25.56 34.14 -39.33
CA PHE B 711 25.97 33.68 -40.65
C PHE B 711 24.83 33.08 -41.46
N SER B 712 23.64 32.94 -40.88
CA SER B 712 22.47 32.48 -41.61
C SER B 712 21.36 33.52 -41.61
N GLY B 713 21.26 34.31 -40.56
CA GLY B 713 20.29 35.38 -40.49
C GLY B 713 20.85 36.66 -41.07
N LEU B 714 21.94 36.54 -41.82
CA LEU B 714 22.57 37.70 -42.44
C LEU B 714 21.74 38.16 -43.63
N SER B 715 20.47 38.52 -43.40
CA SER B 715 19.52 38.76 -44.47
C SER B 715 19.44 37.55 -45.40
N ARG B 716 19.52 36.36 -44.78
CA ARG B 716 19.56 35.10 -45.50
C ARG B 716 20.71 35.09 -46.51
N LEU B 717 21.88 35.55 -46.06
CA LEU B 717 23.00 35.82 -46.96
C LEU B 717 22.58 36.82 -48.04
N VAL B 718 21.96 37.91 -47.58
CA VAL B 718 21.39 39.00 -48.37
C VAL B 718 20.61 38.44 -49.56
N SER B 719 20.08 37.22 -49.41
CA SER B 719 19.34 36.60 -50.49
C SER B 719 18.01 37.33 -50.67
N LEU B 720 17.18 37.29 -49.64
CA LEU B 720 15.96 38.08 -49.62
C LEU B 720 16.36 39.54 -49.62
N PRO B 721 16.14 40.25 -50.71
CA PRO B 721 16.70 41.60 -50.83
C PRO B 721 16.04 42.56 -49.86
N VAL B 722 16.37 42.43 -48.57
CA VAL B 722 15.93 43.39 -47.57
C VAL B 722 16.49 44.74 -47.97
N THR B 723 15.73 45.80 -47.68
CA THR B 723 16.17 47.14 -48.00
C THR B 723 16.33 48.04 -46.79
N GLU B 724 15.54 47.86 -45.74
CA GLU B 724 15.59 48.75 -44.59
C GLU B 724 15.88 47.98 -43.32
N ILE B 725 16.73 48.54 -42.48
CA ILE B 725 16.88 48.11 -41.10
C ILE B 725 16.32 49.20 -40.22
N LYS B 726 15.54 48.81 -39.21
CA LYS B 726 14.87 49.76 -38.33
C LYS B 726 15.45 49.62 -36.93
N ILE B 727 16.33 50.53 -36.55
CA ILE B 727 16.82 50.57 -35.18
C ILE B 727 15.67 50.99 -34.29
N ASP B 728 15.15 50.05 -33.50
CA ASP B 728 13.92 50.27 -32.76
C ASP B 728 14.14 51.25 -31.60
N LYS B 729 13.04 51.68 -30.99
CA LYS B 729 13.09 52.71 -29.97
C LYS B 729 13.83 52.26 -28.73
N SER B 730 13.83 50.96 -28.45
CA SER B 730 14.45 50.47 -27.21
C SER B 730 15.92 50.85 -27.13
N PHE B 731 16.59 50.96 -28.29
CA PHE B 731 18.01 51.31 -28.30
C PHE B 731 18.25 52.80 -28.41
N VAL B 732 17.45 53.50 -29.22
CA VAL B 732 17.64 54.94 -29.39
C VAL B 732 17.22 55.72 -28.15
N ASP B 733 16.36 55.15 -27.31
CA ASP B 733 16.05 55.81 -26.05
C ASP B 733 17.23 55.78 -25.09
N ARG B 734 18.07 54.75 -25.16
CA ARG B 734 19.21 54.61 -24.26
C ARG B 734 20.53 54.97 -24.89
N CYS B 735 20.56 55.30 -26.18
CA CYS B 735 21.81 55.66 -26.84
C CYS B 735 22.49 56.84 -26.17
N LEU B 736 21.70 57.75 -25.60
CA LEU B 736 22.27 58.92 -24.95
C LEU B 736 23.11 58.54 -23.73
N THR B 737 22.64 57.56 -22.96
CA THR B 737 23.26 57.25 -21.68
C THR B 737 24.28 56.11 -21.74
N GLU B 738 24.47 55.46 -22.90
CA GLU B 738 25.34 54.29 -22.96
C GLU B 738 26.18 54.34 -24.24
N LYS B 739 27.47 54.63 -24.09
CA LYS B 739 28.41 54.43 -25.18
C LYS B 739 28.51 52.95 -25.55
N ARG B 740 28.17 52.06 -24.62
CA ARG B 740 28.09 50.64 -24.95
C ARG B 740 27.09 50.39 -26.06
N ILE B 741 25.90 50.98 -25.95
CA ILE B 741 24.91 50.86 -27.01
C ILE B 741 25.32 51.71 -28.22
N LEU B 742 25.99 52.84 -27.98
CA LEU B 742 26.45 53.67 -29.08
C LEU B 742 27.39 52.88 -30.00
N ALA B 743 28.20 52.00 -29.43
CA ALA B 743 29.10 51.19 -30.25
C ALA B 743 28.32 50.31 -31.22
N LEU B 744 27.30 49.61 -30.73
CA LEU B 744 26.54 48.76 -31.63
C LEU B 744 25.69 49.58 -32.59
N LEU B 745 25.30 50.80 -32.21
CA LEU B 745 24.66 51.69 -33.17
C LEU B 745 25.62 52.03 -34.31
N GLU B 746 26.88 52.30 -33.98
CA GLU B 746 27.86 52.56 -35.02
C GLU B 746 28.06 51.34 -35.90
N ALA B 747 28.10 50.16 -35.29
CA ALA B 747 28.24 48.92 -36.06
C ALA B 747 27.06 48.72 -36.99
N ILE B 748 25.85 48.98 -36.50
CA ILE B 748 24.65 48.82 -37.33
C ILE B 748 24.68 49.80 -38.49
N THR B 749 25.05 51.05 -38.22
CA THR B 749 25.11 52.03 -39.29
C THR B 749 26.13 51.63 -40.34
N SER B 750 27.30 51.16 -39.89
CA SER B 750 28.35 50.74 -40.82
C SER B 750 27.90 49.53 -41.65
N ILE B 751 27.20 48.58 -41.01
CA ILE B 751 26.71 47.43 -41.74
C ILE B 751 25.73 47.86 -42.81
N GLY B 752 24.83 48.78 -42.47
CA GLY B 752 23.90 49.30 -43.47
C GLY B 752 24.62 49.97 -44.62
N GLN B 753 25.59 50.83 -44.30
CA GLN B 753 26.33 51.54 -45.33
C GLN B 753 27.08 50.57 -46.23
N SER B 754 27.67 49.54 -45.64
CA SER B 754 28.43 48.57 -46.43
C SER B 754 27.52 47.75 -47.32
N LEU B 755 26.44 47.21 -46.74
CA LEU B 755 25.57 46.33 -47.51
C LEU B 755 24.73 47.09 -48.50
N ASN B 756 24.73 48.42 -48.42
CA ASN B 756 23.92 49.40 -49.17
C ASN B 756 22.49 49.43 -48.63
N LEU B 757 22.21 48.70 -47.54
CA LEU B 757 20.93 48.82 -46.87
C LEU B 757 20.74 50.22 -46.31
N THR B 758 19.50 50.66 -46.25
CA THR B 758 19.20 51.91 -45.59
C THR B 758 18.89 51.65 -44.13
N VAL B 759 19.16 52.64 -43.30
CA VAL B 759 18.96 52.53 -41.87
C VAL B 759 18.04 53.65 -41.42
N VAL B 760 16.94 53.27 -40.80
CA VAL B 760 16.02 54.23 -40.21
C VAL B 760 16.03 54.03 -38.70
N ALA B 761 15.78 55.11 -37.98
CA ALA B 761 15.80 55.11 -36.53
C ALA B 761 14.40 55.44 -36.02
N GLU B 762 13.97 54.74 -34.99
CA GLU B 762 12.63 54.92 -34.44
C GLU B 762 12.72 55.39 -33.00
N GLY B 763 11.84 56.33 -32.63
CA GLY B 763 11.73 56.77 -31.27
C GLY B 763 12.73 57.81 -30.81
N VAL B 764 13.13 58.72 -31.68
CA VAL B 764 14.02 59.82 -31.31
C VAL B 764 13.16 60.97 -30.83
N GLU B 765 13.65 61.71 -29.83
CA GLU B 765 12.90 62.86 -29.34
C GLU B 765 13.73 64.13 -29.23
N THR B 766 15.01 64.04 -28.85
CA THR B 766 15.77 65.21 -28.44
C THR B 766 16.85 65.55 -29.46
N LYS B 767 17.26 66.82 -29.44
CA LYS B 767 18.25 67.30 -30.40
C LYS B 767 19.60 66.66 -30.16
N GLU B 768 19.95 66.37 -28.91
CA GLU B 768 21.20 65.63 -28.67
C GLU B 768 21.15 64.25 -29.30
N GLN B 769 20.00 63.56 -29.18
CA GLN B 769 19.86 62.26 -29.81
C GLN B 769 19.96 62.37 -31.32
N PHE B 770 19.33 63.40 -31.90
CA PHE B 770 19.41 63.57 -33.34
C PHE B 770 20.85 63.83 -33.80
N GLU B 771 21.58 64.66 -33.06
CA GLU B 771 22.97 64.95 -33.43
C GLU B 771 23.83 63.70 -33.31
N MET B 772 23.61 62.90 -32.27
CA MET B 772 24.35 61.66 -32.14
C MET B 772 24.07 60.73 -33.32
N LEU B 773 22.78 60.60 -33.68
CA LEU B 773 22.45 59.76 -34.82
C LEU B 773 23.06 60.29 -36.11
N ARG B 774 23.08 61.62 -36.27
CA ARG B 774 23.66 62.21 -37.46
C ARG B 774 25.16 61.91 -37.55
N LYS B 775 25.87 62.02 -36.43
CA LYS B 775 27.31 61.77 -36.46
C LYS B 775 27.60 60.29 -36.67
N ILE B 776 26.73 59.41 -36.16
CA ILE B 776 26.86 57.99 -36.46
C ILE B 776 26.42 57.66 -37.88
N HIS B 777 25.81 58.64 -38.57
CA HIS B 777 25.35 58.48 -39.95
C HIS B 777 24.16 57.52 -40.06
N CYS B 778 23.12 57.82 -39.30
CA CYS B 778 21.80 57.21 -39.51
C CYS B 778 21.14 57.89 -40.70
N ARG B 779 20.73 57.10 -41.69
CA ARG B 779 20.28 57.67 -42.95
C ARG B 779 18.90 58.32 -42.86
N VAL B 780 17.94 57.68 -42.19
CA VAL B 780 16.58 58.20 -42.09
C VAL B 780 16.14 58.12 -40.64
N ILE B 781 15.41 59.13 -40.19
CA ILE B 781 15.00 59.25 -38.80
C ILE B 781 13.50 59.49 -38.73
N GLN B 782 12.84 58.86 -37.75
CA GLN B 782 11.43 59.09 -37.50
C GLN B 782 11.25 59.27 -36.00
N GLY B 783 10.11 59.82 -35.62
CA GLY B 783 9.80 59.96 -34.22
C GLY B 783 9.17 61.30 -33.88
N TYR B 784 9.14 61.57 -32.58
CA TYR B 784 8.47 62.76 -32.09
C TYR B 784 9.26 64.02 -32.38
N PHE B 785 10.56 63.90 -32.61
CA PHE B 785 11.37 65.10 -32.85
C PHE B 785 10.92 65.82 -34.09
N PHE B 786 10.66 65.08 -35.16
CA PHE B 786 10.23 65.71 -36.41
C PHE B 786 8.73 65.98 -36.41
N SER B 787 7.93 64.92 -36.36
CA SER B 787 6.48 65.07 -36.38
C SER B 787 5.84 63.80 -35.85
N ARG B 788 4.91 63.97 -34.92
CA ARG B 788 4.18 62.86 -34.31
C ARG B 788 3.33 62.20 -35.38
N PRO B 789 2.86 60.97 -35.17
CA PRO B 789 1.97 60.36 -36.16
C PRO B 789 0.71 61.20 -36.32
N LEU B 790 0.32 61.45 -37.56
CA LEU B 790 -0.74 62.39 -37.86
C LEU B 790 -1.74 61.75 -38.81
N PRO B 791 -2.99 62.24 -38.81
CA PRO B 791 -4.03 61.59 -39.62
C PRO B 791 -3.87 61.88 -41.11
N ALA B 792 -4.59 61.09 -41.90
CA ALA B 792 -4.53 61.23 -43.35
C ALA B 792 -5.09 62.58 -43.78
N GLU B 793 -5.96 63.17 -42.97
CA GLU B 793 -6.52 64.47 -43.32
C GLU B 793 -5.53 65.60 -43.11
N GLU B 794 -4.47 65.38 -42.35
CA GLU B 794 -3.49 66.42 -42.08
C GLU B 794 -2.12 66.11 -42.64
N ILE B 795 -1.86 64.90 -43.11
CA ILE B 795 -0.59 64.60 -43.76
C ILE B 795 -0.39 65.41 -45.04
N PRO B 796 -1.40 65.62 -45.92
CA PRO B 796 -1.08 66.33 -47.17
C PRO B 796 -0.71 67.77 -46.93
N GLY B 797 -1.44 68.47 -46.06
CA GLY B 797 -1.09 69.84 -45.77
C GLY B 797 0.29 69.97 -45.18
N TRP B 798 0.62 69.11 -44.22
CA TRP B 798 1.93 69.17 -43.58
C TRP B 798 3.04 68.88 -44.57
N MET B 799 2.85 67.88 -45.43
CA MET B 799 3.89 67.51 -46.38
C MET B 799 4.04 68.56 -47.48
N SER B 800 2.96 69.27 -47.81
CA SER B 800 3.07 70.36 -48.79
C SER B 800 3.67 71.61 -48.19
N SER B 801 3.43 71.87 -46.91
CA SER B 801 3.84 73.13 -46.29
C SER B 801 5.25 73.07 -45.71
N VAL B 802 5.59 72.02 -44.97
CA VAL B 802 6.82 71.98 -44.20
C VAL B 802 7.86 71.16 -44.94
N LEU B 803 8.96 71.81 -45.31
CA LEU B 803 10.14 71.17 -45.90
C LEU B 803 11.31 72.16 -45.90
N PRO B 804 12.47 71.78 -45.36
CA PRO B 804 12.79 70.60 -44.58
C PRO B 804 12.76 70.90 -43.08
N LEU B 805 12.93 69.89 -42.23
CA LEU B 805 12.96 70.10 -40.79
C LEU B 805 14.35 69.98 -40.20
N LYS B 806 15.39 69.95 -41.04
CA LYS B 806 16.76 69.82 -40.57
C LYS B 806 17.13 70.98 -39.64
CHA HEM C . -18.90 -60.49 60.55
CHB HEM C . -21.45 -61.21 56.52
CHC HEM C . -25.48 -60.19 58.97
CHD HEM C . -23.03 -61.00 63.03
C1A HEM C . -19.22 -60.67 59.22
C2A HEM C . -18.29 -60.70 58.12
C3A HEM C . -19.00 -60.90 57.00
C4A HEM C . -20.39 -61.01 57.37
CMA HEM C . -18.45 -61.01 55.56
CAA HEM C . -16.76 -60.53 58.24
CBA HEM C . -16.25 -59.24 57.59
CGA HEM C . -16.91 -58.03 58.19
O1A HEM C . -16.98 -56.99 57.49
O2A HEM C . -17.39 -58.11 59.35
C1B HEM C . -22.76 -60.91 56.80
C2B HEM C . -23.83 -60.75 55.84
C3B HEM C . -24.96 -60.48 56.53
C4B HEM C . -24.62 -60.44 57.93
CMB HEM C . -23.64 -60.90 54.32
CAB HEM C . -26.39 -60.20 56.02
CBB HEM C . -26.72 -59.96 54.75
C1C HEM C . -25.18 -60.30 60.31
C2C HEM C . -26.06 -60.02 61.40
C3C HEM C . -25.40 -60.24 62.54
C4C HEM C . -24.06 -60.67 62.19
CMC HEM C . -27.52 -59.56 61.28
CAC HEM C . -26.02 -60.06 63.94
CBC HEM C . -25.30 -60.14 65.06
C1D HEM C . -21.69 -60.91 62.73
C2D HEM C . -20.59 -60.99 63.66
C3D HEM C . -19.44 -60.84 62.98
C4D HEM C . -19.79 -60.66 61.58
CMD HEM C . -20.71 -61.21 65.18
CAD HEM C . -18.03 -60.88 63.59
CBD HEM C . -17.32 -59.55 63.40
CGD HEM C . -15.94 -59.62 64.02
O1D HEM C . -15.20 -58.60 63.96
O2D HEM C . -15.59 -60.69 64.56
NA HEM C . -20.49 -60.86 58.74
NB HEM C . -23.27 -60.72 58.06
NC HEM C . -23.96 -60.68 60.81
ND HEM C . -21.16 -60.71 61.46
FE HEM C . -22.22 -60.79 59.80
CHA HEM D . -34.53 -31.49 66.10
CHB HEM D . -30.82 -28.50 65.48
CHC HEM D . -28.89 -30.11 69.60
CHD HEM D . -32.86 -32.68 70.48
C1A HEM D . -33.77 -30.48 65.61
C2A HEM D . -34.13 -29.51 64.59
C3A HEM D . -33.10 -28.69 64.42
C4A HEM D . -32.05 -29.09 65.34
CMA HEM D . -33.01 -27.50 63.44
CAA HEM D . -35.48 -29.48 63.84
CBA HEM D . -35.29 -29.95 62.40
CGA HEM D . -36.55 -29.70 61.61
O1A HEM D . -36.59 -30.07 60.41
O2A HEM D . -37.51 -29.11 62.18
C1B HEM D . -29.90 -28.90 66.43
C2B HEM D . -28.46 -28.96 66.24
C3B HEM D . -27.93 -29.40 67.39
C4B HEM D . -29.02 -29.64 68.32
CMB HEM D . -27.75 -28.55 64.93
CAB HEM D . -26.44 -29.67 67.76
CBB HEM D . -25.40 -29.54 66.92
C1C HEM D . -29.75 -30.99 70.18
C2C HEM D . -29.48 -31.83 71.32
C3C HEM D . -30.56 -32.55 71.57
C4C HEM D . -31.58 -32.19 70.60
CMC HEM D . -28.15 -31.88 72.08
CAC HEM D . -30.65 -33.58 72.72
CBC HEM D . -31.72 -34.37 72.92
C1D HEM D . -33.72 -32.39 69.44
C2D HEM D . -35.17 -32.36 69.50
C3D HEM D . -35.63 -32.04 68.30
C4D HEM D . -34.50 -31.85 67.42
CMD HEM D . -36.02 -32.66 70.76
CAD HEM D . -37.12 -31.90 67.92
CBD HEM D . -37.52 -33.03 66.97
CGD HEM D . -38.97 -32.87 66.58
O1D HEM D . -39.60 -31.88 67.02
O2D HEM D . -39.49 -33.74 65.84
NA HEM D . -32.49 -30.19 66.05
NB HEM D . -30.21 -29.33 67.70
NC HEM D . -31.05 -31.22 69.76
ND HEM D . -33.34 -32.05 68.16
FE HEM D . -31.79 -30.66 67.93
#